data_4MY0
#
_entry.id   4MY0
#
_cell.length_a   92.138
_cell.length_b   166.518
_cell.length_c   183.613
_cell.angle_alpha   90.00
_cell.angle_beta   90.00
_cell.angle_gamma   90.00
#
_symmetry.space_group_name_H-M   'P 21 21 21'
#
loop_
_entity.id
_entity.type
_entity.pdbx_description
1 polymer 'GCN5-related N-acetyltransferase'
2 non-polymer 'ACETYL COENZYME *A'
3 non-polymer 2-AMINO-2-HYDROXYMETHYL-PROPANE-1,3-DIOL
4 non-polymer GLYCEROL
5 non-polymer '[(2R,3R,4R,5R)-5-(6-amino-9H-purin-9-yl)-3,4-bis(phosphonooxy)tetrahydrofuran-2-yl]methyl (3R)-3-hydroxy-2,2-dimethyl-4-oxo-4-({3-oxo-3-[(2-sulfanylethyl)amino]propyl}amino)butyl dihydrogen diphosphate'
6 water water
#
_entity_poly.entity_id   1
_entity_poly.type   'polypeptide(L)'
_entity_poly.pdbx_seq_one_letter_code
;SNAVTDDLRLVDITETQLDDVLRVRARSFGLLAAGAREDWVRDAVEFVHDGRFLGVVSGDEVVAAARIWDFQQWWGGRRV
P(MSE)AGIAGVVVAPEYRGRGVGSLL(MSE)RGVLERSRDKG(MSE)PISALYPATTVIYRHLGYEFGGHRYRFSFQAA
DLRSLGGREVAVRRAGAKDAARFLELVGTAHEASRASGLLVWPESKIAEWLEDEENFAYLAEDGFVVYNWSDGDLQVDEL
VAHSEATARALWATVGSGASIARTVHAYLSPNDPVHLLVEHEADKQAHVQRW(MSE)LRLLDAPAAIAARGFAPGAAAEV
DLLIDDPGVPAQSGRWHLSVADGTGELTPSDRSGDVLQLGSRGLAALYAGTPLAALRTAGLVTGGPVASDRLLDTAFGGA
APY(MSE)LDYF
;
_entity_poly.pdbx_strand_id   A,B,C,D,E,F
#
loop_
_chem_comp.id
_chem_comp.type
_chem_comp.name
_chem_comp.formula
AC8 non-polymer '[(2R,3R,4R,5R)-5-(6-amino-9H-purin-9-yl)-3,4-bis(phosphonooxy)tetrahydrofuran-2-yl]methyl (3R)-3-hydroxy-2,2-dimethyl-4-oxo-4-({3-oxo-3-[(2-sulfanylethyl)amino]propyl}amino)butyl dihydrogen diphosphate' 'C21 H37 N7 O19 P4 S'
ACO non-polymer 'ACETYL COENZYME *A' 'C23 H38 N7 O17 P3 S'
GOL non-polymer GLYCEROL 'C3 H8 O3'
TRS non-polymer 2-AMINO-2-HYDROXYMETHYL-PROPANE-1,3-DIOL 'C4 H12 N O3 1'
#
# COMPACT_ATOMS: atom_id res chain seq x y z
N ASP A 7 18.59 -12.22 -45.41
CA ASP A 7 19.38 -11.19 -44.75
C ASP A 7 19.63 -11.56 -43.29
N LEU A 8 18.91 -12.57 -42.81
CA LEU A 8 19.03 -12.99 -41.41
C LEU A 8 19.94 -14.21 -41.26
N ARG A 9 20.93 -14.12 -40.38
CA ARG A 9 21.91 -15.17 -40.22
C ARG A 9 22.16 -15.49 -38.74
N LEU A 10 22.20 -16.77 -38.43
CA LEU A 10 22.65 -17.21 -37.11
C LEU A 10 24.18 -17.04 -37.10
N VAL A 11 24.74 -16.56 -35.99
CA VAL A 11 26.19 -16.39 -35.89
C VAL A 11 26.62 -16.73 -34.47
N ASP A 12 27.93 -16.92 -34.27
CA ASP A 12 28.50 -16.94 -32.93
C ASP A 12 28.87 -15.50 -32.56
N ILE A 13 28.30 -14.99 -31.48
CA ILE A 13 28.59 -13.64 -31.01
C ILE A 13 30.08 -13.47 -30.66
N THR A 14 30.71 -12.41 -31.16
CA THR A 14 32.09 -12.07 -30.82
C THR A 14 32.14 -10.92 -29.81
N GLU A 15 33.33 -10.68 -29.25
CA GLU A 15 33.52 -9.61 -28.28
C GLU A 15 33.14 -8.22 -28.80
N THR A 16 33.50 -7.95 -30.06
CA THR A 16 33.21 -6.66 -30.67
C THR A 16 31.69 -6.46 -30.89
N GLN A 17 30.92 -7.54 -30.80
CA GLN A 17 29.47 -7.46 -30.98
C GLN A 17 28.74 -7.28 -29.65
N LEU A 18 29.48 -7.35 -28.55
CA LEU A 18 28.88 -7.29 -27.21
C LEU A 18 28.17 -5.96 -26.95
N ASP A 19 28.71 -4.88 -27.52
CA ASP A 19 28.09 -3.57 -27.36
C ASP A 19 26.73 -3.52 -28.05
N ASP A 20 26.58 -4.24 -29.17
CA ASP A 20 25.27 -4.32 -29.84
C ASP A 20 24.30 -5.25 -29.11
N VAL A 21 24.83 -6.28 -28.47
CA VAL A 21 23.97 -7.18 -27.71
C VAL A 21 23.38 -6.41 -26.53
N LEU A 22 24.19 -5.55 -25.93
CA LEU A 22 23.74 -4.73 -24.80
C LEU A 22 22.66 -3.73 -25.21
N ARG A 23 22.74 -3.19 -26.43
CA ARG A 23 21.66 -2.33 -26.92
C ARG A 23 20.35 -3.12 -27.07
N VAL A 24 20.43 -4.31 -27.65
CA VAL A 24 19.24 -5.15 -27.77
C VAL A 24 18.72 -5.52 -26.37
N ARG A 25 19.63 -5.86 -25.47
CA ARG A 25 19.25 -6.21 -24.11
C ARG A 25 18.53 -5.04 -23.41
N ALA A 26 19.12 -3.85 -23.52
CA ALA A 26 18.52 -2.63 -22.96
C ALA A 26 17.06 -2.44 -23.38
N ARG A 27 16.76 -2.76 -24.63
CA ARG A 27 15.40 -2.56 -25.17
C ARG A 27 14.53 -3.78 -24.92
N SER A 28 15.08 -4.78 -24.23
CA SER A 28 14.36 -6.01 -23.90
C SER A 28 14.07 -6.17 -22.41
N PHE A 29 15.09 -6.05 -21.58
CA PHE A 29 14.93 -6.25 -20.13
C PHE A 29 14.97 -4.95 -19.35
N GLY A 30 15.60 -3.92 -19.90
CA GLY A 30 15.74 -2.67 -19.18
C GLY A 30 17.20 -2.25 -19.10
N LEU A 31 17.46 -1.06 -18.56
CA LEU A 31 18.80 -0.49 -18.58
C LEU A 31 19.73 -1.09 -17.53
N LEU A 32 21.02 -1.16 -17.84
CA LEU A 32 22.00 -1.58 -16.83
C LEU A 32 22.72 -0.38 -16.26
N ALA A 33 22.90 -0.38 -14.94
CA ALA A 33 23.71 0.65 -14.27
C ALA A 33 25.11 0.64 -14.87
N ALA A 34 25.80 1.77 -14.80
CA ALA A 34 27.14 1.90 -15.39
C ALA A 34 28.12 0.86 -14.82
N GLY A 35 27.82 0.34 -13.63
CA GLY A 35 28.66 -0.65 -12.99
C GLY A 35 28.39 -2.08 -13.42
N ALA A 36 27.11 -2.42 -13.56
CA ALA A 36 26.69 -3.74 -13.98
C ALA A 36 27.06 -3.97 -15.45
N ARG A 37 27.10 -2.87 -16.19
CA ARG A 37 27.55 -2.83 -17.58
C ARG A 37 28.91 -3.51 -17.74
N GLU A 38 29.91 -2.97 -17.03
CA GLU A 38 31.27 -3.51 -17.06
C GLU A 38 31.33 -4.96 -16.57
N ASP A 39 30.52 -5.29 -15.57
CA ASP A 39 30.46 -6.66 -15.04
C ASP A 39 29.83 -7.63 -16.03
N TRP A 40 28.80 -7.15 -16.74
CA TRP A 40 28.10 -7.96 -17.73
C TRP A 40 29.07 -8.41 -18.83
N VAL A 41 29.87 -7.47 -19.32
CA VAL A 41 30.87 -7.75 -20.34
C VAL A 41 31.87 -8.80 -19.87
N ARG A 42 32.30 -8.72 -18.62
CA ARG A 42 33.26 -9.68 -18.07
C ARG A 42 32.72 -11.10 -18.13
N ASP A 43 31.50 -11.30 -17.65
CA ASP A 43 30.86 -12.62 -17.68
C ASP A 43 30.57 -13.08 -19.10
N ALA A 44 30.30 -12.12 -20.00
CA ALA A 44 29.93 -12.45 -21.36
C ALA A 44 31.09 -13.08 -22.14
N VAL A 45 32.30 -12.60 -21.88
CA VAL A 45 33.51 -13.06 -22.59
C VAL A 45 33.75 -14.58 -22.50
N GLU A 46 33.51 -15.15 -21.33
CA GLU A 46 33.64 -16.60 -21.14
C GLU A 46 32.70 -17.37 -22.06
N PHE A 47 31.49 -16.86 -22.21
CA PHE A 47 30.52 -17.47 -23.13
C PHE A 47 31.01 -17.41 -24.58
N VAL A 48 31.46 -16.24 -25.01
CA VAL A 48 31.98 -16.05 -26.37
C VAL A 48 33.06 -17.08 -26.73
N HIS A 49 34.04 -17.25 -25.85
CA HIS A 49 35.19 -18.10 -26.15
C HIS A 49 34.88 -19.60 -26.12
N ASP A 50 33.85 -19.99 -25.40
CA ASP A 50 33.49 -21.40 -25.33
C ASP A 50 32.38 -21.72 -26.33
N GLY A 51 32.09 -20.79 -27.24
CA GLY A 51 31.10 -21.02 -28.27
C GLY A 51 29.70 -21.18 -27.70
N ARG A 52 29.42 -20.46 -26.61
CA ARG A 52 28.12 -20.56 -25.94
C ARG A 52 27.35 -19.23 -25.95
N PHE A 53 27.58 -18.43 -26.98
CA PHE A 53 26.88 -17.16 -27.12
C PHE A 53 26.43 -17.00 -28.56
N LEU A 54 25.15 -17.25 -28.82
CA LEU A 54 24.62 -17.20 -30.17
C LEU A 54 23.88 -15.90 -30.46
N GLY A 55 23.90 -15.48 -31.71
CA GLY A 55 23.12 -14.31 -32.09
C GLY A 55 22.53 -14.42 -33.48
N VAL A 56 21.71 -13.45 -33.85
CA VAL A 56 21.22 -13.35 -35.22
C VAL A 56 21.56 -11.96 -35.76
N VAL A 57 22.12 -11.89 -36.96
CA VAL A 57 22.44 -10.60 -37.55
C VAL A 57 21.53 -10.26 -38.74
N SER A 58 21.23 -8.98 -38.91
CA SER A 58 20.60 -8.49 -40.13
C SER A 58 21.56 -7.52 -40.79
N GLY A 59 22.26 -7.98 -41.82
CA GLY A 59 23.37 -7.22 -42.37
C GLY A 59 24.54 -7.39 -41.44
N ASP A 60 25.08 -6.28 -40.94
CA ASP A 60 26.15 -6.30 -39.93
C ASP A 60 25.63 -5.98 -38.53
N GLU A 61 24.31 -6.00 -38.37
CA GLU A 61 23.71 -5.57 -37.12
C GLU A 61 23.24 -6.76 -36.29
N VAL A 62 23.69 -6.82 -35.04
CA VAL A 62 23.19 -7.82 -34.10
C VAL A 62 21.73 -7.48 -33.77
N VAL A 63 20.87 -8.48 -33.88
CA VAL A 63 19.43 -8.26 -33.87
C VAL A 63 18.75 -9.13 -32.80
N ALA A 64 19.48 -10.15 -32.36
CA ALA A 64 18.94 -11.09 -31.38
C ALA A 64 20.12 -11.81 -30.76
N ALA A 65 19.98 -12.27 -29.53
CA ALA A 65 21.05 -13.03 -28.92
C ALA A 65 20.57 -13.87 -27.76
N ALA A 66 21.36 -14.88 -27.41
CA ALA A 66 21.06 -15.75 -26.30
C ALA A 66 22.36 -16.43 -25.92
N ARG A 67 22.49 -16.79 -24.65
CA ARG A 67 23.67 -17.52 -24.21
C ARG A 67 23.30 -18.85 -23.54
N ILE A 68 24.29 -19.74 -23.44
CA ILE A 68 24.07 -21.07 -22.92
C ILE A 68 24.99 -21.32 -21.72
N TRP A 69 24.42 -21.57 -20.55
CA TRP A 69 25.22 -21.97 -19.39
C TRP A 69 25.63 -23.44 -19.52
N ASP A 70 26.89 -23.75 -19.21
CA ASP A 70 27.33 -25.13 -19.15
C ASP A 70 27.06 -25.70 -17.76
N PHE A 71 25.79 -25.92 -17.42
CA PHE A 71 25.45 -26.44 -16.10
C PHE A 71 25.56 -27.97 -16.04
N GLN A 72 25.36 -28.52 -14.85
CA GLN A 72 24.83 -29.87 -14.76
C GLN A 72 23.57 -29.73 -13.93
N GLN A 73 22.68 -30.70 -14.02
CA GLN A 73 21.48 -30.65 -13.21
C GLN A 73 21.27 -31.99 -12.54
N TRP A 74 20.89 -31.97 -11.26
CA TRP A 74 20.65 -33.20 -10.52
C TRP A 74 19.33 -33.81 -10.98
N TRP A 75 19.33 -35.12 -11.22
CA TRP A 75 18.10 -35.84 -11.51
C TRP A 75 18.16 -37.20 -10.85
N GLY A 76 17.24 -37.44 -9.91
CA GLY A 76 17.25 -38.66 -9.12
C GLY A 76 18.59 -38.95 -8.47
N GLY A 77 19.27 -37.90 -8.03
CA GLY A 77 20.53 -38.08 -7.33
C GLY A 77 21.76 -38.27 -8.20
N ARG A 78 21.63 -38.06 -9.52
CA ARG A 78 22.80 -38.10 -10.41
C ARG A 78 22.93 -36.79 -11.17
N ARG A 79 24.16 -36.43 -11.55
CA ARG A 79 24.39 -35.19 -12.30
C ARG A 79 24.28 -35.40 -13.82
N VAL A 80 23.43 -34.61 -14.45
CA VAL A 80 23.21 -34.69 -15.89
C VAL A 80 23.65 -33.37 -16.52
N PRO A 81 24.55 -33.42 -17.52
CA PRO A 81 24.91 -32.16 -18.17
C PRO A 81 23.68 -31.46 -18.76
N MSE A 82 23.65 -30.14 -18.68
CA MSE A 82 22.43 -29.42 -19.00
C MSE A 82 22.75 -28.04 -19.60
O MSE A 82 23.61 -27.32 -19.11
CB MSE A 82 21.55 -29.28 -17.75
CG MSE A 82 20.19 -28.64 -18.00
SE MSE A 82 20.28 -26.73 -17.71
CE MSE A 82 19.83 -26.67 -15.83
N ALA A 83 22.06 -27.71 -20.68
CA ALA A 83 22.26 -26.43 -21.35
C ALA A 83 21.26 -25.43 -20.76
N GLY A 84 21.75 -24.52 -19.91
CA GLY A 84 20.89 -23.53 -19.29
C GLY A 84 20.79 -22.28 -20.14
N ILE A 85 19.62 -22.03 -20.72
CA ILE A 85 19.47 -20.91 -21.64
C ILE A 85 19.14 -19.61 -20.93
N ALA A 86 19.86 -18.55 -21.27
CA ALA A 86 19.75 -17.26 -20.58
C ALA A 86 19.80 -16.09 -21.55
N GLY A 87 19.20 -14.98 -21.13
CA GLY A 87 19.37 -13.71 -21.81
C GLY A 87 18.84 -13.69 -23.23
N VAL A 88 17.70 -14.32 -23.44
CA VAL A 88 17.14 -14.42 -24.79
C VAL A 88 16.48 -13.09 -25.13
N VAL A 89 17.04 -12.38 -26.10
CA VAL A 89 16.54 -11.04 -26.43
C VAL A 89 16.46 -10.87 -27.94
N VAL A 90 15.42 -10.17 -28.40
CA VAL A 90 15.26 -9.82 -29.81
C VAL A 90 14.94 -8.32 -29.91
N ALA A 91 15.59 -7.62 -30.84
CA ALA A 91 15.33 -6.19 -31.07
C ALA A 91 13.84 -5.94 -31.37
N PRO A 92 13.25 -4.89 -30.75
CA PRO A 92 11.80 -4.65 -30.86
C PRO A 92 11.27 -4.68 -32.30
N GLU A 93 11.94 -4.00 -33.23
CA GLU A 93 11.46 -3.95 -34.61
C GLU A 93 11.64 -5.29 -35.32
N TYR A 94 12.34 -6.25 -34.70
CA TYR A 94 12.52 -7.57 -35.31
C TYR A 94 11.73 -8.69 -34.63
N ARG A 95 10.88 -8.32 -33.67
CA ARG A 95 10.10 -9.32 -32.93
C ARG A 95 8.90 -9.76 -33.76
N GLY A 96 8.31 -10.90 -33.44
CA GLY A 96 7.07 -11.29 -34.10
C GLY A 96 7.25 -11.69 -35.55
N ARG A 97 8.49 -12.00 -35.94
CA ARG A 97 8.77 -12.36 -37.32
C ARG A 97 9.59 -13.66 -37.41
N GLY A 98 9.63 -14.43 -36.33
CA GLY A 98 10.34 -15.70 -36.33
C GLY A 98 11.83 -15.64 -36.00
N VAL A 99 12.32 -14.45 -35.68
CA VAL A 99 13.74 -14.29 -35.38
C VAL A 99 14.12 -15.02 -34.09
N GLY A 100 13.27 -14.89 -33.07
CA GLY A 100 13.51 -15.54 -31.80
C GLY A 100 13.58 -17.05 -31.96
N SER A 101 12.70 -17.59 -32.81
CA SER A 101 12.64 -19.04 -33.05
C SER A 101 13.88 -19.54 -33.81
N LEU A 102 14.31 -18.77 -34.80
CA LEU A 102 15.54 -19.08 -35.54
C LEU A 102 16.73 -19.10 -34.59
N LEU A 103 16.76 -18.14 -33.67
CA LEU A 103 17.82 -18.06 -32.68
C LEU A 103 17.79 -19.34 -31.85
N MSE A 104 16.62 -19.66 -31.33
CA MSE A 104 16.51 -20.75 -30.39
C MSE A 104 16.83 -22.11 -31.03
O MSE A 104 17.47 -22.94 -30.39
CB MSE A 104 15.13 -20.75 -29.73
CG MSE A 104 14.99 -19.67 -28.66
SE MSE A 104 16.26 -19.96 -27.17
CE MSE A 104 15.78 -21.86 -26.92
N ARG A 105 16.43 -22.31 -32.28
CA ARG A 105 16.78 -23.54 -32.96
C ARG A 105 18.28 -23.66 -33.10
N GLY A 106 18.96 -22.51 -33.25
CA GLY A 106 20.41 -22.50 -33.31
C GLY A 106 20.99 -22.82 -31.94
N VAL A 107 20.31 -22.34 -30.90
CA VAL A 107 20.72 -22.64 -29.53
C VAL A 107 20.61 -24.14 -29.21
N LEU A 108 19.46 -24.75 -29.53
CA LEU A 108 19.25 -26.18 -29.30
C LEU A 108 20.27 -26.99 -30.06
N GLU A 109 20.54 -26.55 -31.29
CA GLU A 109 21.51 -27.20 -32.15
C GLU A 109 22.92 -27.15 -31.53
N ARG A 110 23.31 -25.97 -31.05
CA ARG A 110 24.62 -25.78 -30.42
C ARG A 110 24.69 -26.64 -29.15
N SER A 111 23.60 -26.62 -28.40
CA SER A 111 23.51 -27.39 -27.15
C SER A 111 23.72 -28.88 -27.42
N ARG A 112 23.08 -29.40 -28.46
CA ARG A 112 23.24 -30.80 -28.85
C ARG A 112 24.69 -31.12 -29.20
N ASP A 113 25.32 -30.23 -29.96
CA ASP A 113 26.69 -30.46 -30.44
C ASP A 113 27.69 -30.55 -29.30
N LYS A 114 27.36 -29.93 -28.18
CA LYS A 114 28.24 -29.92 -27.02
C LYS A 114 27.89 -31.07 -26.07
N GLY A 115 27.06 -31.99 -26.55
CA GLY A 115 26.76 -33.20 -25.81
C GLY A 115 25.84 -33.02 -24.61
N MSE A 116 25.16 -31.89 -24.51
CA MSE A 116 24.23 -31.72 -23.41
C MSE A 116 22.89 -32.37 -23.76
O MSE A 116 22.24 -31.98 -24.73
CB MSE A 116 24.11 -30.25 -23.02
CG MSE A 116 25.49 -29.61 -22.75
SE MSE A 116 25.51 -27.68 -22.91
CE MSE A 116 27.42 -27.34 -22.69
N PRO A 117 22.49 -33.42 -23.01
CA PRO A 117 21.27 -34.19 -23.30
C PRO A 117 19.97 -33.54 -22.86
N ILE A 118 20.04 -32.50 -22.02
CA ILE A 118 18.85 -31.76 -21.60
C ILE A 118 19.13 -30.26 -21.55
N SER A 119 18.06 -29.48 -21.55
CA SER A 119 18.15 -28.03 -21.50
C SER A 119 17.04 -27.47 -20.63
N ALA A 120 17.33 -26.41 -19.89
CA ALA A 120 16.34 -25.79 -19.01
C ALA A 120 16.40 -24.27 -19.12
N LEU A 121 15.31 -23.59 -18.74
CA LEU A 121 15.31 -22.12 -18.72
C LEU A 121 14.09 -21.59 -17.98
N TYR A 122 14.13 -20.32 -17.58
CA TYR A 122 12.99 -19.65 -16.96
C TYR A 122 12.39 -18.72 -18.01
N PRO A 123 11.17 -19.03 -18.46
CA PRO A 123 10.65 -18.30 -19.62
C PRO A 123 9.88 -17.04 -19.21
N ALA A 124 10.06 -15.94 -19.94
CA ALA A 124 9.23 -14.75 -19.71
C ALA A 124 7.88 -14.92 -20.39
N THR A 125 7.86 -15.64 -21.52
CA THR A 125 6.62 -15.99 -22.20
C THR A 125 6.74 -17.47 -22.55
N THR A 126 5.66 -18.21 -22.35
CA THR A 126 5.69 -19.67 -22.57
C THR A 126 5.58 -20.04 -24.03
N VAL A 127 4.97 -19.18 -24.83
CA VAL A 127 4.55 -19.60 -26.18
C VAL A 127 5.72 -20.06 -27.05
N ILE A 128 6.73 -19.21 -27.21
CA ILE A 128 7.83 -19.54 -28.09
C ILE A 128 8.53 -20.83 -27.63
N TYR A 129 8.68 -21.02 -26.32
CA TYR A 129 9.41 -22.19 -25.84
C TYR A 129 8.59 -23.49 -25.97
N ARG A 130 7.28 -23.41 -25.71
CA ARG A 130 6.40 -24.54 -25.97
C ARG A 130 6.45 -24.99 -27.43
N HIS A 131 6.38 -24.04 -28.36
CA HIS A 131 6.52 -24.35 -29.79
C HIS A 131 7.86 -25.06 -30.05
N LEU A 132 8.87 -24.72 -29.26
CA LEU A 132 10.21 -25.33 -29.41
C LEU A 132 10.37 -26.64 -28.66
N GLY A 133 9.37 -27.01 -27.86
CA GLY A 133 9.37 -28.32 -27.23
C GLY A 133 9.60 -28.33 -25.72
N TYR A 134 9.81 -27.17 -25.13
CA TYR A 134 10.01 -27.06 -23.68
C TYR A 134 8.70 -27.19 -22.94
N GLU A 135 8.74 -27.73 -21.72
CA GLU A 135 7.57 -27.70 -20.85
C GLU A 135 8.01 -27.49 -19.39
N PHE A 136 7.13 -26.94 -18.55
CA PHE A 136 7.44 -26.75 -17.13
C PHE A 136 7.85 -28.07 -16.50
N GLY A 137 8.96 -28.04 -15.75
CA GLY A 137 9.57 -29.24 -15.21
C GLY A 137 9.76 -29.17 -13.71
N GLY A 138 9.73 -27.97 -13.15
CA GLY A 138 9.95 -27.84 -11.71
C GLY A 138 9.78 -26.43 -11.19
N HIS A 139 10.08 -26.24 -9.90
CA HIS A 139 9.74 -25.01 -9.23
C HIS A 139 10.93 -24.37 -8.55
N ARG A 140 10.80 -23.07 -8.26
CA ARG A 140 11.69 -22.39 -7.32
C ARG A 140 10.82 -21.69 -6.26
N TYR A 141 11.02 -22.07 -5.00
CA TYR A 141 10.19 -21.61 -3.89
C TYR A 141 10.97 -20.67 -3.00
N ARG A 142 10.36 -19.53 -2.64
CA ARG A 142 10.90 -18.68 -1.61
C ARG A 142 9.93 -18.63 -0.43
N PHE A 143 10.41 -18.99 0.75
CA PHE A 143 9.58 -18.94 1.95
C PHE A 143 10.11 -17.88 2.90
N SER A 144 9.23 -17.32 3.73
CA SER A 144 9.62 -16.23 4.61
C SER A 144 9.40 -16.63 6.06
N PHE A 145 10.46 -16.55 6.86
CA PHE A 145 10.38 -16.91 8.27
C PHE A 145 10.66 -15.71 9.17
N GLN A 146 10.31 -15.86 10.44
CA GLN A 146 10.63 -14.85 11.45
C GLN A 146 12.05 -15.07 11.95
N ALA A 147 12.89 -14.06 11.81
CA ALA A 147 14.28 -14.17 12.24
C ALA A 147 14.41 -14.60 13.71
N ALA A 148 13.56 -14.06 14.58
CA ALA A 148 13.65 -14.39 16.01
C ALA A 148 13.40 -15.88 16.26
N ASP A 149 12.53 -16.47 15.45
CA ASP A 149 12.21 -17.90 15.56
C ASP A 149 13.40 -18.77 15.09
N LEU A 150 14.09 -18.37 14.03
CA LEU A 150 15.30 -19.09 13.62
C LEU A 150 16.39 -18.99 14.69
N ARG A 151 16.54 -17.80 15.26
CA ARG A 151 17.53 -17.59 16.30
C ARG A 151 17.31 -18.57 17.46
N SER A 152 16.05 -18.86 17.79
CA SER A 152 15.72 -19.76 18.90
C SER A 152 15.99 -21.25 18.65
N LEU A 153 16.42 -21.60 17.44
CA LEU A 153 16.65 -23.02 17.15
C LEU A 153 17.83 -23.58 17.94
N GLY A 154 18.71 -22.69 18.38
CA GLY A 154 19.85 -23.08 19.21
C GLY A 154 21.04 -23.57 18.39
N GLY A 155 21.49 -24.77 18.68
CA GLY A 155 22.65 -25.31 17.98
C GLY A 155 23.97 -24.61 18.28
N ARG A 156 24.02 -23.78 19.32
CA ARG A 156 25.26 -23.04 19.59
C ARG A 156 26.44 -23.89 20.01
N GLU A 157 26.18 -25.13 20.46
CA GLU A 157 27.26 -26.04 20.79
C GLU A 157 28.04 -26.52 19.57
N VAL A 158 27.51 -26.28 18.37
CA VAL A 158 28.13 -26.75 17.13
C VAL A 158 29.15 -25.75 16.61
N ALA A 159 30.38 -26.21 16.35
CA ALA A 159 31.44 -25.31 15.83
C ALA A 159 31.07 -24.78 14.46
N VAL A 160 31.10 -23.45 14.28
CA VAL A 160 30.76 -22.84 12.99
C VAL A 160 31.74 -21.71 12.68
N ARG A 161 32.38 -21.75 11.53
CA ARG A 161 33.30 -20.68 11.18
C ARG A 161 32.91 -19.97 9.89
N ARG A 162 33.32 -18.72 9.78
CA ARG A 162 33.13 -17.97 8.55
C ARG A 162 33.86 -18.69 7.41
N ALA A 163 33.20 -18.80 6.26
CA ALA A 163 33.82 -19.47 5.11
C ALA A 163 34.24 -18.46 4.04
N GLY A 164 35.14 -18.88 3.15
CA GLY A 164 35.60 -18.03 2.05
C GLY A 164 35.78 -18.83 0.77
N ALA A 165 36.40 -18.22 -0.25
CA ALA A 165 36.55 -18.88 -1.55
C ALA A 165 37.33 -20.18 -1.43
N LYS A 166 38.24 -20.20 -0.45
CA LYS A 166 39.08 -21.36 -0.19
C LYS A 166 38.27 -22.62 0.15
N ASP A 167 37.02 -22.41 0.58
CA ASP A 167 36.18 -23.50 1.06
C ASP A 167 35.28 -24.09 -0.03
N ALA A 168 35.46 -23.63 -1.27
CA ALA A 168 34.57 -24.01 -2.36
C ALA A 168 34.49 -25.52 -2.57
N ALA A 169 35.65 -26.17 -2.53
CA ALA A 169 35.71 -27.62 -2.77
C ALA A 169 34.94 -28.35 -1.67
N ARG A 170 35.10 -27.88 -0.44
CA ARG A 170 34.37 -28.47 0.68
C ARG A 170 32.85 -28.33 0.52
N PHE A 171 32.40 -27.17 0.09
CA PHE A 171 30.97 -26.95 -0.15
C PHE A 171 30.46 -27.97 -1.17
N LEU A 172 31.20 -28.16 -2.25
CA LEU A 172 30.82 -29.13 -3.29
C LEU A 172 30.71 -30.54 -2.72
N GLU A 173 31.68 -30.94 -1.90
CA GLU A 173 31.61 -32.23 -1.24
C GLU A 173 30.34 -32.38 -0.40
N LEU A 174 30.06 -31.39 0.46
CA LEU A 174 28.88 -31.43 1.32
C LEU A 174 27.59 -31.50 0.51
N VAL A 175 27.50 -30.73 -0.57
CA VAL A 175 26.25 -30.70 -1.30
C VAL A 175 26.07 -32.02 -2.09
N GLY A 176 27.16 -32.56 -2.63
CA GLY A 176 27.12 -33.84 -3.33
C GLY A 176 26.59 -34.96 -2.46
N THR A 177 27.12 -35.06 -1.25
CA THR A 177 26.70 -36.06 -0.28
C THR A 177 25.20 -35.90 0.00
N ALA A 178 24.77 -34.66 0.23
CA ALA A 178 23.35 -34.40 0.51
C ALA A 178 22.42 -34.81 -0.63
N HIS A 179 22.72 -34.37 -1.86
CA HIS A 179 21.81 -34.63 -2.97
C HIS A 179 21.80 -36.10 -3.38
N GLU A 180 22.92 -36.79 -3.19
CA GLU A 180 22.98 -38.21 -3.54
C GLU A 180 22.16 -39.03 -2.53
N ALA A 181 22.22 -38.62 -1.27
CA ALA A 181 21.44 -39.27 -0.21
C ALA A 181 19.93 -39.09 -0.43
N SER A 182 19.52 -37.87 -0.73
CA SER A 182 18.10 -37.60 -0.88
C SER A 182 17.61 -37.94 -2.29
N ARG A 183 18.54 -38.32 -3.17
CA ARG A 183 18.25 -38.51 -4.59
C ARG A 183 17.58 -37.27 -5.19
N ALA A 184 18.16 -36.10 -4.96
CA ALA A 184 17.53 -34.85 -5.37
C ALA A 184 17.38 -34.69 -6.89
N SER A 185 16.39 -33.90 -7.29
CA SER A 185 16.17 -33.55 -8.68
C SER A 185 16.01 -32.05 -8.82
N GLY A 186 16.52 -31.50 -9.91
CA GLY A 186 16.25 -30.11 -10.27
C GLY A 186 17.42 -29.17 -10.01
N LEU A 187 18.16 -29.41 -8.94
CA LEU A 187 19.22 -28.47 -8.52
C LEU A 187 20.34 -28.29 -9.55
N LEU A 188 20.83 -27.05 -9.67
CA LEU A 188 21.93 -26.75 -10.57
C LEU A 188 23.25 -27.16 -9.94
N VAL A 189 24.18 -27.59 -10.79
CA VAL A 189 25.56 -27.75 -10.38
C VAL A 189 26.34 -26.61 -11.00
N TRP A 190 26.99 -25.81 -10.18
CA TRP A 190 27.85 -24.75 -10.68
C TRP A 190 29.31 -25.20 -10.67
N PRO A 191 30.10 -24.70 -11.63
CA PRO A 191 31.56 -24.89 -11.60
C PRO A 191 32.17 -24.46 -10.27
N GLU A 192 33.26 -25.09 -9.83
CA GLU A 192 33.89 -24.71 -8.56
C GLU A 192 34.39 -23.25 -8.61
N SER A 193 34.79 -22.83 -9.81
CA SER A 193 35.22 -21.45 -10.06
C SER A 193 34.09 -20.46 -9.79
N LYS A 194 32.88 -20.85 -10.19
CA LYS A 194 31.71 -20.00 -10.01
C LYS A 194 31.31 -19.91 -8.54
N ILE A 195 31.51 -21.01 -7.82
CA ILE A 195 31.29 -21.06 -6.38
C ILE A 195 32.34 -20.23 -5.64
N ALA A 196 33.59 -20.31 -6.09
CA ALA A 196 34.66 -19.54 -5.45
C ALA A 196 34.36 -18.05 -5.52
N GLU A 197 33.95 -17.60 -6.71
CA GLU A 197 33.50 -16.22 -6.93
C GLU A 197 32.34 -15.83 -5.98
N TRP A 198 31.31 -16.65 -5.97
CA TRP A 198 30.16 -16.54 -5.07
C TRP A 198 30.62 -16.28 -3.64
N LEU A 199 31.60 -17.07 -3.18
CA LEU A 199 32.07 -16.98 -1.80
C LEU A 199 33.01 -15.81 -1.59
N GLU A 200 33.73 -15.41 -2.63
CA GLU A 200 34.65 -14.28 -2.55
C GLU A 200 33.88 -12.98 -2.37
N ASP A 201 32.71 -12.90 -2.99
CA ASP A 201 31.87 -11.70 -2.97
C ASP A 201 31.57 -11.24 -1.52
N GLU A 202 32.03 -10.03 -1.21
CA GLU A 202 31.92 -9.47 0.14
C GLU A 202 30.47 -9.36 0.60
N GLU A 203 29.53 -9.37 -0.35
CA GLU A 203 28.12 -9.20 -0.03
C GLU A 203 27.47 -10.51 0.39
N ASN A 204 28.15 -11.62 0.13
CA ASN A 204 27.68 -12.93 0.58
C ASN A 204 28.33 -13.39 1.87
N PHE A 205 27.51 -13.89 2.78
CA PHE A 205 27.95 -14.25 4.12
C PHE A 205 27.89 -15.77 4.19
N ALA A 206 29.05 -16.42 4.18
CA ALA A 206 29.08 -17.88 4.11
C ALA A 206 29.66 -18.45 5.39
N TYR A 207 29.00 -19.48 5.92
CA TYR A 207 29.43 -20.13 7.16
C TYR A 207 29.50 -21.65 7.00
N LEU A 208 30.51 -22.25 7.63
CA LEU A 208 30.80 -23.67 7.43
C LEU A 208 30.88 -24.44 8.75
N ALA A 209 30.08 -25.51 8.86
CA ALA A 209 30.20 -26.45 9.97
C ALA A 209 30.84 -27.74 9.43
N GLU A 210 31.20 -28.65 10.33
CA GLU A 210 31.71 -29.96 9.94
C GLU A 210 30.83 -30.66 8.88
N ASP A 211 29.51 -30.54 9.01
CA ASP A 211 28.60 -31.27 8.11
C ASP A 211 27.49 -30.38 7.54
N GLY A 212 27.85 -29.14 7.23
CA GLY A 212 26.90 -28.25 6.59
C GLY A 212 27.46 -26.87 6.34
N PHE A 213 26.69 -26.07 5.63
CA PHE A 213 27.07 -24.69 5.37
C PHE A 213 25.83 -23.85 5.08
N VAL A 214 25.96 -22.53 5.23
CA VAL A 214 24.89 -21.63 4.79
C VAL A 214 25.53 -20.43 4.08
N VAL A 215 24.82 -19.90 3.08
CA VAL A 215 25.22 -18.67 2.43
C VAL A 215 24.01 -17.74 2.43
N TYR A 216 24.19 -16.53 2.95
CA TYR A 216 23.09 -15.58 2.97
C TYR A 216 23.58 -14.16 2.71
N ASN A 217 22.63 -13.24 2.53
CA ASN A 217 22.96 -11.84 2.30
C ASN A 217 21.77 -10.97 2.67
N TRP A 218 21.93 -9.66 2.51
CA TRP A 218 20.86 -8.72 2.77
C TRP A 218 19.94 -8.60 1.55
N SER A 219 18.65 -8.40 1.82
CA SER A 219 17.68 -8.13 0.76
C SER A 219 16.70 -7.09 1.29
N ASP A 220 16.96 -5.83 0.97
CA ASP A 220 16.12 -4.71 1.41
C ASP A 220 15.75 -4.75 2.90
N GLY A 221 16.75 -4.84 3.78
CA GLY A 221 16.44 -4.82 5.21
C GLY A 221 16.15 -6.17 5.85
N ASP A 222 15.77 -7.14 5.02
CA ASP A 222 15.61 -8.53 5.48
C ASP A 222 16.87 -9.32 5.14
N LEU A 223 16.97 -10.54 5.64
CA LEU A 223 18.07 -11.43 5.27
C LEU A 223 17.54 -12.47 4.28
N GLN A 224 18.37 -12.88 3.33
CA GLN A 224 17.95 -13.87 2.33
C GLN A 224 18.94 -15.02 2.30
N VAL A 225 18.44 -16.22 2.53
CA VAL A 225 19.28 -17.41 2.47
C VAL A 225 19.31 -17.93 1.02
N ASP A 226 20.49 -17.93 0.40
CA ASP A 226 20.67 -18.46 -0.95
C ASP A 226 20.71 -20.00 -0.92
N GLU A 227 21.37 -20.55 0.08
CA GLU A 227 21.50 -21.99 0.19
C GLU A 227 21.90 -22.41 1.60
N LEU A 228 21.27 -23.47 2.11
CA LEU A 228 21.65 -24.05 3.39
C LEU A 228 21.66 -25.56 3.25
N VAL A 229 22.80 -26.17 3.56
CA VAL A 229 22.94 -27.62 3.52
C VAL A 229 23.33 -28.09 4.91
N ALA A 230 22.62 -29.09 5.43
CA ALA A 230 22.93 -29.62 6.76
C ALA A 230 22.58 -31.09 6.84
N HIS A 231 23.54 -31.92 7.27
CA HIS A 231 23.38 -33.36 7.33
C HIS A 231 22.76 -33.85 8.63
N SER A 232 22.85 -33.04 9.69
CA SER A 232 22.33 -33.43 11.00
C SER A 232 21.48 -32.32 11.61
N GLU A 233 20.70 -32.68 12.63
CA GLU A 233 19.78 -31.74 13.27
C GLU A 233 20.53 -30.61 13.97
N ALA A 234 21.52 -30.98 14.79
CA ALA A 234 22.32 -29.98 15.51
C ALA A 234 22.88 -28.93 14.55
N THR A 235 23.40 -29.39 13.42
CA THR A 235 24.02 -28.49 12.45
C THR A 235 22.98 -27.62 11.74
N ALA A 236 21.83 -28.21 11.41
CA ALA A 236 20.73 -27.46 10.80
C ALA A 236 20.30 -26.35 11.76
N ARG A 237 20.15 -26.71 13.02
CA ARG A 237 19.82 -25.73 14.03
C ARG A 237 20.89 -24.62 14.10
N ALA A 238 22.17 -24.99 14.12
CA ALA A 238 23.26 -24.02 14.29
C ALA A 238 23.31 -23.07 13.12
N LEU A 239 23.12 -23.60 11.93
CA LEU A 239 23.23 -22.78 10.72
C LEU A 239 22.04 -21.84 10.60
N TRP A 240 20.83 -22.35 10.81
CA TRP A 240 19.65 -21.47 10.79
C TRP A 240 19.72 -20.41 11.89
N ALA A 241 20.21 -20.80 13.06
CA ALA A 241 20.33 -19.85 14.18
C ALA A 241 21.37 -18.78 13.89
N THR A 242 22.43 -19.15 13.18
CA THR A 242 23.43 -18.15 12.75
C THR A 242 22.79 -17.07 11.87
N VAL A 243 21.97 -17.49 10.92
CA VAL A 243 21.24 -16.51 10.13
C VAL A 243 20.30 -15.69 11.01
N GLY A 244 19.55 -16.38 11.88
CA GLY A 244 18.55 -15.70 12.69
C GLY A 244 19.15 -14.80 13.76
N SER A 245 20.45 -14.94 14.04
CA SER A 245 21.09 -14.13 15.09
C SER A 245 21.01 -12.64 14.76
N GLY A 246 20.75 -12.30 13.50
CA GLY A 246 20.60 -10.91 13.14
C GLY A 246 19.21 -10.32 13.37
N ALA A 247 18.40 -11.04 14.14
CA ALA A 247 16.99 -10.69 14.34
C ALA A 247 16.79 -9.31 14.93
N SER A 248 17.79 -8.84 15.67
CA SER A 248 17.66 -7.51 16.27
C SER A 248 17.54 -6.42 15.20
N ILE A 249 18.03 -6.72 14.00
CA ILE A 249 17.99 -5.77 12.88
C ILE A 249 17.03 -6.23 11.79
N ALA A 250 17.12 -7.49 11.39
CA ALA A 250 16.29 -8.02 10.31
C ALA A 250 15.18 -8.85 10.91
N ARG A 251 13.94 -8.42 10.74
CA ARG A 251 12.77 -9.12 11.28
C ARG A 251 12.52 -10.45 10.57
N THR A 252 12.81 -10.47 9.28
CA THR A 252 12.37 -11.56 8.41
C THR A 252 13.54 -12.17 7.65
N VAL A 253 13.54 -13.49 7.54
CA VAL A 253 14.52 -14.21 6.72
C VAL A 253 13.76 -14.88 5.59
N HIS A 254 14.07 -14.53 4.35
CA HIS A 254 13.53 -15.24 3.20
C HIS A 254 14.53 -16.33 2.84
N ALA A 255 14.03 -17.49 2.42
CA ALA A 255 14.92 -18.59 2.05
C ALA A 255 14.43 -19.30 0.81
N TYR A 256 15.36 -19.58 -0.11
CA TYR A 256 15.09 -20.45 -1.23
C TYR A 256 15.37 -21.89 -0.78
N LEU A 257 14.34 -22.72 -0.85
CA LEU A 257 14.45 -24.12 -0.46
C LEU A 257 13.22 -24.90 -0.90
N SER A 258 13.26 -26.22 -0.73
N SER A 258 13.26 -26.22 -0.75
CA SER A 258 12.12 -27.07 -1.09
CA SER A 258 12.11 -27.06 -1.15
C SER A 258 11.02 -27.02 -0.05
C SER A 258 11.03 -27.03 -0.07
N PRO A 259 9.77 -27.27 -0.47
CA PRO A 259 8.69 -27.32 0.53
C PRO A 259 8.85 -28.56 1.45
N ASN A 260 9.71 -29.49 1.05
CA ASN A 260 10.07 -30.62 1.92
C ASN A 260 11.31 -30.41 2.81
N ASP A 261 11.82 -29.19 2.88
CA ASP A 261 13.03 -28.91 3.67
C ASP A 261 12.76 -29.17 5.15
N PRO A 262 13.74 -29.76 5.87
CA PRO A 262 13.52 -30.02 7.30
C PRO A 262 13.24 -28.79 8.15
N VAL A 263 13.60 -27.58 7.67
CA VAL A 263 13.39 -26.38 8.47
C VAL A 263 11.92 -26.22 8.86
N HIS A 264 11.01 -26.62 7.97
CA HIS A 264 9.58 -26.48 8.26
C HIS A 264 9.19 -27.34 9.47
N LEU A 265 9.97 -28.39 9.70
CA LEU A 265 9.71 -29.32 10.81
C LEU A 265 10.33 -28.86 12.14
N LEU A 266 11.27 -27.94 12.05
CA LEU A 266 12.03 -27.47 13.20
C LEU A 266 11.50 -26.16 13.79
N VAL A 267 11.20 -25.18 12.94
CA VAL A 267 10.81 -23.85 13.44
C VAL A 267 9.44 -23.87 14.09
N GLU A 268 9.25 -23.00 15.08
CA GLU A 268 7.96 -22.93 15.78
C GLU A 268 6.87 -22.28 14.93
N HIS A 269 7.21 -21.17 14.28
CA HIS A 269 6.22 -20.44 13.49
C HIS A 269 6.37 -20.82 12.04
N GLU A 270 5.26 -21.26 11.46
CA GLU A 270 5.18 -21.69 10.08
C GLU A 270 5.64 -20.55 9.16
N ALA A 271 6.29 -20.86 8.04
CA ALA A 271 6.65 -19.83 7.05
C ALA A 271 5.40 -19.00 6.71
N ASP A 272 5.59 -17.74 6.32
CA ASP A 272 4.45 -16.90 5.90
C ASP A 272 3.62 -17.62 4.83
N LYS A 273 2.29 -17.52 4.93
CA LYS A 273 1.39 -18.07 3.92
C LYS A 273 1.74 -17.54 2.54
N GLN A 274 2.16 -16.28 2.48
CA GLN A 274 2.55 -15.67 1.21
C GLN A 274 3.96 -16.13 0.82
N ALA A 275 4.01 -16.86 -0.29
CA ALA A 275 5.27 -17.44 -0.77
C ALA A 275 5.46 -17.10 -2.24
N HIS A 276 6.72 -17.16 -2.71
CA HIS A 276 7.01 -17.00 -4.13
C HIS A 276 7.11 -18.39 -4.71
N VAL A 277 6.41 -18.64 -5.80
CA VAL A 277 6.52 -19.92 -6.48
C VAL A 277 6.78 -19.61 -7.96
N GLN A 278 7.99 -19.91 -8.42
CA GLN A 278 8.34 -19.74 -9.84
C GLN A 278 8.48 -21.12 -10.50
N ARG A 279 8.36 -21.15 -11.82
CA ARG A 279 8.49 -22.38 -12.60
C ARG A 279 9.58 -22.25 -13.65
N TRP A 280 10.32 -23.32 -13.84
CA TRP A 280 11.29 -23.37 -14.93
C TRP A 280 10.93 -24.51 -15.88
N MSE A 281 11.33 -24.36 -17.14
CA MSE A 281 11.00 -25.37 -18.14
C MSE A 281 12.20 -26.27 -18.47
O MSE A 281 13.36 -25.91 -18.21
CB MSE A 281 10.53 -24.70 -19.42
CG MSE A 281 9.25 -23.90 -19.24
SE MSE A 281 8.63 -23.31 -20.98
CE MSE A 281 6.72 -23.53 -20.66
N LEU A 282 11.91 -27.42 -19.07
CA LEU A 282 12.92 -28.41 -19.41
C LEU A 282 12.66 -28.92 -20.84
N ARG A 283 13.72 -29.32 -21.55
CA ARG A 283 13.57 -30.04 -22.81
C ARG A 283 14.63 -31.13 -22.88
N LEU A 284 14.27 -32.29 -23.42
CA LEU A 284 15.27 -33.31 -23.74
C LEU A 284 15.76 -33.07 -25.17
N LEU A 285 17.08 -33.04 -25.34
CA LEU A 285 17.72 -32.84 -26.64
C LEU A 285 18.28 -34.17 -27.17
N ASP A 286 18.59 -35.09 -26.27
CA ASP A 286 19.11 -36.42 -26.62
C ASP A 286 18.51 -37.39 -25.59
N ALA A 287 17.33 -37.92 -25.90
CA ALA A 287 16.58 -38.73 -24.93
C ALA A 287 17.31 -39.96 -24.41
N PRO A 288 17.92 -40.79 -25.31
CA PRO A 288 18.69 -41.93 -24.80
C PRO A 288 19.78 -41.52 -23.80
N ALA A 289 20.52 -40.46 -24.09
CA ALA A 289 21.57 -40.02 -23.18
C ALA A 289 21.01 -39.44 -21.87
N ALA A 290 19.88 -38.74 -21.96
CA ALA A 290 19.28 -38.18 -20.75
C ALA A 290 18.81 -39.29 -19.80
N ILE A 291 18.21 -40.32 -20.38
CA ILE A 291 17.74 -41.47 -19.62
C ILE A 291 18.90 -42.20 -18.97
N ALA A 292 19.92 -42.50 -19.77
CA ALA A 292 21.11 -43.20 -19.28
C ALA A 292 21.80 -42.44 -18.14
N ALA A 293 21.66 -41.12 -18.11
CA ALA A 293 22.33 -40.32 -17.08
C ALA A 293 21.47 -40.10 -15.83
N ARG A 294 20.16 -40.29 -15.96
CA ARG A 294 19.24 -40.02 -14.85
C ARG A 294 19.31 -41.08 -13.75
N GLY A 295 19.15 -40.67 -12.50
CA GLY A 295 18.95 -41.64 -11.43
C GLY A 295 17.47 -42.00 -11.40
N PHE A 296 17.17 -43.25 -11.05
CA PHE A 296 15.79 -43.69 -10.97
C PHE A 296 15.45 -44.14 -9.56
N ALA A 297 14.17 -44.13 -9.23
CA ALA A 297 13.72 -44.45 -7.87
C ALA A 297 14.15 -45.85 -7.44
N PRO A 298 14.65 -45.98 -6.20
CA PRO A 298 15.13 -47.26 -5.67
C PRO A 298 14.00 -48.28 -5.70
N GLY A 299 14.30 -49.48 -6.18
CA GLY A 299 13.31 -50.54 -6.25
C GLY A 299 12.39 -50.46 -7.47
N ALA A 300 12.43 -49.33 -8.17
CA ALA A 300 11.57 -49.17 -9.34
C ALA A 300 12.00 -50.07 -10.48
N ALA A 301 11.02 -50.73 -11.09
CA ALA A 301 11.25 -51.54 -12.28
C ALA A 301 10.20 -51.16 -13.32
N ALA A 302 10.60 -51.16 -14.59
CA ALA A 302 9.68 -50.85 -15.67
C ALA A 302 10.24 -51.32 -16.99
N GLU A 303 9.39 -51.95 -17.80
CA GLU A 303 9.71 -52.31 -19.18
C GLU A 303 8.56 -51.84 -20.05
N VAL A 304 8.72 -50.67 -20.68
CA VAL A 304 7.61 -49.99 -21.35
C VAL A 304 8.03 -49.37 -22.68
N ASP A 305 7.19 -49.49 -23.71
CA ASP A 305 7.46 -48.80 -24.97
C ASP A 305 6.94 -47.35 -24.97
N LEU A 306 7.64 -46.48 -25.70
CA LEU A 306 7.27 -45.07 -25.82
C LEU A 306 7.38 -44.67 -27.28
N LEU A 307 6.36 -43.98 -27.79
CA LEU A 307 6.41 -43.41 -29.14
C LEU A 307 6.59 -41.89 -29.04
N ILE A 308 7.77 -41.43 -29.41
CA ILE A 308 8.15 -40.04 -29.35
C ILE A 308 7.97 -39.37 -30.72
N ASP A 309 7.20 -38.29 -30.75
CA ASP A 309 7.09 -37.46 -31.95
C ASP A 309 7.67 -36.07 -31.71
N ASP A 310 8.91 -35.85 -32.14
CA ASP A 310 9.61 -34.59 -31.90
C ASP A 310 10.20 -34.05 -33.19
N PRO A 311 9.43 -33.23 -33.93
CA PRO A 311 9.89 -32.70 -35.22
C PRO A 311 11.05 -31.72 -35.00
N GLY A 312 11.22 -31.24 -33.78
CA GLY A 312 12.34 -30.36 -33.45
C GLY A 312 13.68 -31.08 -33.36
N VAL A 313 13.66 -32.35 -32.97
CA VAL A 313 14.86 -33.21 -32.93
C VAL A 313 14.45 -34.60 -33.47
N PRO A 314 14.39 -34.75 -34.79
CA PRO A 314 13.91 -35.97 -35.44
C PRO A 314 14.69 -37.21 -35.00
N ALA A 315 15.95 -37.03 -34.63
CA ALA A 315 16.79 -38.13 -34.17
C ALA A 315 16.21 -38.89 -32.96
N GLN A 316 15.45 -38.21 -32.10
CA GLN A 316 14.83 -38.89 -30.97
C GLN A 316 13.39 -39.39 -31.25
N SER A 317 12.87 -39.12 -32.46
CA SER A 317 11.52 -39.55 -32.83
C SER A 317 11.48 -41.05 -33.10
N GLY A 318 10.27 -41.62 -33.09
CA GLY A 318 10.13 -43.05 -33.30
C GLY A 318 9.84 -43.81 -32.01
N ARG A 319 9.69 -45.13 -32.14
CA ARG A 319 9.34 -45.97 -31.00
C ARG A 319 10.57 -46.42 -30.21
N TRP A 320 10.46 -46.35 -28.89
CA TRP A 320 11.56 -46.74 -28.00
C TRP A 320 11.11 -47.72 -26.93
N HIS A 321 12.07 -48.42 -26.35
CA HIS A 321 11.81 -49.27 -25.19
C HIS A 321 12.55 -48.70 -24.01
N LEU A 322 11.81 -48.38 -22.97
CA LEU A 322 12.38 -47.91 -21.72
C LEU A 322 12.55 -49.11 -20.80
N SER A 323 13.78 -49.32 -20.34
CA SER A 323 14.08 -50.36 -19.37
C SER A 323 14.67 -49.72 -18.12
N VAL A 324 13.98 -49.88 -16.98
CA VAL A 324 14.43 -49.35 -15.71
C VAL A 324 14.59 -50.49 -14.70
N ALA A 325 15.76 -50.56 -14.06
CA ALA A 325 15.98 -51.51 -12.97
C ALA A 325 17.12 -51.01 -12.11
N ASP A 326 17.03 -51.24 -10.81
CA ASP A 326 18.16 -51.02 -9.91
C ASP A 326 18.72 -49.61 -9.97
N GLY A 327 17.86 -48.63 -10.15
CA GLY A 327 18.28 -47.24 -10.12
C GLY A 327 18.78 -46.71 -11.45
N THR A 328 18.83 -47.56 -12.46
CA THR A 328 19.29 -47.13 -13.78
C THR A 328 18.28 -47.43 -14.90
N GLY A 329 18.31 -46.62 -15.94
CA GLY A 329 17.38 -46.76 -17.04
C GLY A 329 18.14 -46.70 -18.34
N GLU A 330 17.55 -47.33 -19.36
CA GLU A 330 18.13 -47.36 -20.69
C GLU A 330 17.00 -47.24 -21.72
N LEU A 331 17.22 -46.45 -22.75
CA LEU A 331 16.22 -46.26 -23.80
C LEU A 331 16.80 -46.79 -25.10
N THR A 332 16.17 -47.80 -25.69
CA THR A 332 16.67 -48.43 -26.91
C THR A 332 15.59 -48.39 -28.00
N PRO A 333 15.97 -48.45 -29.28
CA PRO A 333 14.96 -48.42 -30.34
C PRO A 333 14.09 -49.68 -30.31
N SER A 334 12.79 -49.50 -30.57
CA SER A 334 11.85 -50.62 -30.61
C SER A 334 11.18 -50.73 -31.98
N ASP A 335 10.92 -51.95 -32.42
CA ASP A 335 10.19 -52.16 -33.66
C ASP A 335 8.88 -52.87 -33.39
N ARG A 336 8.44 -52.87 -32.13
CA ARG A 336 7.16 -53.49 -31.79
C ARG A 336 6.01 -52.67 -32.35
N SER A 337 4.86 -53.32 -32.52
CA SER A 337 3.66 -52.59 -32.90
C SER A 337 2.59 -52.66 -31.82
N GLY A 338 1.43 -52.06 -32.10
CA GLY A 338 0.33 -52.07 -31.17
C GLY A 338 0.31 -50.82 -30.31
N ASP A 339 -0.75 -50.70 -29.51
CA ASP A 339 -1.01 -49.50 -28.70
C ASP A 339 0.20 -49.15 -27.85
N VAL A 340 0.53 -47.86 -27.80
CA VAL A 340 1.71 -47.42 -27.09
C VAL A 340 1.50 -45.98 -26.60
N LEU A 341 2.07 -45.65 -25.44
CA LEU A 341 2.05 -44.28 -24.95
C LEU A 341 2.73 -43.37 -25.98
N GLN A 342 2.02 -42.34 -26.43
CA GLN A 342 2.53 -41.41 -27.43
C GLN A 342 2.79 -40.03 -26.81
N LEU A 343 3.97 -39.47 -27.05
CA LEU A 343 4.36 -38.19 -26.41
C LEU A 343 5.05 -37.26 -27.39
N GLY A 344 4.80 -35.96 -27.30
CA GLY A 344 5.62 -35.00 -28.00
C GLY A 344 6.80 -34.59 -27.11
N SER A 345 7.59 -33.62 -27.55
CA SER A 345 8.73 -33.15 -26.76
C SER A 345 8.28 -32.59 -25.40
N ARG A 346 7.13 -31.91 -25.39
CA ARG A 346 6.63 -31.33 -24.13
C ARG A 346 6.30 -32.42 -23.11
N GLY A 347 5.56 -33.44 -23.53
CA GLY A 347 5.17 -34.51 -22.62
C GLY A 347 6.39 -35.33 -22.18
N LEU A 348 7.33 -35.49 -23.10
CA LEU A 348 8.58 -36.21 -22.81
C LEU A 348 9.38 -35.50 -21.72
N ALA A 349 9.49 -34.18 -21.82
CA ALA A 349 10.22 -33.43 -20.79
C ALA A 349 9.48 -33.51 -19.46
N ALA A 350 8.17 -33.29 -19.49
CA ALA A 350 7.38 -33.34 -18.27
C ALA A 350 7.47 -34.71 -17.59
N LEU A 351 7.35 -35.78 -18.37
CA LEU A 351 7.53 -37.14 -17.86
C LEU A 351 8.89 -37.29 -17.17
N TYR A 352 9.95 -36.88 -17.86
CA TYR A 352 11.31 -37.03 -17.34
C TYR A 352 11.44 -36.28 -16.01
N ALA A 353 10.73 -35.15 -15.92
CA ALA A 353 10.76 -34.30 -14.73
C ALA A 353 9.91 -34.84 -13.59
N GLY A 354 9.18 -35.93 -13.83
CA GLY A 354 8.35 -36.51 -12.77
C GLY A 354 6.90 -36.03 -12.70
N THR A 355 6.44 -35.28 -13.70
CA THR A 355 5.03 -34.90 -13.76
C THR A 355 4.19 -36.16 -13.96
N PRO A 356 3.15 -36.34 -13.10
CA PRO A 356 2.29 -37.52 -13.19
C PRO A 356 1.54 -37.64 -14.52
N LEU A 357 1.44 -38.87 -15.01
CA LEU A 357 0.77 -39.16 -16.28
C LEU A 357 -0.68 -38.71 -16.32
N ALA A 358 -1.34 -38.70 -15.16
CA ALA A 358 -2.76 -38.29 -15.13
C ALA A 358 -2.86 -36.84 -15.59
N ALA A 359 -1.98 -36.01 -15.03
CA ALA A 359 -1.83 -34.60 -15.44
C ALA A 359 -1.45 -34.45 -16.91
N LEU A 360 -0.43 -35.17 -17.36
CA LEU A 360 -0.03 -35.10 -18.77
C LEU A 360 -1.18 -35.45 -19.71
N ARG A 361 -1.95 -36.46 -19.34
CA ARG A 361 -3.04 -36.89 -20.20
C ARG A 361 -4.13 -35.81 -20.28
N THR A 362 -4.48 -35.26 -19.12
CA THR A 362 -5.52 -34.21 -19.06
C THR A 362 -5.05 -32.94 -19.79
N ALA A 363 -3.74 -32.67 -19.76
CA ALA A 363 -3.22 -31.52 -20.52
C ALA A 363 -3.08 -31.81 -22.01
N GLY A 364 -3.35 -33.06 -22.42
CA GLY A 364 -3.24 -33.46 -23.81
C GLY A 364 -1.81 -33.62 -24.32
N LEU A 365 -0.85 -33.69 -23.41
CA LEU A 365 0.56 -33.75 -23.79
C LEU A 365 1.02 -35.18 -24.10
N VAL A 366 0.20 -36.12 -23.69
CA VAL A 366 0.50 -37.53 -23.81
C VAL A 366 -0.81 -38.20 -24.27
N THR A 367 -0.73 -39.20 -25.15
CA THR A 367 -1.94 -39.88 -25.62
C THR A 367 -1.71 -41.36 -25.89
N GLY A 368 -2.79 -42.16 -25.84
CA GLY A 368 -2.74 -43.56 -26.18
C GLY A 368 -2.08 -44.42 -25.11
N GLY A 369 -1.99 -45.72 -25.37
CA GLY A 369 -1.31 -46.64 -24.46
C GLY A 369 -2.18 -47.13 -23.31
N PRO A 370 -1.85 -48.30 -22.76
CA PRO A 370 -2.59 -48.92 -21.64
C PRO A 370 -2.31 -48.22 -20.31
N VAL A 371 -3.24 -48.31 -19.38
CA VAL A 371 -3.10 -47.70 -18.06
C VAL A 371 -2.06 -48.44 -17.22
N ALA A 372 -1.77 -49.68 -17.60
CA ALA A 372 -0.75 -50.48 -16.93
C ALA A 372 0.62 -49.79 -17.01
N SER A 373 0.94 -49.27 -18.19
CA SER A 373 2.20 -48.59 -18.41
C SER A 373 2.35 -47.34 -17.56
N ASP A 374 1.24 -46.64 -17.33
CA ASP A 374 1.26 -45.38 -16.60
C ASP A 374 1.70 -45.53 -15.15
N ARG A 375 1.28 -46.61 -14.52
CA ARG A 375 1.67 -46.88 -13.13
C ARG A 375 3.18 -47.14 -13.06
N LEU A 376 3.67 -47.89 -14.04
CA LEU A 376 5.09 -48.24 -14.13
C LEU A 376 5.92 -46.98 -14.29
N LEU A 377 5.55 -46.16 -15.27
CA LEU A 377 6.23 -44.92 -15.56
C LEU A 377 6.25 -43.97 -14.36
N ASP A 378 5.10 -43.82 -13.70
CA ASP A 378 4.98 -42.86 -12.60
C ASP A 378 5.98 -43.17 -11.47
N THR A 379 6.07 -44.44 -11.09
CA THR A 379 6.96 -44.83 -10.00
C THR A 379 8.43 -44.75 -10.40
N ALA A 380 8.72 -45.20 -11.62
CA ALA A 380 10.05 -45.08 -12.21
C ALA A 380 10.56 -43.64 -12.11
N PHE A 381 9.80 -42.72 -12.68
CA PHE A 381 10.19 -41.31 -12.67
C PHE A 381 9.89 -40.60 -11.35
N GLY A 382 9.33 -41.33 -10.40
CA GLY A 382 8.98 -40.75 -9.11
C GLY A 382 10.15 -40.36 -8.21
N GLY A 383 9.84 -39.77 -7.06
CA GLY A 383 10.88 -39.29 -6.17
C GLY A 383 10.56 -37.86 -5.72
N ALA A 384 11.54 -37.17 -5.15
CA ALA A 384 11.31 -35.83 -4.64
C ALA A 384 10.98 -34.87 -5.78
N ALA A 385 10.07 -33.93 -5.50
CA ALA A 385 9.62 -33.00 -6.52
C ALA A 385 10.81 -32.15 -6.93
N PRO A 386 10.96 -31.93 -8.25
CA PRO A 386 12.15 -31.21 -8.68
C PRO A 386 12.08 -29.71 -8.39
N TYR A 387 13.19 -29.17 -7.91
CA TYR A 387 13.23 -27.75 -7.57
C TYR A 387 14.62 -27.21 -7.81
N MSE A 388 14.72 -25.89 -7.82
CA MSE A 388 15.99 -25.22 -8.02
C MSE A 388 16.11 -24.13 -6.96
O MSE A 388 15.08 -23.62 -6.48
CB MSE A 388 15.97 -24.59 -9.40
CG MSE A 388 17.30 -24.33 -10.00
SE MSE A 388 17.03 -23.79 -11.84
CE MSE A 388 16.44 -25.50 -12.53
N LEU A 389 17.33 -23.74 -6.61
CA LEU A 389 17.55 -22.62 -5.70
C LEU A 389 17.79 -21.32 -6.47
N ASP A 390 18.30 -21.45 -7.69
CA ASP A 390 18.75 -20.32 -8.49
C ASP A 390 17.78 -19.88 -9.57
N TYR A 391 17.87 -18.60 -9.90
CA TYR A 391 17.25 -18.05 -11.09
C TYR A 391 18.39 -17.75 -12.05
N PHE A 392 18.14 -17.94 -13.35
CA PHE A 392 19.09 -17.50 -14.36
C PHE A 392 18.34 -17.09 -15.62
N ASP B 7 -9.42 -29.16 39.30
CA ASP B 7 -10.85 -28.85 39.35
C ASP B 7 -11.48 -28.89 37.96
N LEU B 8 -10.67 -29.16 36.94
CA LEU B 8 -11.16 -29.20 35.57
C LEU B 8 -11.68 -30.57 35.15
N ARG B 9 -12.71 -30.55 34.32
CA ARG B 9 -13.35 -31.78 33.88
C ARG B 9 -13.62 -31.72 32.39
N LEU B 10 -13.29 -32.80 31.72
CA LEU B 10 -13.56 -32.97 30.29
C LEU B 10 -15.01 -33.37 30.13
N VAL B 11 -15.74 -32.74 29.23
CA VAL B 11 -17.15 -33.07 29.04
C VAL B 11 -17.51 -33.19 27.58
N ASP B 12 -18.66 -33.82 27.33
CA ASP B 12 -19.34 -33.75 26.04
C ASP B 12 -20.18 -32.46 26.01
N ILE B 13 -19.92 -31.59 25.05
CA ILE B 13 -20.66 -30.34 24.94
C ILE B 13 -22.11 -30.62 24.56
N THR B 14 -23.06 -30.00 25.28
CA THR B 14 -24.48 -30.09 24.93
C THR B 14 -24.96 -28.81 24.24
N GLU B 15 -26.19 -28.85 23.73
CA GLU B 15 -26.76 -27.66 23.10
C GLU B 15 -26.83 -26.49 24.05
N THR B 16 -27.24 -26.73 25.28
CA THR B 16 -27.38 -25.63 26.23
C THR B 16 -26.05 -24.98 26.62
N GLN B 17 -24.93 -25.61 26.27
CA GLN B 17 -23.61 -25.02 26.51
C GLN B 17 -23.05 -24.23 25.32
N LEU B 18 -23.75 -24.23 24.20
CA LEU B 18 -23.26 -23.55 22.99
C LEU B 18 -23.08 -22.04 23.17
N ASP B 19 -23.94 -21.40 23.96
CA ASP B 19 -23.78 -20.00 24.29
C ASP B 19 -22.45 -19.72 24.99
N ASP B 20 -22.06 -20.60 25.90
CA ASP B 20 -20.78 -20.45 26.59
C ASP B 20 -19.62 -20.77 25.67
N VAL B 21 -19.77 -21.78 24.82
CA VAL B 21 -18.72 -22.07 23.82
C VAL B 21 -18.51 -20.85 22.92
N LEU B 22 -19.60 -20.21 22.51
CA LEU B 22 -19.49 -19.04 21.62
C LEU B 22 -18.78 -17.88 22.30
N ARG B 23 -18.96 -17.72 23.61
CA ARG B 23 -18.21 -16.69 24.35
C ARG B 23 -16.73 -16.99 24.38
N VAL B 24 -16.36 -18.25 24.57
CA VAL B 24 -14.94 -18.58 24.57
C VAL B 24 -14.40 -18.36 23.17
N ARG B 25 -15.23 -18.67 22.17
CA ARG B 25 -14.83 -18.48 20.78
C ARG B 25 -14.61 -17.01 20.40
N ALA B 26 -15.53 -16.14 20.81
CA ALA B 26 -15.43 -14.71 20.52
C ALA B 26 -14.11 -14.14 21.07
N ARG B 27 -13.67 -14.65 22.21
CA ARG B 27 -12.42 -14.18 22.81
C ARG B 27 -11.19 -14.95 22.30
N SER B 28 -11.37 -15.78 21.28
CA SER B 28 -10.24 -16.55 20.73
C SER B 28 -9.98 -16.24 19.27
N PHE B 29 -11.05 -16.22 18.48
CA PHE B 29 -10.95 -16.02 17.03
C PHE B 29 -11.44 -14.68 16.56
N GLY B 30 -12.38 -14.09 17.29
CA GLY B 30 -12.99 -12.84 16.87
C GLY B 30 -14.50 -12.96 16.99
N LEU B 31 -15.20 -11.85 16.79
CA LEU B 31 -16.64 -11.85 16.91
C LEU B 31 -17.30 -12.49 15.68
N LEU B 32 -18.49 -13.07 15.87
CA LEU B 32 -19.33 -13.53 14.77
C LEU B 32 -20.44 -12.52 14.46
N ALA B 33 -20.62 -12.19 13.18
CA ALA B 33 -21.79 -11.41 12.76
C ALA B 33 -23.07 -12.16 13.15
N ALA B 34 -24.15 -11.42 13.42
CA ALA B 34 -25.41 -12.00 13.92
C ALA B 34 -25.96 -13.14 13.04
N GLY B 35 -25.73 -13.06 11.74
CA GLY B 35 -26.20 -14.08 10.82
C GLY B 35 -25.29 -15.29 10.77
N ALA B 36 -23.99 -15.04 10.96
CA ALA B 36 -23.00 -16.10 10.94
C ALA B 36 -23.05 -16.94 12.22
N ARG B 37 -23.55 -16.32 13.29
CA ARG B 37 -23.73 -16.99 14.57
C ARG B 37 -24.81 -18.06 14.45
N GLU B 38 -25.92 -17.71 13.82
CA GLU B 38 -27.01 -18.67 13.61
C GLU B 38 -26.56 -19.86 12.77
N ASP B 39 -25.73 -19.62 11.75
CA ASP B 39 -25.17 -20.70 10.95
C ASP B 39 -24.23 -21.59 11.76
N TRP B 40 -23.51 -20.99 12.69
CA TRP B 40 -22.55 -21.72 13.52
C TRP B 40 -23.31 -22.69 14.45
N VAL B 41 -24.33 -22.17 15.13
CA VAL B 41 -25.15 -22.97 16.03
C VAL B 41 -25.81 -24.14 15.30
N ARG B 42 -26.27 -23.88 14.09
CA ARG B 42 -26.89 -24.91 13.26
C ARG B 42 -25.93 -26.06 12.99
N ASP B 43 -24.68 -25.72 12.71
CA ASP B 43 -23.66 -26.73 12.44
C ASP B 43 -23.19 -27.39 13.73
N ALA B 44 -23.24 -26.65 14.84
CA ALA B 44 -22.74 -27.16 16.12
C ALA B 44 -23.61 -28.31 16.62
N VAL B 45 -24.90 -28.29 16.27
CA VAL B 45 -25.87 -29.28 16.74
C VAL B 45 -25.54 -30.70 16.30
N GLU B 46 -25.18 -30.86 15.02
CA GLU B 46 -24.84 -32.19 14.52
C GLU B 46 -23.59 -32.75 15.19
N PHE B 47 -22.63 -31.88 15.54
CA PHE B 47 -21.45 -32.30 16.30
C PHE B 47 -21.85 -32.80 17.69
N VAL B 48 -22.65 -32.00 18.41
CA VAL B 48 -23.16 -32.35 19.74
C VAL B 48 -23.82 -33.73 19.77
N HIS B 49 -24.75 -33.95 18.84
CA HIS B 49 -25.55 -35.18 18.89
C HIS B 49 -24.85 -36.42 18.33
N ASP B 50 -23.64 -36.25 17.81
CA ASP B 50 -22.86 -37.40 17.35
C ASP B 50 -21.64 -37.67 18.25
N GLY B 51 -21.54 -36.98 19.38
CA GLY B 51 -20.41 -37.16 20.28
C GLY B 51 -19.10 -36.62 19.74
N ARG B 52 -19.18 -35.54 18.97
CA ARG B 52 -17.99 -34.97 18.34
C ARG B 52 -17.78 -33.50 18.72
N PHE B 53 -18.25 -33.14 19.92
CA PHE B 53 -18.03 -31.82 20.47
C PHE B 53 -17.58 -31.95 21.94
N LEU B 54 -16.28 -31.77 22.16
CA LEU B 54 -15.72 -31.99 23.48
C LEU B 54 -15.43 -30.65 24.14
N GLY B 55 -15.44 -30.62 25.46
CA GLY B 55 -15.14 -29.38 26.15
C GLY B 55 -14.48 -29.64 27.48
N VAL B 56 -14.02 -28.56 28.13
CA VAL B 56 -13.53 -28.63 29.49
C VAL B 56 -14.35 -27.66 30.34
N VAL B 57 -14.83 -28.13 31.49
CA VAL B 57 -15.54 -27.25 32.39
C VAL B 57 -14.72 -26.95 33.64
N SER B 58 -14.90 -25.76 34.18
CA SER B 58 -14.37 -25.35 35.48
C SER B 58 -15.58 -24.99 36.32
N GLY B 59 -15.91 -25.81 37.30
CA GLY B 59 -17.19 -25.70 37.99
C GLY B 59 -18.28 -26.09 37.00
N ASP B 60 -19.15 -25.15 36.67
CA ASP B 60 -20.13 -25.36 35.62
C ASP B 60 -19.87 -24.49 34.39
N GLU B 61 -18.77 -23.76 34.43
CA GLU B 61 -18.38 -22.87 33.34
C GLU B 61 -17.65 -23.61 32.24
N VAL B 62 -18.12 -23.49 30.99
CA VAL B 62 -17.36 -24.02 29.87
C VAL B 62 -16.14 -23.13 29.64
N VAL B 63 -14.96 -23.75 29.63
CA VAL B 63 -13.71 -23.01 29.62
C VAL B 63 -12.84 -23.30 28.37
N ALA B 64 -13.17 -24.40 27.68
CA ALA B 64 -12.45 -24.78 26.46
C ALA B 64 -13.34 -25.69 25.65
N ALA B 65 -13.09 -25.79 24.34
CA ALA B 65 -13.89 -26.67 23.49
C ALA B 65 -13.19 -26.98 22.18
N ALA B 66 -13.54 -28.12 21.58
CA ALA B 66 -13.05 -28.51 20.26
C ALA B 66 -14.05 -29.44 19.59
N ARG B 67 -14.06 -29.40 18.25
CA ARG B 67 -14.97 -30.26 17.48
C ARG B 67 -14.19 -31.23 16.60
N ILE B 68 -14.85 -32.34 16.25
CA ILE B 68 -14.25 -33.34 15.42
C ILE B 68 -15.12 -33.55 14.18
N TRP B 69 -14.58 -33.24 13.02
CA TRP B 69 -15.23 -33.53 11.77
C TRP B 69 -15.08 -35.02 11.49
N ASP B 70 -16.15 -35.63 11.04
CA ASP B 70 -16.12 -37.01 10.58
C ASP B 70 -15.74 -37.08 9.10
N PHE B 71 -14.47 -36.86 8.82
CA PHE B 71 -13.93 -36.92 7.48
C PHE B 71 -13.55 -38.32 7.01
N GLN B 72 -13.28 -38.42 5.72
CA GLN B 72 -12.36 -39.39 5.20
C GLN B 72 -11.28 -38.61 4.45
N GLN B 73 -10.09 -39.18 4.37
CA GLN B 73 -9.00 -38.56 3.68
C GLN B 73 -8.41 -39.52 2.69
N TRP B 74 -8.13 -39.03 1.49
CA TRP B 74 -7.48 -39.84 0.47
C TRP B 74 -6.01 -40.08 0.83
N TRP B 75 -5.60 -41.34 0.80
CA TRP B 75 -4.18 -41.68 0.91
C TRP B 75 -3.81 -42.75 -0.13
N GLY B 76 -2.97 -42.36 -1.08
CA GLY B 76 -2.54 -43.25 -2.14
C GLY B 76 -3.72 -43.82 -2.91
N GLY B 77 -4.78 -43.02 -3.07
CA GLY B 77 -5.91 -43.47 -3.86
C GLY B 77 -6.95 -44.28 -3.10
N ARG B 78 -6.87 -44.26 -1.77
CA ARG B 78 -7.88 -44.94 -0.96
C ARG B 78 -8.38 -44.03 0.15
N ARG B 79 -9.65 -44.20 0.54
CA ARG B 79 -10.24 -43.32 1.54
C ARG B 79 -10.02 -43.88 2.95
N VAL B 80 -9.48 -43.06 3.84
CA VAL B 80 -9.16 -43.47 5.20
C VAL B 80 -9.97 -42.59 6.14
N PRO B 81 -10.77 -43.22 7.02
CA PRO B 81 -11.50 -42.45 8.04
C PRO B 81 -10.55 -41.53 8.81
N MSE B 82 -10.95 -40.26 8.99
CA MSE B 82 -10.04 -39.26 9.50
C MSE B 82 -10.75 -38.29 10.44
O MSE B 82 -11.84 -37.82 10.14
CB MSE B 82 -9.37 -38.50 8.34
CG MSE B 82 -8.27 -37.51 8.76
SE MSE B 82 -8.97 -35.71 9.14
CE MSE B 82 -8.93 -35.02 7.33
N ALA B 83 -10.13 -38.00 11.59
CA ALA B 83 -10.71 -37.06 12.55
C ALA B 83 -10.19 -35.64 12.33
N GLY B 84 -11.01 -34.77 11.73
CA GLY B 84 -10.57 -33.40 11.48
C GLY B 84 -10.87 -32.46 12.65
N ILE B 85 -9.82 -32.01 13.34
CA ILE B 85 -10.01 -31.22 14.55
C ILE B 85 -10.25 -29.74 14.22
N ALA B 86 -11.31 -29.15 14.76
CA ALA B 86 -11.67 -27.78 14.41
C ALA B 86 -12.10 -26.96 15.62
N GLY B 87 -11.99 -25.63 15.49
CA GLY B 87 -12.48 -24.72 16.52
C GLY B 87 -11.88 -24.97 17.89
N VAL B 88 -10.58 -25.24 17.96
CA VAL B 88 -9.95 -25.44 19.27
C VAL B 88 -9.81 -24.09 19.97
N VAL B 89 -10.50 -23.92 21.09
CA VAL B 89 -10.50 -22.64 21.81
C VAL B 89 -10.40 -22.82 23.33
N VAL B 90 -9.66 -21.92 23.98
CA VAL B 90 -9.57 -21.89 25.43
C VAL B 90 -9.77 -20.46 25.92
N ALA B 91 -10.57 -20.30 26.97
CA ALA B 91 -10.81 -18.98 27.57
C ALA B 91 -9.49 -18.32 28.01
N PRO B 92 -9.32 -17.00 27.71
CA PRO B 92 -8.05 -16.31 27.93
C PRO B 92 -7.44 -16.57 29.31
N GLU B 93 -8.24 -16.50 30.39
CA GLU B 93 -7.67 -16.63 31.73
C GLU B 93 -7.40 -18.09 32.11
N TYR B 94 -7.72 -19.03 31.22
CA TYR B 94 -7.45 -20.43 31.49
C TYR B 94 -6.34 -20.97 30.57
N ARG B 95 -5.75 -20.09 29.74
CA ARG B 95 -4.67 -20.48 28.85
C ARG B 95 -3.34 -20.65 29.60
N GLY B 96 -2.40 -21.38 28.98
CA GLY B 96 -1.08 -21.59 29.57
C GLY B 96 -1.07 -22.37 30.88
N ARG B 97 -2.05 -23.26 31.05
CA ARG B 97 -2.15 -24.06 32.28
C ARG B 97 -2.42 -25.55 32.03
N GLY B 98 -2.27 -26.01 30.79
CA GLY B 98 -2.55 -27.41 30.48
C GLY B 98 -3.99 -27.72 30.10
N VAL B 99 -4.83 -26.69 29.98
CA VAL B 99 -6.24 -26.90 29.64
C VAL B 99 -6.41 -27.36 28.19
N GLY B 100 -5.79 -26.62 27.26
CA GLY B 100 -5.81 -27.01 25.87
C GLY B 100 -5.32 -28.44 25.68
N SER B 101 -4.25 -28.80 26.38
CA SER B 101 -3.68 -30.15 26.29
C SER B 101 -4.62 -31.22 26.84
N LEU B 102 -5.23 -30.93 27.99
CA LEU B 102 -6.26 -31.79 28.59
C LEU B 102 -7.39 -32.02 27.58
N LEU B 103 -7.85 -30.93 26.97
CA LEU B 103 -8.90 -30.98 25.95
C LEU B 103 -8.48 -31.90 24.80
N MSE B 104 -7.30 -31.64 24.24
CA MSE B 104 -6.84 -32.35 23.05
C MSE B 104 -6.59 -33.84 23.33
O MSE B 104 -6.82 -34.68 22.47
CB MSE B 104 -5.58 -31.71 22.47
CG MSE B 104 -5.82 -30.40 21.73
SE MSE B 104 -7.10 -30.66 20.28
CE MSE B 104 -6.11 -32.00 19.25
N ARG B 105 -6.12 -34.16 24.53
CA ARG B 105 -5.95 -35.55 24.91
C ARG B 105 -7.33 -36.24 24.91
N GLY B 106 -8.38 -35.49 25.30
CA GLY B 106 -9.72 -36.03 25.29
C GLY B 106 -10.24 -36.16 23.87
N VAL B 107 -9.84 -35.22 23.02
CA VAL B 107 -10.23 -35.27 21.62
C VAL B 107 -9.61 -36.48 20.93
N LEU B 108 -8.32 -36.73 21.20
CA LEU B 108 -7.63 -37.88 20.62
C LEU B 108 -8.28 -39.18 21.07
N GLU B 109 -8.62 -39.26 22.35
CA GLU B 109 -9.24 -40.47 22.87
C GLU B 109 -10.61 -40.70 22.22
N ARG B 110 -11.38 -39.63 22.03
CA ARG B 110 -12.71 -39.74 21.40
C ARG B 110 -12.58 -40.18 19.93
N SER B 111 -11.59 -39.64 19.23
CA SER B 111 -11.37 -40.00 17.83
C SER B 111 -11.00 -41.48 17.68
N ARG B 112 -10.19 -41.98 18.61
CA ARG B 112 -9.85 -43.40 18.61
C ARG B 112 -11.10 -44.25 18.82
N ASP B 113 -11.91 -43.86 19.80
CA ASP B 113 -13.14 -44.60 20.14
C ASP B 113 -14.13 -44.65 18.98
N LYS B 114 -14.10 -43.64 18.12
CA LYS B 114 -14.98 -43.59 16.97
C LYS B 114 -14.38 -44.38 15.81
N GLY B 115 -13.20 -44.95 16.03
CA GLY B 115 -12.53 -45.78 15.03
C GLY B 115 -11.86 -45.01 13.90
N MSE B 116 -11.44 -43.78 14.19
CA MSE B 116 -10.70 -43.02 13.19
C MSE B 116 -9.20 -43.24 13.39
O MSE B 116 -8.65 -42.87 14.42
CB MSE B 116 -11.10 -41.54 13.26
CG MSE B 116 -12.62 -41.40 13.09
SE MSE B 116 -13.33 -39.59 13.05
CE MSE B 116 -13.53 -39.28 14.95
N PRO B 117 -8.54 -43.87 12.40
CA PRO B 117 -7.12 -44.23 12.57
C PRO B 117 -6.17 -43.05 12.39
N ILE B 118 -6.63 -41.94 11.84
CA ILE B 118 -5.80 -40.74 11.70
C ILE B 118 -6.55 -39.45 12.05
N SER B 119 -5.80 -38.38 12.28
CA SER B 119 -6.39 -37.08 12.63
C SER B 119 -5.61 -35.99 11.90
N ALA B 120 -6.31 -34.95 11.46
CA ALA B 120 -5.63 -33.79 10.87
C ALA B 120 -6.23 -32.46 11.34
N LEU B 121 -5.43 -31.40 11.21
CA LEU B 121 -5.86 -30.06 11.60
C LEU B 121 -4.91 -29.02 11.01
N TYR B 122 -5.42 -27.79 10.92
CA TYR B 122 -4.60 -26.63 10.61
C TYR B 122 -4.31 -25.90 11.93
N PRO B 123 -3.04 -25.90 12.35
CA PRO B 123 -2.73 -25.35 13.67
C PRO B 123 -2.52 -23.85 13.64
N ALA B 124 -3.00 -23.14 14.65
CA ALA B 124 -2.71 -21.71 14.76
C ALA B 124 -1.32 -21.54 15.39
N THR B 125 -0.99 -22.45 16.29
CA THR B 125 0.34 -22.50 16.90
C THR B 125 0.75 -23.97 16.82
N THR B 126 2.02 -24.24 16.57
CA THR B 126 2.48 -25.61 16.34
C THR B 126 2.83 -26.33 17.64
N VAL B 127 3.14 -25.57 18.68
CA VAL B 127 3.76 -26.14 19.88
C VAL B 127 2.89 -27.18 20.57
N ILE B 128 1.63 -26.83 20.83
CA ILE B 128 0.76 -27.74 21.57
C ILE B 128 0.55 -29.01 20.78
N TYR B 129 0.34 -28.90 19.47
CA TYR B 129 0.03 -30.07 18.66
C TYR B 129 1.24 -30.99 18.47
N ARG B 130 2.42 -30.38 18.35
CA ARG B 130 3.65 -31.17 18.29
C ARG B 130 3.87 -31.97 19.57
N HIS B 131 3.60 -31.34 20.72
CA HIS B 131 3.67 -32.06 22.00
C HIS B 131 2.74 -33.27 22.01
N LEU B 132 1.59 -33.15 21.34
CA LEU B 132 0.60 -34.22 21.30
C LEU B 132 0.87 -35.21 20.17
N GLY B 133 1.90 -34.94 19.37
CA GLY B 133 2.37 -35.90 18.38
C GLY B 133 2.01 -35.63 16.93
N TYR B 134 1.38 -34.48 16.66
CA TYR B 134 1.07 -34.07 15.29
C TYR B 134 2.29 -33.55 14.57
N GLU B 135 2.33 -33.67 13.24
CA GLU B 135 3.40 -33.04 12.47
C GLU B 135 2.86 -32.66 11.11
N PHE B 136 3.50 -31.70 10.44
CA PHE B 136 3.05 -31.25 9.13
C PHE B 136 3.05 -32.41 8.17
N GLY B 137 1.98 -32.54 7.39
CA GLY B 137 1.82 -33.71 6.56
C GLY B 137 1.55 -33.33 5.11
N GLY B 138 1.22 -32.06 4.86
CA GLY B 138 0.82 -31.66 3.52
C GLY B 138 0.42 -30.20 3.42
N HIS B 139 0.02 -29.78 2.22
CA HIS B 139 -0.17 -28.36 1.94
C HIS B 139 -1.54 -28.05 1.36
N ARG B 140 -1.86 -26.77 1.38
CA ARG B 140 -2.98 -26.24 0.61
C ARG B 140 -2.45 -25.04 -0.17
N TYR B 141 -2.61 -25.11 -1.49
CA TYR B 141 -2.00 -24.14 -2.41
C TYR B 141 -3.08 -23.28 -3.03
N ARG B 142 -2.88 -21.96 -3.08
CA ARG B 142 -3.74 -21.11 -3.92
C ARG B 142 -2.89 -20.38 -4.96
N PHE B 143 -3.26 -20.54 -6.22
CA PHE B 143 -2.55 -19.84 -7.31
C PHE B 143 -3.48 -18.87 -8.02
N SER B 144 -2.90 -17.82 -8.61
CA SER B 144 -3.70 -16.79 -9.27
C SER B 144 -3.38 -16.69 -10.77
N PHE B 145 -4.44 -16.75 -11.58
CA PHE B 145 -4.34 -16.78 -13.04
C PHE B 145 -5.06 -15.58 -13.65
N GLN B 146 -4.78 -15.27 -14.90
CA GLN B 146 -5.51 -14.21 -15.59
C GLN B 146 -6.80 -14.78 -16.16
N ALA B 147 -7.94 -14.15 -15.85
CA ALA B 147 -9.22 -14.65 -16.35
C ALA B 147 -9.28 -14.75 -17.89
N ALA B 148 -8.69 -13.78 -18.57
CA ALA B 148 -8.76 -13.73 -20.04
C ALA B 148 -8.02 -14.92 -20.65
N ASP B 149 -6.99 -15.39 -19.95
CA ASP B 149 -6.22 -16.56 -20.38
C ASP B 149 -7.09 -17.82 -20.30
N LEU B 150 -7.82 -18.00 -19.19
CA LEU B 150 -8.71 -19.15 -19.01
C LEU B 150 -9.89 -19.14 -20.00
N ARG B 151 -10.38 -17.94 -20.29
CA ARG B 151 -11.54 -17.78 -21.18
C ARG B 151 -11.24 -18.39 -22.53
N SER B 152 -9.99 -18.27 -22.97
CA SER B 152 -9.60 -18.67 -24.32
C SER B 152 -9.20 -20.14 -24.47
N LEU B 153 -9.37 -20.95 -23.43
CA LEU B 153 -8.88 -22.33 -23.46
C LEU B 153 -9.68 -23.26 -24.38
N GLY B 154 -10.88 -22.87 -24.78
CA GLY B 154 -11.61 -23.66 -25.77
C GLY B 154 -12.50 -24.74 -25.18
N GLY B 155 -12.53 -25.90 -25.82
CA GLY B 155 -13.44 -26.97 -25.42
C GLY B 155 -14.91 -26.61 -25.58
N ARG B 156 -15.22 -25.71 -26.52
CA ARG B 156 -16.59 -25.20 -26.68
C ARG B 156 -17.59 -26.29 -27.08
N GLU B 157 -17.07 -27.42 -27.54
CA GLU B 157 -17.90 -28.55 -27.97
C GLU B 157 -18.41 -29.39 -26.79
N VAL B 158 -17.82 -29.20 -25.61
CA VAL B 158 -18.24 -29.95 -24.42
C VAL B 158 -19.52 -29.37 -23.82
N ALA B 159 -20.49 -30.24 -23.55
CA ALA B 159 -21.73 -29.83 -22.92
C ALA B 159 -21.49 -29.54 -21.44
N VAL B 160 -21.73 -28.30 -21.03
CA VAL B 160 -21.56 -27.91 -19.63
C VAL B 160 -22.88 -27.29 -19.17
N ARG B 161 -23.43 -27.79 -18.06
CA ARG B 161 -24.70 -27.28 -17.55
C ARG B 161 -24.58 -26.87 -16.08
N ARG B 162 -25.41 -25.91 -15.66
CA ARG B 162 -25.42 -25.49 -14.26
C ARG B 162 -25.84 -26.67 -13.40
N ALA B 163 -25.21 -26.82 -12.24
CA ALA B 163 -25.50 -27.95 -11.37
C ALA B 163 -26.05 -27.45 -10.04
N GLY B 164 -26.65 -28.38 -9.29
CA GLY B 164 -27.31 -28.03 -8.05
C GLY B 164 -27.18 -29.14 -7.02
N ALA B 165 -27.96 -29.05 -5.96
CA ALA B 165 -27.95 -30.02 -4.87
C ALA B 165 -28.14 -31.45 -5.37
N LYS B 166 -29.05 -31.64 -6.32
CA LYS B 166 -29.38 -32.97 -6.86
C LYS B 166 -28.18 -33.68 -7.53
N ASP B 167 -27.11 -32.95 -7.80
CA ASP B 167 -25.95 -33.53 -8.47
C ASP B 167 -24.84 -33.94 -7.50
N ALA B 168 -25.16 -33.96 -6.21
CA ALA B 168 -24.14 -34.26 -5.21
C ALA B 168 -23.53 -35.64 -5.43
N ALA B 169 -24.39 -36.64 -5.60
CA ALA B 169 -23.91 -38.01 -5.77
C ALA B 169 -23.04 -38.14 -7.02
N ARG B 170 -23.40 -37.44 -8.08
CA ARG B 170 -22.60 -37.45 -9.31
C ARG B 170 -21.22 -36.82 -9.11
N PHE B 171 -21.15 -35.76 -8.31
CA PHE B 171 -19.87 -35.09 -8.04
C PHE B 171 -18.95 -36.04 -7.29
N LEU B 172 -19.49 -36.71 -6.28
CA LEU B 172 -18.73 -37.67 -5.48
C LEU B 172 -18.15 -38.75 -6.36
N GLU B 173 -18.97 -39.24 -7.28
CA GLU B 173 -18.56 -40.28 -8.23
C GLU B 173 -17.39 -39.81 -9.10
N LEU B 174 -17.51 -38.58 -9.63
CA LEU B 174 -16.49 -38.01 -10.50
C LEU B 174 -15.15 -37.84 -9.77
N VAL B 175 -15.21 -37.34 -8.54
CA VAL B 175 -14.02 -37.12 -7.72
C VAL B 175 -13.35 -38.46 -7.40
N GLY B 176 -14.18 -39.45 -7.06
CA GLY B 176 -13.72 -40.77 -6.69
C GLY B 176 -12.94 -41.42 -7.81
N THR B 177 -13.49 -41.37 -9.02
CA THR B 177 -12.82 -41.88 -10.21
C THR B 177 -11.45 -41.20 -10.41
N ALA B 178 -11.44 -39.88 -10.30
CA ALA B 178 -10.22 -39.12 -10.51
C ALA B 178 -9.14 -39.46 -9.48
N HIS B 179 -9.50 -39.47 -8.21
CA HIS B 179 -8.49 -39.62 -7.16
C HIS B 179 -7.95 -41.04 -7.12
N GLU B 180 -8.78 -41.99 -7.55
CA GLU B 180 -8.36 -43.38 -7.58
C GLU B 180 -7.38 -43.61 -8.72
N ALA B 181 -7.61 -42.95 -9.84
CA ALA B 181 -6.70 -43.11 -10.98
C ALA B 181 -5.34 -42.46 -10.71
N SER B 182 -5.34 -41.33 -10.00
CA SER B 182 -4.11 -40.60 -9.74
C SER B 182 -3.45 -41.02 -8.43
N ARG B 183 -4.11 -41.90 -7.68
CA ARG B 183 -3.65 -42.29 -6.34
C ARG B 183 -3.40 -41.05 -5.48
N ALA B 184 -4.38 -40.16 -5.44
CA ALA B 184 -4.21 -38.89 -4.76
C ALA B 184 -4.09 -39.08 -3.25
N SER B 185 -3.43 -38.14 -2.60
CA SER B 185 -3.29 -38.13 -1.16
C SER B 185 -3.63 -36.75 -0.59
N GLY B 186 -4.24 -36.74 0.59
CA GLY B 186 -4.48 -35.51 1.33
C GLY B 186 -5.88 -34.94 1.25
N LEU B 187 -6.53 -35.13 0.11
CA LEU B 187 -7.84 -34.52 -0.13
C LEU B 187 -8.90 -35.01 0.85
N LEU B 188 -9.79 -34.11 1.26
CA LEU B 188 -10.90 -34.47 2.16
C LEU B 188 -12.05 -35.12 1.42
N VAL B 189 -12.72 -36.04 2.10
CA VAL B 189 -13.97 -36.59 1.63
C VAL B 189 -15.02 -36.06 2.60
N TRP B 190 -15.98 -35.29 2.06
CA TRP B 190 -17.11 -34.79 2.84
C TRP B 190 -18.31 -35.73 2.67
N PRO B 191 -19.20 -35.75 3.68
CA PRO B 191 -20.48 -36.46 3.54
C PRO B 191 -21.28 -35.92 2.35
N GLU B 192 -22.05 -36.78 1.69
CA GLU B 192 -22.87 -36.34 0.57
C GLU B 192 -23.80 -35.18 0.97
N SER B 193 -24.14 -35.13 2.26
CA SER B 193 -25.05 -34.11 2.80
C SER B 193 -24.40 -32.72 2.78
N LYS B 194 -23.12 -32.65 3.12
CA LYS B 194 -22.40 -31.38 3.16
C LYS B 194 -22.13 -30.86 1.75
N ILE B 195 -21.88 -31.78 0.83
CA ILE B 195 -21.73 -31.45 -0.57
C ILE B 195 -23.05 -30.89 -1.13
N ALA B 196 -24.16 -31.46 -0.70
CA ALA B 196 -25.46 -30.93 -1.12
C ALA B 196 -25.66 -29.49 -0.64
N GLU B 197 -25.34 -29.20 0.62
CA GLU B 197 -25.38 -27.82 1.13
C GLU B 197 -24.53 -26.90 0.27
N TRP B 198 -23.25 -27.26 0.11
CA TRP B 198 -22.30 -26.60 -0.78
C TRP B 198 -22.93 -26.22 -2.12
N LEU B 199 -23.48 -27.23 -2.81
CA LEU B 199 -24.02 -27.01 -4.15
C LEU B 199 -25.32 -26.22 -4.10
N GLU B 200 -25.95 -26.19 -2.93
CA GLU B 200 -27.23 -25.51 -2.78
C GLU B 200 -27.05 -24.03 -2.45
N ASP B 201 -25.92 -23.68 -1.84
CA ASP B 201 -25.57 -22.30 -1.51
C ASP B 201 -25.53 -21.46 -2.78
N GLU B 202 -26.37 -20.43 -2.86
CA GLU B 202 -26.52 -19.68 -4.09
C GLU B 202 -25.33 -18.78 -4.36
N GLU B 203 -24.43 -18.69 -3.39
CA GLU B 203 -23.20 -17.93 -3.60
C GLU B 203 -22.14 -18.80 -4.29
N ASN B 204 -22.43 -20.10 -4.40
CA ASN B 204 -21.52 -21.03 -5.10
C ASN B 204 -22.03 -21.34 -6.49
N PHE B 205 -21.14 -21.21 -7.47
CA PHE B 205 -21.53 -21.39 -8.86
C PHE B 205 -20.91 -22.73 -9.30
N ALA B 206 -21.76 -23.73 -9.53
CA ALA B 206 -21.31 -25.08 -9.89
C ALA B 206 -21.79 -25.49 -11.28
N TYR B 207 -20.90 -26.13 -12.03
CA TYR B 207 -21.18 -26.57 -13.40
C TYR B 207 -20.71 -28.00 -13.57
N LEU B 208 -21.47 -28.77 -14.34
CA LEU B 208 -21.22 -30.18 -14.47
C LEU B 208 -21.11 -30.56 -15.94
N ALA B 209 -20.05 -31.31 -16.26
CA ALA B 209 -19.92 -31.94 -17.58
C ALA B 209 -19.99 -33.45 -17.38
N GLU B 210 -20.07 -34.21 -18.46
CA GLU B 210 -20.14 -35.66 -18.37
C GLU B 210 -18.98 -36.26 -17.57
N ASP B 211 -17.79 -35.68 -17.70
CA ASP B 211 -16.61 -36.21 -16.98
C ASP B 211 -15.84 -35.16 -16.20
N GLY B 212 -16.54 -34.15 -15.68
CA GLY B 212 -15.89 -33.15 -14.85
C GLY B 212 -16.87 -32.18 -14.23
N PHE B 213 -16.41 -31.39 -13.28
CA PHE B 213 -17.24 -30.32 -12.74
C PHE B 213 -16.32 -29.19 -12.22
N VAL B 214 -16.92 -28.02 -11.99
CA VAL B 214 -16.21 -26.94 -11.32
C VAL B 214 -17.15 -26.24 -10.36
N VAL B 215 -16.61 -25.76 -9.24
CA VAL B 215 -17.37 -24.92 -8.33
C VAL B 215 -16.53 -23.69 -8.03
N TYR B 216 -17.14 -22.52 -8.23
CA TYR B 216 -16.43 -21.27 -7.98
C TYR B 216 -17.36 -20.21 -7.42
N ASN B 217 -16.77 -19.10 -7.00
CA ASN B 217 -17.53 -18.00 -6.39
C ASN B 217 -16.76 -16.68 -6.43
N TRP B 218 -17.39 -15.60 -5.99
CA TRP B 218 -16.74 -14.31 -5.97
C TRP B 218 -15.81 -14.17 -4.76
N SER B 219 -14.65 -13.58 -4.97
CA SER B 219 -13.75 -13.23 -3.87
C SER B 219 -13.25 -11.80 -4.12
N ASP B 220 -13.86 -10.82 -3.44
CA ASP B 220 -13.47 -9.42 -3.57
C ASP B 220 -13.28 -8.92 -5.00
N GLY B 221 -14.20 -9.22 -5.90
CA GLY B 221 -14.07 -8.68 -7.26
C GLY B 221 -13.40 -9.64 -8.23
N ASP B 222 -12.66 -10.59 -7.68
CA ASP B 222 -12.12 -11.67 -8.50
C ASP B 222 -12.93 -12.96 -8.31
N LEU B 223 -12.66 -13.96 -9.14
CA LEU B 223 -13.31 -15.25 -8.99
C LEU B 223 -12.36 -16.21 -8.27
N GLN B 224 -12.93 -17.12 -7.50
CA GLN B 224 -12.15 -18.14 -6.78
C GLN B 224 -12.71 -19.51 -7.08
N VAL B 225 -11.86 -20.41 -7.59
CA VAL B 225 -12.24 -21.78 -7.85
C VAL B 225 -12.01 -22.63 -6.59
N ASP B 226 -13.08 -23.21 -6.04
CA ASP B 226 -12.99 -24.06 -4.86
C ASP B 226 -12.46 -25.42 -5.27
N GLU B 227 -12.91 -25.90 -6.43
CA GLU B 227 -12.51 -27.20 -6.95
C GLU B 227 -12.85 -27.35 -8.42
N LEU B 228 -11.91 -27.90 -9.19
CA LEU B 228 -12.20 -28.29 -10.57
C LEU B 228 -11.70 -29.70 -10.75
N VAL B 229 -12.57 -30.57 -11.26
CA VAL B 229 -12.21 -31.96 -11.55
C VAL B 229 -12.53 -32.24 -13.02
N ALA B 230 -11.59 -32.85 -13.75
CA ALA B 230 -11.81 -33.10 -15.18
C ALA B 230 -11.02 -34.31 -15.65
N HIS B 231 -11.70 -35.29 -16.25
CA HIS B 231 -11.08 -36.54 -16.67
C HIS B 231 -10.46 -36.49 -18.06
N SER B 232 -10.75 -35.44 -18.83
CA SER B 232 -10.19 -35.32 -20.18
C SER B 232 -9.82 -33.87 -20.51
N GLU B 233 -9.00 -33.71 -21.54
CA GLU B 233 -8.53 -32.38 -21.93
C GLU B 233 -9.65 -31.44 -22.36
N ALA B 234 -10.56 -31.93 -23.20
CA ALA B 234 -11.61 -31.06 -23.72
C ALA B 234 -12.43 -30.56 -22.56
N THR B 235 -12.64 -31.43 -21.57
CA THR B 235 -13.46 -31.06 -20.43
C THR B 235 -12.76 -30.06 -19.53
N ALA B 236 -11.47 -30.29 -19.26
CA ALA B 236 -10.67 -29.33 -18.47
C ALA B 236 -10.74 -27.95 -19.12
N ARG B 237 -10.56 -27.92 -20.44
CA ARG B 237 -10.62 -26.66 -21.16
C ARG B 237 -11.98 -26.00 -21.03
N ALA B 238 -13.05 -26.77 -21.21
CA ALA B 238 -14.39 -26.23 -21.16
C ALA B 238 -14.74 -25.69 -19.78
N LEU B 239 -14.27 -26.37 -18.74
CA LEU B 239 -14.61 -25.95 -17.39
C LEU B 239 -13.80 -24.69 -17.02
N TRP B 240 -12.52 -24.65 -17.38
CA TRP B 240 -11.74 -23.46 -17.08
C TRP B 240 -12.30 -22.27 -17.87
N ALA B 241 -12.68 -22.51 -19.13
CA ALA B 241 -13.24 -21.46 -19.98
C ALA B 241 -14.53 -20.92 -19.40
N THR B 242 -15.29 -21.77 -18.72
CA THR B 242 -16.55 -21.35 -18.11
C THR B 242 -16.26 -20.34 -17.00
N VAL B 243 -15.32 -20.68 -16.11
CA VAL B 243 -14.88 -19.75 -15.07
C VAL B 243 -14.35 -18.46 -15.69
N GLY B 244 -13.45 -18.59 -16.67
CA GLY B 244 -12.79 -17.46 -17.31
C GLY B 244 -13.74 -16.58 -18.12
N SER B 245 -14.92 -17.11 -18.45
CA SER B 245 -15.88 -16.36 -19.24
C SER B 245 -16.30 -15.06 -18.53
N GLY B 246 -16.00 -14.94 -17.23
CA GLY B 246 -16.33 -13.71 -16.52
C GLY B 246 -15.24 -12.64 -16.57
N ALA B 247 -14.30 -12.81 -17.51
CA ALA B 247 -13.11 -11.96 -17.59
C ALA B 247 -13.42 -10.48 -17.83
N SER B 248 -14.59 -10.20 -18.41
CA SER B 248 -14.97 -8.79 -18.64
C SER B 248 -15.14 -8.02 -17.32
N ILE B 249 -15.34 -8.75 -16.23
CA ILE B 249 -15.53 -8.14 -14.92
C ILE B 249 -14.41 -8.53 -13.96
N ALA B 250 -14.14 -9.83 -13.89
CA ALA B 250 -13.10 -10.36 -12.99
C ALA B 250 -11.81 -10.51 -13.77
N ARG B 251 -10.77 -9.76 -13.40
CA ARG B 251 -9.53 -9.87 -14.13
C ARG B 251 -8.72 -11.10 -13.67
N THR B 252 -8.94 -11.52 -12.44
CA THR B 252 -8.09 -12.53 -11.84
C THR B 252 -8.94 -13.70 -11.35
N VAL B 253 -8.50 -14.93 -11.60
CA VAL B 253 -9.10 -16.07 -10.90
C VAL B 253 -8.09 -16.81 -10.03
N HIS B 254 -8.42 -16.93 -8.75
CA HIS B 254 -7.59 -17.67 -7.82
C HIS B 254 -8.14 -19.07 -7.81
N ALA B 255 -7.26 -20.06 -7.67
CA ALA B 255 -7.69 -21.44 -7.64
C ALA B 255 -6.95 -22.21 -6.57
N TYR B 256 -7.69 -22.97 -5.78
CA TYR B 256 -7.11 -23.94 -4.90
C TYR B 256 -6.91 -25.23 -5.71
N LEU B 257 -5.65 -25.65 -5.80
CA LEU B 257 -5.29 -26.88 -6.50
C LEU B 257 -3.83 -27.25 -6.24
N SER B 258 -3.40 -28.40 -6.75
N SER B 258 -3.39 -28.40 -6.72
CA SER B 258 -2.01 -28.84 -6.61
CA SER B 258 -2.00 -28.83 -6.54
C SER B 258 -1.07 -28.12 -7.57
C SER B 258 -1.07 -28.16 -7.54
N PRO B 259 0.23 -28.03 -7.20
CA PRO B 259 1.20 -27.50 -8.17
C PRO B 259 1.39 -28.48 -9.33
N ASN B 260 0.91 -29.71 -9.19
CA ASN B 260 0.87 -30.65 -10.32
C ASN B 260 -0.40 -30.61 -11.18
N ASP B 261 -1.29 -29.65 -10.94
CA ASP B 261 -2.54 -29.57 -11.71
C ASP B 261 -2.25 -29.31 -13.20
N PRO B 262 -3.03 -29.96 -14.09
CA PRO B 262 -2.81 -29.78 -15.53
C PRO B 262 -3.05 -28.34 -16.03
N VAL B 263 -3.76 -27.49 -15.28
CA VAL B 263 -3.99 -26.12 -15.72
C VAL B 263 -2.65 -25.38 -15.99
N HIS B 264 -1.64 -25.63 -15.17
CA HIS B 264 -0.32 -25.03 -15.38
C HIS B 264 0.25 -25.38 -16.74
N LEU B 265 -0.12 -26.56 -17.26
CA LEU B 265 0.35 -26.99 -18.57
C LEU B 265 -0.52 -26.44 -19.70
N LEU B 266 -1.69 -25.92 -19.35
CA LEU B 266 -2.68 -25.49 -20.34
C LEU B 266 -2.68 -23.98 -20.60
N VAL B 267 -2.56 -23.19 -19.54
CA VAL B 267 -2.71 -21.74 -19.70
C VAL B 267 -1.48 -21.12 -20.33
N GLU B 268 -1.67 -20.03 -21.07
CA GLU B 268 -0.54 -19.34 -21.69
C GLU B 268 0.33 -18.64 -20.65
N HIS B 269 -0.31 -17.92 -19.74
CA HIS B 269 0.40 -17.11 -18.78
C HIS B 269 0.53 -17.88 -17.47
N GLU B 270 1.76 -17.99 -17.00
CA GLU B 270 2.07 -18.68 -15.76
C GLU B 270 1.30 -18.04 -14.59
N ALA B 271 0.84 -18.85 -13.64
CA ALA B 271 0.25 -18.35 -12.40
C ALA B 271 1.17 -17.30 -11.77
N ASP B 272 0.60 -16.32 -11.08
CA ASP B 272 1.42 -15.27 -10.45
C ASP B 272 2.46 -15.90 -9.55
N LYS B 273 3.65 -15.31 -9.51
CA LYS B 273 4.71 -15.76 -8.60
C LYS B 273 4.21 -15.80 -7.14
N GLN B 274 3.35 -14.84 -6.77
CA GLN B 274 2.85 -14.78 -5.38
C GLN B 274 1.73 -15.75 -5.23
N ALA B 275 1.96 -16.76 -4.39
CA ALA B 275 0.95 -17.81 -4.21
C ALA B 275 0.71 -17.94 -2.72
N HIS B 276 -0.35 -18.64 -2.33
CA HIS B 276 -0.53 -18.98 -0.91
C HIS B 276 -0.13 -20.43 -0.71
N VAL B 277 0.68 -20.68 0.31
CA VAL B 277 1.04 -22.02 0.70
C VAL B 277 0.79 -22.16 2.20
N GLN B 278 -0.24 -22.92 2.58
CA GLN B 278 -0.54 -23.24 3.98
C GLN B 278 -0.21 -24.71 4.25
N ARG B 279 -0.05 -25.06 5.52
CA ARG B 279 0.30 -26.42 5.89
C ARG B 279 -0.72 -26.98 6.85
N TRP B 280 -1.02 -28.27 6.73
CA TRP B 280 -1.85 -28.94 7.73
C TRP B 280 -1.06 -30.07 8.36
N MSE B 281 -1.48 -30.45 9.57
CA MSE B 281 -0.79 -31.47 10.34
C MSE B 281 -1.56 -32.79 10.36
O MSE B 281 -2.77 -32.80 10.14
CB MSE B 281 -0.59 -30.97 11.76
CG MSE B 281 0.46 -29.90 11.85
SE MSE B 281 0.88 -29.51 13.72
CE MSE B 281 2.73 -28.94 13.41
N LEU B 282 -0.84 -33.87 10.64
CA LEU B 282 -1.39 -35.23 10.65
C LEU B 282 -0.91 -35.96 11.90
N ARG B 283 -1.72 -36.84 12.46
CA ARG B 283 -1.26 -37.75 13.50
C ARG B 283 -1.89 -39.11 13.27
N LEU B 284 -1.12 -40.18 13.50
CA LEU B 284 -1.71 -41.54 13.47
C LEU B 284 -2.24 -41.87 14.86
N LEU B 285 -3.46 -42.40 14.91
CA LEU B 285 -4.07 -42.80 16.19
C LEU B 285 -4.10 -44.32 16.33
N ASP B 286 -4.15 -45.03 15.20
CA ASP B 286 -4.20 -46.50 15.16
C ASP B 286 -3.35 -46.94 13.97
N ALA B 287 -2.04 -47.07 14.18
CA ALA B 287 -1.09 -47.30 13.10
C ALA B 287 -1.42 -48.50 12.19
N PRO B 288 -1.74 -49.68 12.78
CA PRO B 288 -2.10 -50.80 11.90
C PRO B 288 -3.32 -50.49 11.02
N ALA B 289 -4.37 -49.89 11.59
CA ALA B 289 -5.56 -49.59 10.79
C ALA B 289 -5.25 -48.55 9.72
N ALA B 290 -4.41 -47.57 10.05
CA ALA B 290 -4.06 -46.55 9.07
C ALA B 290 -3.28 -47.17 7.91
N ILE B 291 -2.33 -48.03 8.25
CA ILE B 291 -1.55 -48.73 7.23
C ILE B 291 -2.46 -49.63 6.37
N ALA B 292 -3.33 -50.41 7.01
CA ALA B 292 -4.23 -51.31 6.28
C ALA B 292 -5.18 -50.56 5.35
N ALA B 293 -5.43 -49.29 5.65
CA ALA B 293 -6.39 -48.51 4.84
C ALA B 293 -5.72 -47.69 3.75
N ARG B 294 -4.41 -47.48 3.85
CA ARG B 294 -3.67 -46.61 2.93
C ARG B 294 -3.45 -47.30 1.58
N GLY B 295 -3.47 -46.52 0.49
CA GLY B 295 -3.03 -47.04 -0.80
C GLY B 295 -1.52 -46.91 -0.89
N PHE B 296 -0.85 -47.91 -1.45
CA PHE B 296 0.60 -47.83 -1.62
C PHE B 296 1.02 -47.75 -3.08
N ALA B 297 2.22 -47.24 -3.34
CA ALA B 297 2.72 -47.06 -4.71
C ALA B 297 2.76 -48.35 -5.52
N PRO B 298 2.26 -48.29 -6.76
CA PRO B 298 2.27 -49.42 -7.70
C PRO B 298 3.67 -49.95 -7.87
N GLY B 299 3.84 -51.26 -7.73
CA GLY B 299 5.15 -51.86 -7.87
C GLY B 299 5.98 -51.87 -6.60
N ALA B 300 5.68 -50.96 -5.68
CA ALA B 300 6.46 -50.87 -4.44
C ALA B 300 6.39 -52.13 -3.58
N ALA B 301 7.54 -52.67 -3.21
CA ALA B 301 7.59 -53.76 -2.25
C ALA B 301 8.49 -53.36 -1.09
N ALA B 302 8.11 -53.79 0.10
CA ALA B 302 8.92 -53.50 1.28
C ALA B 302 8.60 -54.46 2.41
N GLU B 303 9.65 -54.97 3.03
CA GLU B 303 9.58 -55.74 4.25
C GLU B 303 10.53 -55.07 5.23
N VAL B 304 9.97 -54.25 6.11
CA VAL B 304 10.75 -53.39 7.00
C VAL B 304 10.21 -53.43 8.42
N ASP B 305 11.10 -53.40 9.41
CA ASP B 305 10.67 -53.27 10.80
C ASP B 305 10.71 -51.80 11.24
N LEU B 306 9.76 -51.43 12.08
CA LEU B 306 9.65 -50.06 12.58
C LEU B 306 9.52 -50.10 14.10
N LEU B 307 10.29 -49.24 14.77
CA LEU B 307 10.18 -49.12 16.22
C LEU B 307 9.48 -47.81 16.56
N ILE B 308 8.21 -47.91 16.95
CA ILE B 308 7.42 -46.73 17.25
C ILE B 308 7.45 -46.44 18.74
N ASP B 309 7.71 -45.18 19.09
CA ASP B 309 7.67 -44.74 20.48
C ASP B 309 6.64 -43.62 20.63
N ASP B 310 5.45 -43.97 21.13
CA ASP B 310 4.33 -43.03 21.19
C ASP B 310 3.64 -43.12 22.55
N PRO B 311 4.11 -42.32 23.52
CA PRO B 311 3.53 -42.36 24.87
C PRO B 311 2.15 -41.71 24.89
N GLY B 312 1.82 -40.99 23.82
CA GLY B 312 0.48 -40.43 23.68
C GLY B 312 -0.54 -41.51 23.37
N VAL B 313 -0.12 -42.48 22.55
CA VAL B 313 -0.96 -43.63 22.22
C VAL B 313 -0.17 -44.93 22.41
N PRO B 314 0.02 -45.34 23.68
CA PRO B 314 0.83 -46.51 24.06
C PRO B 314 0.53 -47.76 23.23
N ALA B 315 -0.70 -47.89 22.74
CA ALA B 315 -1.14 -49.06 22.00
C ALA B 315 -0.33 -49.31 20.72
N GLN B 316 0.13 -48.23 20.07
CA GLN B 316 0.91 -48.38 18.86
C GLN B 316 2.43 -48.30 19.10
N SER B 317 2.83 -48.16 20.37
CA SER B 317 4.25 -48.21 20.73
C SER B 317 4.77 -49.63 20.60
N GLY B 318 6.07 -49.77 20.41
CA GLY B 318 6.68 -51.08 20.28
C GLY B 318 7.22 -51.33 18.89
N ARG B 319 7.68 -52.56 18.66
CA ARG B 319 8.31 -52.89 17.39
C ARG B 319 7.32 -53.59 16.45
N TRP B 320 7.21 -53.05 15.24
CA TRP B 320 6.27 -53.57 14.24
C TRP B 320 6.99 -54.01 12.98
N HIS B 321 6.31 -54.84 12.20
CA HIS B 321 6.80 -55.21 10.88
C HIS B 321 5.89 -54.65 9.82
N LEU B 322 6.49 -53.97 8.84
CA LEU B 322 5.72 -53.34 7.79
C LEU B 322 5.93 -54.15 6.52
N SER B 323 4.85 -54.69 5.99
CA SER B 323 4.92 -55.46 4.76
C SER B 323 4.05 -54.80 3.69
N VAL B 324 4.68 -54.40 2.59
CA VAL B 324 4.02 -53.75 1.48
C VAL B 324 4.21 -54.52 0.16
N ALA B 325 3.11 -54.77 -0.54
CA ALA B 325 3.14 -55.39 -1.85
C ALA B 325 1.82 -55.15 -2.55
N ASP B 326 1.87 -54.91 -3.86
CA ASP B 326 0.69 -54.82 -4.70
C ASP B 326 -0.34 -53.77 -4.23
N GLY B 327 0.16 -52.62 -3.79
CA GLY B 327 -0.69 -51.49 -3.44
C GLY B 327 -1.27 -51.58 -2.05
N THR B 328 -0.93 -52.65 -1.34
CA THR B 328 -1.47 -52.94 -0.01
C THR B 328 -0.33 -53.02 0.99
N GLY B 329 -0.57 -52.57 2.22
CA GLY B 329 0.42 -52.70 3.28
C GLY B 329 -0.18 -53.27 4.55
N GLU B 330 0.61 -53.98 5.33
CA GLU B 330 0.14 -54.46 6.62
C GLU B 330 1.20 -54.24 7.70
N LEU B 331 0.74 -53.89 8.91
CA LEU B 331 1.63 -53.62 10.03
C LEU B 331 1.38 -54.62 11.16
N THR B 332 2.34 -55.50 11.42
CA THR B 332 2.17 -56.57 12.41
C THR B 332 3.28 -56.57 13.46
N PRO B 333 2.98 -57.04 14.68
CA PRO B 333 3.99 -57.05 15.76
C PRO B 333 5.22 -57.85 15.36
N SER B 334 6.40 -57.31 15.62
CA SER B 334 7.63 -58.00 15.25
C SER B 334 8.45 -58.36 16.47
N ASP B 335 9.10 -59.52 16.43
CA ASP B 335 9.92 -60.01 17.54
C ASP B 335 11.40 -60.10 17.18
N ARG B 336 11.82 -59.31 16.19
CA ARG B 336 13.22 -59.29 15.76
C ARG B 336 14.05 -58.32 16.58
N SER B 337 15.35 -58.27 16.32
CA SER B 337 16.28 -57.58 17.21
C SER B 337 17.35 -56.70 16.54
N GLY B 338 17.47 -56.79 15.22
CA GLY B 338 18.47 -56.01 14.50
C GLY B 338 18.32 -54.50 14.63
N ASP B 339 19.25 -53.75 14.05
CA ASP B 339 19.11 -52.30 13.99
C ASP B 339 17.79 -52.01 13.29
N VAL B 340 17.08 -50.99 13.76
CA VAL B 340 15.73 -50.72 13.31
C VAL B 340 15.47 -49.22 13.28
N LEU B 341 14.63 -48.79 12.36
CA LEU B 341 14.23 -47.39 12.31
C LEU B 341 13.37 -47.05 13.52
N GLN B 342 13.77 -46.02 14.27
CA GLN B 342 13.05 -45.65 15.47
C GLN B 342 12.35 -44.32 15.23
N LEU B 343 11.07 -44.23 15.58
CA LEU B 343 10.35 -42.98 15.34
C LEU B 343 9.26 -42.67 16.37
N GLY B 344 9.08 -41.39 16.66
CA GLY B 344 8.02 -40.96 17.55
C GLY B 344 6.77 -40.72 16.73
N SER B 345 5.71 -40.23 17.38
CA SER B 345 4.47 -39.93 16.72
C SER B 345 4.65 -38.94 15.55
N ARG B 346 5.48 -37.91 15.76
CA ARG B 346 5.70 -36.90 14.71
C ARG B 346 6.33 -37.50 13.45
N GLY B 347 7.42 -38.24 13.64
CA GLY B 347 8.07 -38.94 12.54
C GLY B 347 7.16 -39.97 11.86
N LEU B 348 6.36 -40.68 12.66
CA LEU B 348 5.45 -41.67 12.10
C LEU B 348 4.42 -41.01 11.18
N ALA B 349 3.81 -39.93 11.64
CA ALA B 349 2.84 -39.20 10.82
C ALA B 349 3.47 -38.67 9.54
N ALA B 350 4.63 -38.04 9.67
CA ALA B 350 5.31 -37.46 8.52
C ALA B 350 5.69 -38.54 7.52
N LEU B 351 6.16 -39.68 8.03
CA LEU B 351 6.44 -40.83 7.16
C LEU B 351 5.19 -41.29 6.40
N TYR B 352 4.09 -41.48 7.13
CA TYR B 352 2.85 -41.93 6.51
C TYR B 352 2.41 -40.94 5.43
N ALA B 353 2.70 -39.66 5.64
CA ALA B 353 2.30 -38.62 4.71
C ALA B 353 3.25 -38.53 3.49
N GLY B 354 4.29 -39.35 3.47
CA GLY B 354 5.21 -39.35 2.33
C GLY B 354 6.42 -38.42 2.40
N THR B 355 6.64 -37.83 3.56
CA THR B 355 7.80 -36.97 3.78
C THR B 355 9.10 -37.77 3.68
N PRO B 356 10.09 -37.25 2.93
CA PRO B 356 11.36 -37.95 2.67
C PRO B 356 12.13 -38.28 3.96
N LEU B 357 12.63 -39.51 4.05
CA LEU B 357 13.39 -39.93 5.22
C LEU B 357 14.56 -38.99 5.51
N ALA B 358 15.17 -38.49 4.44
CA ALA B 358 16.33 -37.60 4.55
C ALA B 358 15.96 -36.38 5.39
N ALA B 359 14.83 -35.77 5.05
CA ALA B 359 14.31 -34.62 5.80
C ALA B 359 14.01 -34.99 7.25
N LEU B 360 13.42 -36.17 7.46
CA LEU B 360 13.02 -36.60 8.80
C LEU B 360 14.21 -36.88 9.68
N ARG B 361 15.30 -37.38 9.07
CA ARG B 361 16.50 -37.62 9.85
C ARG B 361 17.14 -36.29 10.26
N THR B 362 17.20 -35.35 9.32
CA THR B 362 17.78 -34.04 9.62
C THR B 362 16.96 -33.28 10.67
N ALA B 363 15.64 -33.46 10.67
CA ALA B 363 14.79 -32.82 11.67
C ALA B 363 14.83 -33.56 13.01
N GLY B 364 15.50 -34.71 13.02
CA GLY B 364 15.64 -35.48 14.25
C GLY B 364 14.39 -36.24 14.66
N LEU B 365 13.44 -36.39 13.74
CA LEU B 365 12.19 -37.07 14.06
C LEU B 365 12.30 -38.59 13.94
N VAL B 366 13.38 -39.03 13.32
CA VAL B 366 13.59 -40.43 12.98
C VAL B 366 15.07 -40.74 13.25
N THR B 367 15.37 -41.90 13.82
CA THR B 367 16.75 -42.23 14.17
C THR B 367 17.05 -43.72 14.04
N GLY B 368 18.34 -44.07 13.90
CA GLY B 368 18.77 -45.45 13.73
C GLY B 368 18.35 -46.08 12.41
N GLY B 369 18.65 -47.36 12.22
CA GLY B 369 18.25 -48.09 11.03
C GLY B 369 19.20 -47.99 9.86
N PRO B 370 19.31 -49.07 9.07
CA PRO B 370 20.17 -49.09 7.88
C PRO B 370 19.60 -48.22 6.76
N VAL B 371 20.46 -47.66 5.91
CA VAL B 371 20.02 -46.78 4.83
C VAL B 371 19.24 -47.54 3.76
N ALA B 372 19.46 -48.85 3.71
CA ALA B 372 18.74 -49.73 2.80
C ALA B 372 17.23 -49.72 3.09
N SER B 373 16.89 -49.66 4.38
CA SER B 373 15.49 -49.57 4.79
C SER B 373 14.89 -48.25 4.32
N ASP B 374 15.65 -47.18 4.48
CA ASP B 374 15.22 -45.84 4.09
C ASP B 374 14.71 -45.78 2.64
N ARG B 375 15.47 -46.38 1.72
CA ARG B 375 15.14 -46.28 0.30
C ARG B 375 13.82 -47.00 -0.02
N LEU B 376 13.60 -48.13 0.64
CA LEU B 376 12.39 -48.92 0.43
C LEU B 376 11.15 -48.21 1.01
N LEU B 377 11.28 -47.66 2.22
CA LEU B 377 10.21 -46.86 2.82
C LEU B 377 9.86 -45.66 1.94
N ASP B 378 10.90 -44.94 1.48
CA ASP B 378 10.71 -43.76 0.63
C ASP B 378 9.81 -44.07 -0.57
N THR B 379 10.13 -45.14 -1.27
CA THR B 379 9.37 -45.51 -2.46
C THR B 379 7.97 -46.03 -2.10
N ALA B 380 7.88 -46.81 -1.02
CA ALA B 380 6.60 -47.34 -0.53
C ALA B 380 5.57 -46.26 -0.21
N PHE B 381 6.02 -45.20 0.48
CA PHE B 381 5.12 -44.13 0.89
C PHE B 381 5.12 -43.01 -0.15
N GLY B 382 5.85 -43.22 -1.24
CA GLY B 382 5.98 -42.20 -2.26
C GLY B 382 4.73 -42.02 -3.13
N GLY B 383 4.81 -41.10 -4.09
CA GLY B 383 3.70 -40.80 -4.97
C GLY B 383 3.41 -39.31 -4.94
N ALA B 384 2.21 -38.92 -5.37
CA ALA B 384 1.85 -37.51 -5.46
C ALA B 384 1.91 -36.84 -4.10
N ALA B 385 2.37 -35.59 -4.07
CA ALA B 385 2.48 -34.82 -2.84
C ALA B 385 1.09 -34.58 -2.27
N PRO B 386 0.91 -34.83 -0.96
CA PRO B 386 -0.40 -34.62 -0.33
C PRO B 386 -0.80 -33.16 -0.27
N TYR B 387 -2.04 -32.89 -0.65
CA TYR B 387 -2.57 -31.53 -0.56
C TYR B 387 -4.04 -31.61 -0.24
N MSE B 388 -4.61 -30.46 0.09
CA MSE B 388 -6.03 -30.38 0.41
C MSE B 388 -6.55 -29.14 -0.31
O MSE B 388 -5.78 -28.21 -0.57
CB MSE B 388 -6.18 -30.17 1.90
CG MSE B 388 -7.47 -30.62 2.48
SE MSE B 388 -7.23 -30.43 4.39
CE MSE B 388 -6.09 -31.99 4.63
N LEU B 389 -7.84 -29.12 -0.61
CA LEU B 389 -8.44 -27.95 -1.24
C LEU B 389 -9.09 -27.05 -0.19
N ASP B 390 -9.49 -27.66 0.91
CA ASP B 390 -10.29 -26.95 1.93
C ASP B 390 -9.47 -26.53 3.14
N TYR B 391 -9.94 -25.48 3.81
CA TYR B 391 -9.45 -25.15 5.13
C TYR B 391 -10.55 -25.56 6.11
N PHE B 392 -10.20 -25.98 7.32
CA PHE B 392 -11.22 -26.20 8.37
C PHE B 392 -10.65 -25.89 9.75
N SER C 1 31.34 -20.10 16.25
CA SER C 1 32.63 -19.93 16.93
C SER C 1 33.36 -21.27 16.96
N ASN C 2 34.54 -21.30 17.57
CA ASN C 2 35.21 -22.57 17.81
C ASN C 2 35.90 -22.48 19.15
N ALA C 3 35.17 -22.86 20.20
CA ALA C 3 35.65 -22.72 21.57
C ALA C 3 37.02 -23.35 21.80
N VAL C 4 37.29 -24.47 21.13
CA VAL C 4 38.60 -25.12 21.27
C VAL C 4 39.76 -24.19 20.88
N THR C 5 39.57 -23.36 19.86
CA THR C 5 40.71 -22.56 19.37
C THR C 5 40.55 -21.06 19.61
N ASP C 6 39.34 -20.63 19.99
CA ASP C 6 39.10 -19.21 20.23
C ASP C 6 39.99 -18.69 21.35
N ASP C 7 40.41 -17.44 21.23
CA ASP C 7 41.16 -16.80 22.31
C ASP C 7 40.62 -15.38 22.41
N LEU C 8 39.45 -15.25 23.04
CA LEU C 8 38.70 -14.02 22.98
C LEU C 8 39.23 -13.00 23.97
N ARG C 9 39.50 -11.79 23.49
CA ARG C 9 39.91 -10.73 24.39
C ARG C 9 39.55 -9.34 23.89
N LEU C 10 39.36 -8.45 24.86
CA LEU C 10 38.98 -7.08 24.62
C LEU C 10 40.22 -6.36 24.13
N VAL C 11 40.09 -5.48 23.14
CA VAL C 11 41.23 -4.69 22.69
C VAL C 11 40.79 -3.27 22.39
N ASP C 12 41.77 -2.39 22.17
CA ASP C 12 41.53 -1.08 21.58
C ASP C 12 41.69 -1.27 20.08
N ILE C 13 40.65 -0.92 19.33
CA ILE C 13 40.67 -1.05 17.87
C ILE C 13 41.70 -0.08 17.30
N THR C 14 42.56 -0.56 16.41
CA THR C 14 43.52 0.30 15.73
C THR C 14 43.04 0.66 14.32
N GLU C 15 43.73 1.62 13.71
CA GLU C 15 43.38 2.11 12.38
C GLU C 15 43.40 1.01 11.31
N THR C 16 44.35 0.08 11.44
CA THR C 16 44.49 -1.00 10.46
C THR C 16 43.41 -2.09 10.64
N GLN C 17 42.71 -2.08 11.77
CA GLN C 17 41.64 -3.05 12.00
C GLN C 17 40.26 -2.54 11.53
N LEU C 18 40.22 -1.33 10.97
CA LEU C 18 38.94 -0.73 10.60
C LEU C 18 38.24 -1.49 9.47
N ASP C 19 39.03 -1.97 8.50
CA ASP C 19 38.49 -2.80 7.42
C ASP C 19 37.80 -4.04 7.99
N ASP C 20 38.41 -4.63 9.02
CA ASP C 20 37.81 -5.78 9.70
C ASP C 20 36.54 -5.41 10.46
N VAL C 21 36.55 -4.26 11.14
CA VAL C 21 35.33 -3.80 11.81
C VAL C 21 34.21 -3.61 10.79
N LEU C 22 34.56 -3.05 9.62
CA LEU C 22 33.59 -2.89 8.54
C LEU C 22 32.97 -4.20 8.07
N ARG C 23 33.75 -5.28 8.04
CA ARG C 23 33.20 -6.61 7.71
C ARG C 23 32.15 -7.01 8.73
N VAL C 24 32.48 -6.86 10.01
CA VAL C 24 31.54 -7.23 11.07
C VAL C 24 30.29 -6.34 11.00
N ARG C 25 30.49 -5.07 10.70
CA ARG C 25 29.37 -4.15 10.59
C ARG C 25 28.46 -4.53 9.42
N ALA C 26 29.05 -4.83 8.26
CA ALA C 26 28.25 -5.22 7.10
C ALA C 26 27.33 -6.41 7.42
N ARG C 27 27.83 -7.36 8.22
CA ARG C 27 27.04 -8.55 8.55
C ARG C 27 26.13 -8.31 9.75
N SER C 28 26.09 -7.06 10.21
CA SER C 28 25.28 -6.66 11.36
C SER C 28 24.18 -5.67 10.97
N PHE C 29 24.55 -4.63 10.23
CA PHE C 29 23.63 -3.54 9.91
C PHE C 29 23.26 -3.47 8.45
N GLY C 30 24.13 -3.99 7.58
CA GLY C 30 23.95 -3.89 6.15
C GLY C 30 25.18 -3.27 5.50
N LEU C 31 25.21 -3.29 4.18
CA LEU C 31 26.36 -2.83 3.40
C LEU C 31 26.39 -1.32 3.35
N LEU C 32 27.59 -0.74 3.31
CA LEU C 32 27.73 0.70 3.13
C LEU C 32 28.02 1.03 1.67
N ALA C 33 27.38 2.09 1.17
CA ALA C 33 27.71 2.60 -0.16
C ALA C 33 29.15 3.10 -0.16
N ALA C 34 29.74 3.24 -1.36
CA ALA C 34 31.14 3.63 -1.46
C ALA C 34 31.43 4.98 -0.78
N GLY C 35 30.59 5.98 -1.07
CA GLY C 35 30.76 7.29 -0.51
C GLY C 35 30.55 7.34 1.00
N ALA C 36 29.78 6.40 1.52
CA ALA C 36 29.43 6.38 2.94
C ALA C 36 30.53 5.71 3.77
N ARG C 37 31.25 4.78 3.13
CA ARG C 37 32.36 4.10 3.75
C ARG C 37 33.51 5.08 4.00
N GLU C 38 33.82 5.86 2.97
CA GLU C 38 34.81 6.93 3.05
C GLU C 38 34.57 7.83 4.25
N ASP C 39 33.31 8.24 4.45
CA ASP C 39 32.95 9.09 5.58
C ASP C 39 32.97 8.33 6.90
N TRP C 40 32.89 7.01 6.85
CA TRP C 40 32.86 6.20 8.06
C TRP C 40 34.29 6.00 8.60
N VAL C 41 35.21 5.68 7.70
CA VAL C 41 36.61 5.51 8.04
C VAL C 41 37.19 6.79 8.66
N ARG C 42 36.96 7.92 8.00
CA ARG C 42 37.44 9.21 8.50
C ARG C 42 36.88 9.49 9.89
N ASP C 43 35.59 9.22 10.09
CA ASP C 43 34.97 9.38 11.40
C ASP C 43 35.55 8.39 12.42
N ALA C 44 35.81 7.16 11.99
CA ALA C 44 36.29 6.11 12.89
C ALA C 44 37.69 6.43 13.46
N VAL C 45 38.55 7.01 12.63
CA VAL C 45 39.91 7.35 13.04
C VAL C 45 39.96 8.26 14.29
N GLU C 46 39.10 9.27 14.30
CA GLU C 46 38.91 10.15 15.45
C GLU C 46 38.68 9.32 16.72
N PHE C 47 37.75 8.38 16.65
CA PHE C 47 37.46 7.50 17.78
C PHE C 47 38.68 6.68 18.19
N VAL C 48 39.39 6.15 17.20
CA VAL C 48 40.58 5.32 17.45
C VAL C 48 41.64 6.10 18.21
N HIS C 49 41.88 7.33 17.78
CA HIS C 49 42.94 8.12 18.36
C HIS C 49 42.62 8.66 19.75
N ASP C 50 41.34 8.73 20.12
CA ASP C 50 40.99 9.24 21.44
C ASP C 50 40.67 8.10 22.43
N GLY C 51 40.94 6.86 22.04
CA GLY C 51 40.73 5.72 22.91
C GLY C 51 39.25 5.43 23.12
N ARG C 52 38.44 5.73 22.11
CA ARG C 52 37.01 5.54 22.22
C ARG C 52 36.46 4.56 21.17
N PHE C 53 37.29 3.61 20.77
CA PHE C 53 36.87 2.55 19.85
C PHE C 53 37.33 1.19 20.40
N LEU C 54 36.40 0.43 20.95
CA LEU C 54 36.75 -0.84 21.57
C LEU C 54 36.34 -2.02 20.69
N GLY C 55 37.04 -3.14 20.85
CA GLY C 55 36.67 -4.33 20.10
C GLY C 55 36.99 -5.59 20.87
N VAL C 56 36.49 -6.71 20.35
CA VAL C 56 36.90 -8.02 20.84
C VAL C 56 37.59 -8.75 19.70
N VAL C 57 38.75 -9.36 19.96
CA VAL C 57 39.35 -10.23 18.95
C VAL C 57 39.36 -11.69 19.41
N SER C 58 39.47 -12.59 18.43
CA SER C 58 39.76 -14.00 18.66
C SER C 58 41.03 -14.30 17.87
N GLY C 59 42.14 -14.53 18.57
CA GLY C 59 43.43 -14.57 17.91
C GLY C 59 43.70 -13.15 17.43
N ASP C 60 43.87 -12.98 16.13
CA ASP C 60 43.97 -11.64 15.55
C ASP C 60 42.80 -11.29 14.61
N GLU C 61 41.70 -12.02 14.71
CA GLU C 61 40.50 -11.67 13.95
C GLU C 61 39.54 -10.82 14.80
N VAL C 62 39.11 -9.67 14.25
CA VAL C 62 38.14 -8.82 14.94
C VAL C 62 36.78 -9.51 14.90
N VAL C 63 36.15 -9.65 16.06
CA VAL C 63 34.92 -10.44 16.16
C VAL C 63 33.76 -9.56 16.67
N ALA C 64 34.11 -8.41 17.25
CA ALA C 64 33.09 -7.48 17.79
C ALA C 64 33.67 -6.08 17.95
N ALA C 65 32.81 -5.06 17.94
CA ALA C 65 33.32 -3.68 18.06
C ALA C 65 32.23 -2.74 18.53
N ALA C 66 32.63 -1.65 19.18
CA ALA C 66 31.71 -0.63 19.64
C ALA C 66 32.48 0.65 19.82
N ARG C 67 31.81 1.78 19.67
N ARG C 67 31.83 1.78 19.64
CA ARG C 67 32.48 3.06 19.85
CA ARG C 67 32.51 3.05 19.85
C ARG C 67 31.77 3.95 20.85
C ARG C 67 31.77 3.96 20.82
N ILE C 68 32.49 4.94 21.35
CA ILE C 68 31.97 5.84 22.36
C ILE C 68 32.03 7.28 21.89
N TRP C 69 30.87 7.91 21.70
CA TRP C 69 30.83 9.35 21.44
C TRP C 69 31.10 10.12 22.72
N ASP C 70 31.94 11.16 22.63
CA ASP C 70 32.20 12.04 23.76
C ASP C 70 31.16 13.16 23.80
N PHE C 71 29.95 12.83 24.26
CA PHE C 71 28.87 13.81 24.29
C PHE C 71 28.85 14.54 25.62
N GLN C 72 28.00 15.57 25.70
CA GLN C 72 27.45 16.00 26.97
C GLN C 72 25.94 15.83 26.83
N GLN C 73 25.23 15.77 27.94
CA GLN C 73 23.78 15.61 27.86
C GLN C 73 23.12 16.54 28.87
N TRP C 74 22.09 17.24 28.41
CA TRP C 74 21.40 18.18 29.29
C TRP C 74 20.58 17.40 30.32
N TRP C 75 20.69 17.79 31.58
CA TRP C 75 19.80 17.25 32.61
C TRP C 75 19.40 18.36 33.57
N GLY C 76 18.09 18.66 33.58
CA GLY C 76 17.57 19.78 34.36
C GLY C 76 18.28 21.08 34.06
N GLY C 77 18.60 21.32 32.79
CA GLY C 77 19.22 22.58 32.42
C GLY C 77 20.70 22.72 32.74
N ARG C 78 21.36 21.60 33.04
CA ARG C 78 22.83 21.61 33.14
C ARG C 78 23.45 20.52 32.24
N ARG C 79 24.69 20.76 31.80
CA ARG C 79 25.37 19.80 30.91
C ARG C 79 26.12 18.74 31.68
N VAL C 80 25.87 17.47 31.36
CA VAL C 80 26.53 16.37 32.06
C VAL C 80 27.32 15.56 31.02
N PRO C 81 28.62 15.35 31.27
CA PRO C 81 29.43 14.55 30.33
C PRO C 81 28.80 13.17 30.16
N MSE C 82 28.77 12.65 28.94
CA MSE C 82 28.00 11.45 28.67
C MSE C 82 28.66 10.56 27.64
O MSE C 82 29.15 11.05 26.63
CB MSE C 82 26.58 11.84 28.22
CG MSE C 82 25.64 10.65 28.10
SE MSE C 82 25.56 10.01 26.27
CE MSE C 82 24.15 11.22 25.71
N ALA C 83 28.67 9.25 27.89
CA ALA C 83 29.26 8.32 26.94
C ALA C 83 28.17 7.76 26.02
N GLY C 84 28.12 8.21 24.78
CA GLY C 84 27.08 7.74 23.87
C GLY C 84 27.55 6.52 23.10
N ILE C 85 26.96 5.36 23.35
CA ILE C 85 27.45 4.11 22.79
C ILE C 85 26.84 3.91 21.40
N ALA C 86 27.69 3.64 20.40
CA ALA C 86 27.23 3.48 19.01
C ALA C 86 27.92 2.34 18.28
N GLY C 87 27.28 1.88 17.21
CA GLY C 87 27.84 0.84 16.35
C GLY C 87 28.22 -0.41 17.10
N VAL C 88 27.35 -0.89 17.99
CA VAL C 88 27.63 -2.14 18.68
C VAL C 88 27.39 -3.33 17.75
N VAL C 89 28.45 -4.05 17.38
CA VAL C 89 28.33 -5.16 16.41
C VAL C 89 29.12 -6.39 16.82
N VAL C 90 28.55 -7.58 16.61
CA VAL C 90 29.26 -8.84 16.86
C VAL C 90 29.10 -9.73 15.64
N ALA C 91 30.19 -10.37 15.19
CA ALA C 91 30.12 -11.25 14.00
C ALA C 91 29.09 -12.37 14.23
N PRO C 92 28.31 -12.73 13.19
CA PRO C 92 27.19 -13.68 13.38
C PRO C 92 27.56 -14.97 14.09
N GLU C 93 28.68 -15.58 13.74
CA GLU C 93 29.04 -16.87 14.32
C GLU C 93 29.62 -16.70 15.73
N TYR C 94 29.68 -15.45 16.21
CA TYR C 94 30.15 -15.20 17.57
C TYR C 94 29.06 -14.67 18.52
N ARG C 95 27.84 -14.50 18.02
CA ARG C 95 26.72 -14.01 18.85
C ARG C 95 26.15 -15.09 19.77
N GLY C 96 25.54 -14.67 20.89
CA GLY C 96 24.89 -15.61 21.79
C GLY C 96 25.87 -16.44 22.60
N ARG C 97 27.07 -15.90 22.78
CA ARG C 97 28.16 -16.60 23.44
C ARG C 97 28.85 -15.72 24.50
N GLY C 98 28.25 -14.58 24.84
CA GLY C 98 28.85 -13.69 25.83
C GLY C 98 29.83 -12.65 25.29
N VAL C 99 30.06 -12.64 23.98
CA VAL C 99 31.00 -11.68 23.39
C VAL C 99 30.53 -10.21 23.49
N GLY C 100 29.29 -9.93 23.11
CA GLY C 100 28.74 -8.59 23.24
C GLY C 100 28.79 -8.06 24.66
N SER C 101 28.57 -8.93 25.64
CA SER C 101 28.62 -8.55 27.05
C SER C 101 30.04 -8.24 27.50
N LEU C 102 30.99 -9.01 26.98
CA LEU C 102 32.40 -8.79 27.30
C LEU C 102 32.83 -7.44 26.72
N LEU C 103 32.40 -7.19 25.49
CA LEU C 103 32.65 -5.92 24.81
C LEU C 103 32.09 -4.76 25.62
N MSE C 104 30.82 -4.86 25.97
CA MSE C 104 30.12 -3.75 26.63
C MSE C 104 30.66 -3.47 28.04
O MSE C 104 30.71 -2.32 28.48
CB MSE C 104 28.62 -4.01 26.65
CG MSE C 104 27.92 -3.87 25.30
SE MSE C 104 28.10 -1.99 24.68
CE MSE C 104 27.44 -1.09 26.32
N ARG C 105 31.08 -4.51 28.75
CA ARG C 105 31.75 -4.29 30.03
C ARG C 105 33.03 -3.50 29.84
N GLY C 106 33.77 -3.80 28.78
CA GLY C 106 34.97 -3.04 28.45
C GLY C 106 34.60 -1.61 28.09
N VAL C 107 33.48 -1.45 27.40
CA VAL C 107 32.98 -0.13 27.04
C VAL C 107 32.62 0.72 28.27
N LEU C 108 31.91 0.12 29.22
CA LEU C 108 31.55 0.83 30.44
C LEU C 108 32.80 1.20 31.23
N GLU C 109 33.76 0.30 31.27
CA GLU C 109 34.99 0.59 32.00
C GLU C 109 35.76 1.75 31.35
N ARG C 110 35.87 1.73 30.03
CA ARG C 110 36.57 2.83 29.32
C ARG C 110 35.83 4.15 29.59
N SER C 111 34.50 4.12 29.49
CA SER C 111 33.70 5.33 29.77
C SER C 111 33.95 5.88 31.19
N ARG C 112 33.98 5.01 32.20
CA ARG C 112 34.28 5.44 33.57
C ARG C 112 35.67 6.03 33.68
N ASP C 113 36.65 5.34 33.07
CA ASP C 113 38.04 5.78 33.12
C ASP C 113 38.20 7.20 32.54
N LYS C 114 37.37 7.52 31.56
CA LYS C 114 37.40 8.83 30.91
C LYS C 114 36.55 9.90 31.60
N GLY C 115 36.02 9.60 32.78
CA GLY C 115 35.33 10.58 33.58
C GLY C 115 33.87 10.86 33.22
N MSE C 116 33.25 10.00 32.42
CA MSE C 116 31.85 10.22 32.09
C MSE C 116 30.95 9.52 33.12
O MSE C 116 31.00 8.30 33.28
CB MSE C 116 31.54 9.78 30.65
CG MSE C 116 32.33 10.61 29.60
SE MSE C 116 32.71 9.62 27.97
CE MSE C 116 33.92 10.90 27.09
N PRO C 117 30.13 10.31 33.82
CA PRO C 117 29.31 9.74 34.90
C PRO C 117 28.01 9.07 34.41
N ILE C 118 27.67 9.26 33.13
CA ILE C 118 26.50 8.59 32.59
C ILE C 118 26.76 8.12 31.15
N SER C 119 25.88 7.26 30.67
CA SER C 119 26.00 6.71 29.33
C SER C 119 24.61 6.50 28.73
N ALA C 120 24.47 6.74 27.44
CA ALA C 120 23.19 6.52 26.75
C ALA C 120 23.39 5.84 25.40
N LEU C 121 22.32 5.22 24.91
CA LEU C 121 22.32 4.57 23.59
C LEU C 121 20.89 4.26 23.16
N TYR C 122 20.73 4.08 21.84
CA TYR C 122 19.51 3.58 21.24
C TYR C 122 19.70 2.09 20.97
N PRO C 123 19.02 1.25 21.74
CA PRO C 123 19.26 -0.21 21.66
C PRO C 123 18.46 -0.87 20.54
N ALA C 124 19.07 -1.80 19.80
CA ALA C 124 18.33 -2.55 18.78
C ALA C 124 17.57 -3.69 19.46
N THR C 125 18.14 -4.20 20.55
CA THR C 125 17.50 -5.21 21.37
C THR C 125 17.77 -4.81 22.82
N THR C 126 16.75 -4.87 23.66
CA THR C 126 16.88 -4.37 25.01
C THR C 126 17.56 -5.37 25.94
N VAL C 127 17.60 -6.65 25.59
CA VAL C 127 18.00 -7.67 26.57
C VAL C 127 19.43 -7.50 27.07
N ILE C 128 20.40 -7.41 26.16
CA ILE C 128 21.80 -7.27 26.58
C ILE C 128 22.01 -6.01 27.41
N TYR C 129 21.35 -4.93 27.03
CA TYR C 129 21.57 -3.66 27.72
C TYR C 129 20.93 -3.62 29.11
N ARG C 130 19.75 -4.21 29.26
CA ARG C 130 19.15 -4.30 30.59
C ARG C 130 19.99 -5.17 31.53
N HIS C 131 20.54 -6.27 30.99
N HIS C 131 20.53 -6.28 31.01
CA HIS C 131 21.45 -7.14 31.73
CA HIS C 131 21.44 -7.12 31.80
C HIS C 131 22.68 -6.37 32.23
C HIS C 131 22.65 -6.31 32.28
N LEU C 132 23.09 -5.35 31.48
CA LEU C 132 24.25 -4.52 31.84
C LEU C 132 23.88 -3.30 32.67
N GLY C 133 22.57 -3.09 32.90
CA GLY C 133 22.16 -2.02 33.78
C GLY C 133 21.50 -0.81 33.14
N TYR C 134 21.33 -0.81 31.82
CA TYR C 134 20.68 0.31 31.15
C TYR C 134 19.15 0.21 31.30
N GLU C 135 18.47 1.34 31.29
CA GLU C 135 17.01 1.32 31.20
C GLU C 135 16.55 2.50 30.34
N PHE C 136 15.36 2.40 29.75
CA PHE C 136 14.78 3.53 29.01
C PHE C 136 14.74 4.79 29.85
N GLY C 137 15.18 5.90 29.25
CA GLY C 137 15.33 7.14 29.98
C GLY C 137 14.60 8.30 29.32
N GLY C 138 14.25 8.16 28.04
CA GLY C 138 13.59 9.26 27.34
C GLY C 138 13.24 8.92 25.90
N HIS C 139 12.73 9.91 25.17
CA HIS C 139 12.17 9.66 23.85
C HIS C 139 12.76 10.54 22.77
N ARG C 140 12.50 10.18 21.51
CA ARG C 140 12.77 11.06 20.39
C ARG C 140 11.48 11.05 19.58
N TYR C 141 10.88 12.22 19.38
CA TYR C 141 9.57 12.32 18.75
C TYR C 141 9.70 12.94 17.37
N ARG C 142 8.95 12.40 16.40
CA ARG C 142 8.83 13.08 15.11
C ARG C 142 7.36 13.38 14.82
N PHE C 143 7.05 14.64 14.58
CA PHE C 143 5.67 15.01 14.24
C PHE C 143 5.60 15.54 12.81
N SER C 144 4.43 15.47 12.19
CA SER C 144 4.29 15.91 10.80
C SER C 144 3.24 16.99 10.69
N PHE C 145 3.62 18.12 10.07
CA PHE C 145 2.71 19.24 9.90
C PHE C 145 2.45 19.51 8.43
N GLN C 146 1.41 20.28 8.14
CA GLN C 146 1.16 20.73 6.78
C GLN C 146 2.05 21.95 6.51
N ALA C 147 2.83 21.91 5.43
CA ALA C 147 3.71 23.03 5.12
C ALA C 147 2.96 24.36 4.92
N ALA C 148 1.80 24.31 4.28
CA ALA C 148 1.07 25.55 3.97
C ALA C 148 0.65 26.25 5.26
N ASP C 149 0.47 25.48 6.32
CA ASP C 149 0.09 26.00 7.63
C ASP C 149 1.26 26.78 8.25
N LEU C 150 2.45 26.18 8.19
CA LEU C 150 3.66 26.82 8.71
C LEU C 150 3.96 28.11 7.94
N ARG C 151 3.69 28.07 6.64
CA ARG C 151 4.04 29.15 5.75
C ARG C 151 3.37 30.46 6.16
N SER C 152 2.19 30.37 6.75
CA SER C 152 1.43 31.59 7.08
C SER C 152 1.56 32.03 8.54
N LEU C 153 2.60 31.56 9.24
CA LEU C 153 2.79 31.95 10.64
C LEU C 153 3.20 33.40 10.85
N GLY C 154 3.73 34.04 9.81
CA GLY C 154 4.03 35.47 9.88
C GLY C 154 5.46 35.75 10.30
N GLY C 155 5.65 36.78 11.12
CA GLY C 155 6.97 37.19 11.57
C GLY C 155 7.85 37.70 10.43
N ARG C 156 7.24 38.38 9.47
CA ARG C 156 7.96 38.93 8.32
C ARG C 156 8.97 40.01 8.73
N GLU C 157 8.75 40.62 9.89
CA GLU C 157 9.58 41.72 10.38
C GLU C 157 10.89 41.22 11.01
N VAL C 158 11.03 39.92 11.18
CA VAL C 158 12.23 39.36 11.79
C VAL C 158 13.31 39.10 10.73
N ALA C 159 14.50 39.67 10.96
CA ALA C 159 15.66 39.39 10.12
C ALA C 159 16.09 37.93 10.26
N VAL C 160 16.07 37.21 9.14
CA VAL C 160 16.48 35.82 9.09
C VAL C 160 17.50 35.68 7.96
N ARG C 161 18.67 35.12 8.24
CA ARG C 161 19.66 35.01 7.17
C ARG C 161 20.17 33.58 7.04
N ARG C 162 20.69 33.25 5.86
CA ARG C 162 21.26 31.94 5.64
C ARG C 162 22.47 31.75 6.53
N ALA C 163 22.60 30.57 7.12
CA ALA C 163 23.73 30.30 8.00
C ALA C 163 24.69 29.30 7.37
N GLY C 164 25.89 29.21 7.93
CA GLY C 164 26.87 28.22 7.55
C GLY C 164 27.81 27.83 8.66
N ALA C 165 28.94 27.23 8.29
CA ALA C 165 29.87 26.64 9.24
C ALA C 165 30.32 27.58 10.36
N LYS C 166 30.57 28.84 9.99
CA LYS C 166 31.12 29.81 10.93
C LYS C 166 30.12 30.23 12.02
N ASP C 167 28.87 29.81 11.88
CA ASP C 167 27.86 30.15 12.86
C ASP C 167 27.70 29.08 13.94
N ALA C 168 28.58 28.09 13.91
CA ALA C 168 28.47 26.97 14.85
C ALA C 168 28.44 27.44 16.30
N ALA C 169 29.34 28.35 16.67
CA ALA C 169 29.43 28.81 18.06
C ALA C 169 28.20 29.61 18.46
N ARG C 170 27.65 30.40 17.54
CA ARG C 170 26.42 31.13 17.81
C ARG C 170 25.24 30.18 18.06
N PHE C 171 25.18 29.09 17.31
CA PHE C 171 24.12 28.09 17.48
C PHE C 171 24.18 27.49 18.89
N LEU C 172 25.39 27.18 19.33
CA LEU C 172 25.60 26.64 20.67
C LEU C 172 25.19 27.61 21.77
N GLU C 173 25.45 28.90 21.57
CA GLU C 173 25.00 29.91 22.51
C GLU C 173 23.48 29.93 22.57
N LEU C 174 22.83 29.97 21.41
CA LEU C 174 21.38 30.08 21.38
C LEU C 174 20.74 28.87 22.04
N VAL C 175 21.27 27.69 21.72
CA VAL C 175 20.76 26.44 22.28
C VAL C 175 20.95 26.45 23.80
N GLY C 176 22.13 26.89 24.23
CA GLY C 176 22.49 26.93 25.63
C GLY C 176 21.53 27.79 26.42
N THR C 177 21.28 28.99 25.91
CA THR C 177 20.39 29.93 26.56
C THR C 177 19.00 29.30 26.68
N ALA C 178 18.53 28.67 25.61
CA ALA C 178 17.21 28.07 25.61
C ALA C 178 17.08 26.94 26.64
N HIS C 179 18.06 26.04 26.65
CA HIS C 179 17.97 24.85 27.50
C HIS C 179 18.17 25.17 28.97
N GLU C 180 18.91 26.23 29.29
CA GLU C 180 19.07 26.65 30.68
C GLU C 180 17.80 27.28 31.23
N ALA C 181 17.10 28.03 30.37
CA ALA C 181 15.87 28.70 30.75
C ALA C 181 14.74 27.71 30.97
N SER C 182 14.65 26.69 30.12
CA SER C 182 13.59 25.70 30.24
C SER C 182 13.97 24.50 31.15
N ARG C 183 15.20 24.47 31.64
CA ARG C 183 15.70 23.34 32.43
C ARG C 183 15.54 22.03 31.66
N ALA C 184 15.92 22.06 30.39
CA ALA C 184 15.70 20.93 29.50
C ALA C 184 16.52 19.71 29.92
N SER C 185 16.04 18.53 29.57
CA SER C 185 16.73 17.28 29.87
C SER C 185 16.74 16.38 28.65
N GLY C 186 17.80 15.61 28.50
CA GLY C 186 17.84 14.57 27.49
C GLY C 186 18.66 14.95 26.28
N LEU C 187 18.63 16.23 25.90
CA LEU C 187 19.26 16.69 24.66
C LEU C 187 20.77 16.50 24.59
N LEU C 188 21.28 16.14 23.41
CA LEU C 188 22.71 15.98 23.20
C LEU C 188 23.41 17.33 23.06
N VAL C 189 24.64 17.41 23.56
CA VAL C 189 25.54 18.52 23.25
C VAL C 189 26.66 17.96 22.36
N TRP C 190 26.78 18.48 21.14
CA TRP C 190 27.82 18.05 20.22
C TRP C 190 29.01 19.00 20.31
N PRO C 191 30.22 18.49 19.99
CA PRO C 191 31.37 19.38 19.84
C PRO C 191 31.10 20.48 18.80
N GLU C 192 31.66 21.66 18.98
CA GLU C 192 31.49 22.76 18.02
C GLU C 192 31.94 22.35 16.62
N SER C 193 32.99 21.53 16.54
CA SER C 193 33.52 21.04 15.28
C SER C 193 32.47 20.22 14.51
N LYS C 194 31.79 19.33 15.24
CA LYS C 194 30.79 18.45 14.64
C LYS C 194 29.58 19.24 14.16
N ILE C 195 29.24 20.29 14.87
CA ILE C 195 28.15 21.17 14.48
C ILE C 195 28.51 21.94 13.22
N ALA C 196 29.75 22.38 13.13
CA ALA C 196 30.25 23.02 11.92
C ALA C 196 30.15 22.10 10.68
N GLU C 197 30.47 20.82 10.85
CA GLU C 197 30.35 19.84 9.77
C GLU C 197 28.90 19.77 9.30
N TRP C 198 28.00 19.76 10.26
CA TRP C 198 26.57 19.66 10.05
C TRP C 198 26.09 20.87 9.24
N LEU C 199 26.57 22.06 9.60
CA LEU C 199 26.15 23.30 8.94
C LEU C 199 26.85 23.50 7.60
N GLU C 200 28.01 22.87 7.39
CA GLU C 200 28.71 22.99 6.11
C GLU C 200 28.19 22.00 5.06
N ASP C 201 27.54 20.93 5.52
CA ASP C 201 26.91 19.96 4.63
C ASP C 201 25.88 20.67 3.74
N GLU C 202 26.09 20.63 2.42
CA GLU C 202 25.23 21.31 1.46
C GLU C 202 23.79 20.80 1.45
N GLU C 203 23.55 19.64 2.04
CA GLU C 203 22.21 19.05 2.09
C GLU C 203 21.40 19.58 3.26
N ASN C 204 22.07 20.29 4.15
CA ASN C 204 21.39 20.89 5.29
C ASN C 204 21.15 22.37 5.05
N PHE C 205 19.94 22.84 5.33
CA PHE C 205 19.58 24.22 5.10
C PHE C 205 19.42 24.91 6.45
N ALA C 206 20.36 25.79 6.79
CA ALA C 206 20.38 26.43 8.12
C ALA C 206 20.08 27.92 8.00
N TYR C 207 19.23 28.44 8.88
CA TYR C 207 18.91 29.88 8.91
C TYR C 207 19.00 30.40 10.32
N LEU C 208 19.45 31.65 10.45
CA LEU C 208 19.75 32.23 11.75
C LEU C 208 19.06 33.57 11.92
N ALA C 209 18.36 33.74 13.05
CA ALA C 209 17.84 35.05 13.43
C ALA C 209 18.63 35.53 14.65
N GLU C 210 18.31 36.72 15.16
CA GLU C 210 18.98 37.27 16.34
C GLU C 210 18.85 36.35 17.57
N ASP C 211 17.70 35.70 17.71
CA ASP C 211 17.44 34.86 18.89
C ASP C 211 16.84 33.51 18.51
N GLY C 212 17.40 32.87 17.48
CA GLY C 212 16.93 31.57 17.06
C GLY C 212 17.56 31.07 15.79
N PHE C 213 17.34 29.78 15.52
CA PHE C 213 17.77 29.21 14.24
C PHE C 213 16.93 27.99 13.85
N VAL C 214 17.06 27.57 12.59
CA VAL C 214 16.42 26.34 12.16
C VAL C 214 17.35 25.66 11.17
N VAL C 215 17.41 24.34 11.28
CA VAL C 215 18.15 23.53 10.32
C VAL C 215 17.19 22.49 9.76
N TYR C 216 17.07 22.44 8.44
CA TYR C 216 16.18 21.45 7.83
C TYR C 216 16.74 20.92 6.52
N ASN C 217 16.07 19.92 5.96
CA ASN C 217 16.54 19.28 4.74
C ASN C 217 15.40 18.52 4.05
N TRP C 218 15.66 18.01 2.84
CA TRP C 218 14.65 17.23 2.12
C TRP C 218 14.57 15.82 2.67
N SER C 219 13.34 15.31 2.78
CA SER C 219 13.12 13.91 3.13
C SER C 219 12.05 13.32 2.18
N ASP C 220 12.50 12.70 1.08
CA ASP C 220 11.60 12.07 0.10
C ASP C 220 10.44 12.93 -0.34
N GLY C 221 10.72 14.12 -0.83
CA GLY C 221 9.66 14.98 -1.32
C GLY C 221 9.06 15.87 -0.24
N ASP C 222 9.26 15.51 1.02
CA ASP C 222 8.86 16.42 2.11
C ASP C 222 10.08 17.11 2.73
N LEU C 223 9.82 18.01 3.66
CA LEU C 223 10.90 18.65 4.39
C LEU C 223 10.94 18.09 5.81
N GLN C 224 12.14 18.05 6.36
CA GLN C 224 12.32 17.54 7.71
C GLN C 224 13.12 18.56 8.50
N VAL C 225 12.60 18.97 9.65
CA VAL C 225 13.31 19.90 10.52
C VAL C 225 14.13 19.09 11.51
N ASP C 226 15.46 19.26 11.50
CA ASP C 226 16.34 18.56 12.44
C ASP C 226 16.29 19.27 13.79
N GLU C 227 16.17 20.60 13.75
CA GLU C 227 16.18 21.38 14.98
C GLU C 227 15.70 22.78 14.72
N LEU C 228 14.82 23.27 15.60
CA LEU C 228 14.42 24.68 15.58
C LEU C 228 14.48 25.20 17.00
N VAL C 229 15.19 26.30 17.19
CA VAL C 229 15.28 26.95 18.48
C VAL C 229 14.81 28.39 18.33
N ALA C 230 13.93 28.84 19.20
CA ALA C 230 13.45 30.21 19.12
C ALA C 230 13.14 30.76 20.50
N HIS C 231 13.67 31.94 20.80
CA HIS C 231 13.46 32.55 22.11
C HIS C 231 12.22 33.42 22.18
N SER C 232 11.75 33.92 21.03
CA SER C 232 10.62 34.83 21.01
C SER C 232 9.56 34.38 20.02
N GLU C 233 8.32 34.84 20.22
CA GLU C 233 7.21 34.43 19.37
C GLU C 233 7.44 34.84 17.92
N ALA C 234 7.78 36.11 17.70
CA ALA C 234 8.07 36.59 16.35
C ALA C 234 9.12 35.73 15.64
N THR C 235 10.18 35.35 16.35
CA THR C 235 11.24 34.56 15.72
C THR C 235 10.78 33.15 15.42
N ALA C 236 10.02 32.54 16.32
CA ALA C 236 9.49 31.20 16.06
C ALA C 236 8.63 31.21 14.79
N ARG C 237 7.75 32.21 14.69
CA ARG C 237 6.88 32.30 13.53
C ARG C 237 7.71 32.43 12.26
N ALA C 238 8.72 33.30 12.30
CA ALA C 238 9.59 33.56 11.14
C ALA C 238 10.35 32.31 10.67
N LEU C 239 10.88 31.55 11.62
CA LEU C 239 11.68 30.38 11.27
C LEU C 239 10.79 29.25 10.75
N TRP C 240 9.65 29.02 11.40
CA TRP C 240 8.69 28.05 10.86
C TRP C 240 8.20 28.50 9.50
N ALA C 241 8.00 29.80 9.33
CA ALA C 241 7.50 30.31 8.05
C ALA C 241 8.57 30.14 6.96
N THR C 242 9.85 30.28 7.33
CA THR C 242 10.95 29.98 6.41
C THR C 242 10.87 28.54 5.89
N VAL C 243 10.73 27.58 6.80
CA VAL C 243 10.60 26.18 6.39
C VAL C 243 9.36 25.98 5.51
N GLY C 244 8.23 26.50 5.98
CA GLY C 244 6.96 26.35 5.27
C GLY C 244 6.88 27.04 3.93
N SER C 245 7.78 28.00 3.69
CA SER C 245 7.80 28.73 2.42
C SER C 245 7.99 27.74 1.25
N GLY C 246 8.44 26.54 1.55
CA GLY C 246 8.58 25.50 0.53
C GLY C 246 7.30 24.79 0.11
N ALA C 247 6.15 25.25 0.61
CA ALA C 247 4.89 24.49 0.49
C ALA C 247 4.42 24.23 -0.94
N SER C 248 4.86 25.05 -1.89
CA SER C 248 4.47 24.86 -3.29
C SER C 248 4.97 23.52 -3.84
N ILE C 249 6.05 23.00 -3.23
CA ILE C 249 6.66 21.74 -3.62
C ILE C 249 6.45 20.67 -2.54
N ALA C 250 6.72 21.03 -1.29
CA ALA C 250 6.60 20.08 -0.19
C ALA C 250 5.28 20.29 0.54
N ARG C 251 4.42 19.28 0.54
CA ARG C 251 3.13 19.36 1.19
C ARG C 251 3.28 19.20 2.71
N THR C 252 4.29 18.43 3.10
CA THR C 252 4.43 18.03 4.49
C THR C 252 5.80 18.40 5.08
N VAL C 253 5.80 18.86 6.32
CA VAL C 253 7.03 19.09 7.06
C VAL C 253 7.09 18.18 8.28
N HIS C 254 8.09 17.28 8.33
CA HIS C 254 8.28 16.47 9.52
C HIS C 254 9.21 17.24 10.46
N ALA C 255 9.00 17.13 11.76
CA ALA C 255 9.89 17.82 12.69
C ALA C 255 10.24 16.97 13.90
N TYR C 256 11.52 16.99 14.25
CA TYR C 256 11.97 16.45 15.51
C TYR C 256 11.90 17.53 16.56
N LEU C 257 11.09 17.28 17.58
CA LEU C 257 10.89 18.22 18.69
C LEU C 257 10.11 17.57 19.83
N SER C 258 10.11 18.21 20.99
CA SER C 258 9.32 17.75 22.11
C SER C 258 7.82 17.88 21.85
N PRO C 259 6.99 17.02 22.50
CA PRO C 259 5.53 17.23 22.39
C PRO C 259 5.12 18.50 23.16
N ASN C 260 6.06 19.06 23.93
CA ASN C 260 5.88 20.36 24.58
C ASN C 260 6.29 21.57 23.75
N ASP C 261 6.75 21.35 22.52
CA ASP C 261 7.19 22.45 21.68
C ASP C 261 6.05 23.44 21.41
N PRO C 262 6.34 24.75 21.48
CA PRO C 262 5.35 25.80 21.23
C PRO C 262 4.69 25.75 19.87
N VAL C 263 5.28 25.07 18.88
CA VAL C 263 4.70 25.03 17.54
C VAL C 263 3.27 24.44 17.56
N HIS C 264 3.00 23.53 18.49
CA HIS C 264 1.67 22.90 18.58
C HIS C 264 0.64 23.95 18.98
N LEU C 265 1.09 24.99 19.66
CA LEU C 265 0.21 26.07 20.12
C LEU C 265 0.04 27.14 19.05
N LEU C 266 0.91 27.13 18.04
CA LEU C 266 0.93 28.17 17.02
C LEU C 266 0.19 27.77 15.74
N VAL C 267 0.33 26.51 15.32
CA VAL C 267 -0.21 26.11 14.02
C VAL C 267 -1.70 25.80 14.07
N GLU C 268 -2.38 26.11 12.98
CA GLU C 268 -3.82 25.86 12.89
C GLU C 268 -4.16 24.37 12.90
N HIS C 269 -3.54 23.61 12.01
CA HIS C 269 -3.84 22.18 11.91
C HIS C 269 -2.89 21.42 12.81
N GLU C 270 -3.43 20.56 13.67
CA GLU C 270 -2.55 19.88 14.61
C GLU C 270 -1.74 18.82 13.87
N ALA C 271 -0.62 18.41 14.47
CA ALA C 271 0.27 17.43 13.85
C ALA C 271 -0.53 16.17 13.50
N ASP C 272 -0.09 15.45 12.47
CA ASP C 272 -0.75 14.21 12.09
C ASP C 272 -0.83 13.30 13.33
N LYS C 273 -1.93 12.56 13.47
CA LYS C 273 -2.09 11.61 14.56
C LYS C 273 -0.90 10.63 14.55
N GLN C 274 -0.49 10.22 13.35
CA GLN C 274 0.59 9.25 13.18
C GLN C 274 1.93 9.93 13.41
N ALA C 275 2.60 9.52 14.48
CA ALA C 275 3.90 10.10 14.85
C ALA C 275 4.91 9.00 15.09
N HIS C 276 6.19 9.38 15.16
CA HIS C 276 7.25 8.45 15.49
C HIS C 276 7.64 8.72 16.92
N VAL C 277 7.72 7.64 17.72
CA VAL C 277 8.16 7.74 19.10
C VAL C 277 9.23 6.67 19.27
N GLN C 278 10.50 7.08 19.43
CA GLN C 278 11.60 6.15 19.67
C GLN C 278 12.05 6.33 21.11
N ARG C 279 12.69 5.33 21.70
CA ARG C 279 13.19 5.46 23.06
C ARG C 279 14.70 5.28 23.12
N TRP C 280 15.37 5.99 24.03
CA TRP C 280 16.78 5.72 24.26
C TRP C 280 17.00 5.33 25.71
N MSE C 281 18.09 4.60 25.96
CA MSE C 281 18.37 4.12 27.31
C MSE C 281 19.48 4.91 27.98
O MSE C 281 20.28 5.54 27.30
CB MSE C 281 18.76 2.64 27.28
CG MSE C 281 17.59 1.73 27.03
SE MSE C 281 18.15 -0.13 27.14
CE MSE C 281 16.36 -0.92 27.20
N LEU C 282 19.51 4.83 29.31
CA LEU C 282 20.45 5.57 30.13
C LEU C 282 21.04 4.64 31.18
N ARG C 283 22.30 4.84 31.52
CA ARG C 283 22.90 4.18 32.69
C ARG C 283 23.77 5.15 33.49
N LEU C 284 23.70 5.10 34.82
CA LEU C 284 24.65 5.85 35.64
C LEU C 284 25.95 5.04 35.84
N LEU C 285 27.09 5.66 35.57
CA LEU C 285 28.38 5.00 35.79
C LEU C 285 29.07 5.47 37.08
N ASP C 286 28.81 6.71 37.47
CA ASP C 286 29.37 7.29 38.70
C ASP C 286 28.27 8.16 39.32
N ALA C 287 27.41 7.55 40.14
CA ALA C 287 26.21 8.22 40.62
C ALA C 287 26.45 9.53 41.40
N PRO C 288 27.43 9.56 42.33
CA PRO C 288 27.63 10.86 43.00
C PRO C 288 27.96 11.97 42.01
N ALA C 289 28.77 11.67 40.99
CA ALA C 289 29.18 12.69 40.04
C ALA C 289 28.04 13.04 39.10
N ALA C 290 27.23 12.05 38.74
CA ALA C 290 26.03 12.30 37.93
C ALA C 290 25.04 13.21 38.68
N ILE C 291 24.88 12.96 39.97
CA ILE C 291 23.97 13.77 40.77
C ILE C 291 24.52 15.18 40.93
N ALA C 292 25.82 15.29 41.20
CA ALA C 292 26.48 16.57 41.39
C ALA C 292 26.36 17.47 40.17
N ALA C 293 26.33 16.87 38.98
CA ALA C 293 26.30 17.67 37.75
C ALA C 293 24.87 17.96 37.25
N ARG C 294 23.88 17.26 37.80
CA ARG C 294 22.49 17.40 37.36
C ARG C 294 21.87 18.73 37.82
N GLY C 295 20.98 19.30 37.02
CA GLY C 295 20.15 20.39 37.51
C GLY C 295 18.96 19.78 38.21
N PHE C 296 18.46 20.41 39.26
CA PHE C 296 17.27 19.89 39.95
C PHE C 296 16.18 20.95 39.95
N ALA C 297 14.93 20.49 40.03
CA ALA C 297 13.77 21.37 39.94
C ALA C 297 13.79 22.54 40.93
N PRO C 298 13.54 23.75 40.43
CA PRO C 298 13.47 24.97 41.25
C PRO C 298 12.53 24.76 42.44
N GLY C 299 12.97 25.14 43.64
CA GLY C 299 12.12 25.04 44.81
C GLY C 299 12.06 23.65 45.42
N ALA C 300 12.44 22.64 44.66
CA ALA C 300 12.46 21.26 45.16
C ALA C 300 13.46 21.08 46.30
N ALA C 301 13.01 20.39 47.35
CA ALA C 301 13.88 20.03 48.47
C ALA C 301 13.65 18.57 48.83
N ALA C 302 14.74 17.85 49.12
CA ALA C 302 14.64 16.44 49.44
C ALA C 302 15.84 15.93 50.21
N GLU C 303 15.58 15.21 51.30
CA GLU C 303 16.61 14.48 52.03
C GLU C 303 16.11 13.05 52.13
N VAL C 304 16.75 12.14 51.39
CA VAL C 304 16.25 10.78 51.24
C VAL C 304 17.41 9.82 51.08
N ASP C 305 17.36 8.68 51.75
CA ASP C 305 18.37 7.64 51.52
C ASP C 305 18.01 6.74 50.31
N LEU C 306 19.04 6.27 49.62
CA LEU C 306 18.89 5.32 48.53
C LEU C 306 19.83 4.15 48.79
N LEU C 307 19.34 2.93 48.62
CA LEU C 307 20.19 1.75 48.68
C LEU C 307 20.41 1.26 47.25
N ILE C 308 21.64 1.40 46.76
CA ILE C 308 21.95 1.04 45.38
C ILE C 308 22.62 -0.33 45.30
N ASP C 309 22.03 -1.22 44.53
CA ASP C 309 22.58 -2.55 44.28
C ASP C 309 23.09 -2.60 42.84
N ASP C 310 24.36 -2.23 42.62
CA ASP C 310 24.91 -2.24 41.24
C ASP C 310 26.24 -3.00 41.19
N PRO C 311 26.17 -4.32 41.00
CA PRO C 311 27.40 -5.12 40.98
C PRO C 311 28.18 -4.87 39.69
N GLY C 312 27.55 -4.23 38.71
CA GLY C 312 28.25 -3.79 37.50
C GLY C 312 29.22 -2.66 37.76
N VAL C 313 28.90 -1.79 38.73
CA VAL C 313 29.78 -0.71 39.15
C VAL C 313 29.77 -0.65 40.68
N PRO C 314 30.59 -1.51 41.31
CA PRO C 314 30.63 -1.64 42.76
C PRO C 314 30.86 -0.31 43.50
N ALA C 315 31.61 0.59 42.89
CA ALA C 315 31.85 1.89 43.53
C ALA C 315 30.55 2.69 43.78
N GLN C 316 29.52 2.43 42.96
CA GLN C 316 28.21 3.07 43.11
C GLN C 316 27.35 2.38 44.17
N SER C 317 27.71 1.16 44.54
CA SER C 317 26.82 0.35 45.35
C SER C 317 26.87 0.70 46.82
N GLY C 318 25.78 0.40 47.54
CA GLY C 318 25.71 0.70 48.97
C GLY C 318 24.67 1.74 49.28
N ARG C 319 24.66 2.21 50.52
CA ARG C 319 23.65 3.16 50.96
C ARG C 319 24.15 4.60 50.88
N TRP C 320 23.36 5.43 50.22
CA TRP C 320 23.71 6.81 49.98
C TRP C 320 22.61 7.73 50.50
N HIS C 321 22.99 8.95 50.86
CA HIS C 321 22.02 9.98 51.20
C HIS C 321 21.97 11.02 50.08
N LEU C 322 20.76 11.29 49.59
CA LEU C 322 20.57 12.31 48.57
C LEU C 322 20.06 13.60 49.20
N SER C 323 20.82 14.69 48.99
CA SER C 323 20.43 16.00 49.50
C SER C 323 20.15 16.91 48.30
N VAL C 324 18.93 17.43 48.21
CA VAL C 324 18.56 18.33 47.13
C VAL C 324 17.99 19.63 47.68
N ALA C 325 18.57 20.75 47.27
CA ALA C 325 18.08 22.07 47.69
C ALA C 325 18.59 23.13 46.72
N ASP C 326 17.71 24.08 46.38
CA ASP C 326 18.09 25.24 45.58
C ASP C 326 18.70 24.86 44.24
N GLY C 327 18.14 23.83 43.62
CA GLY C 327 18.48 23.45 42.26
C GLY C 327 19.71 22.56 42.13
N THR C 328 20.36 22.27 43.25
CA THR C 328 21.59 21.50 43.26
C THR C 328 21.46 20.23 44.12
N GLY C 329 22.12 19.14 43.72
CA GLY C 329 22.03 17.90 44.46
C GLY C 329 23.38 17.32 44.87
N GLU C 330 23.40 16.58 45.97
CA GLU C 330 24.60 15.87 46.39
C GLU C 330 24.26 14.48 46.91
N LEU C 331 25.10 13.50 46.57
CA LEU C 331 24.93 12.12 47.03
C LEU C 331 26.12 11.72 47.90
N THR C 332 25.87 11.41 49.17
CA THR C 332 26.95 11.05 50.11
C THR C 332 26.66 9.72 50.80
N PRO C 333 27.70 9.00 51.26
CA PRO C 333 27.52 7.73 51.96
C PRO C 333 26.68 7.86 53.22
N SER C 334 25.84 6.86 53.50
CA SER C 334 25.01 6.85 54.71
C SER C 334 25.33 5.65 55.59
N ASP C 335 25.36 5.85 56.91
CA ASP C 335 25.58 4.72 57.81
C ASP C 335 24.28 4.23 58.46
N ARG C 336 23.16 4.69 57.91
CA ARG C 336 21.84 4.30 58.41
C ARG C 336 21.49 2.89 57.92
N SER C 337 20.52 2.24 58.56
CA SER C 337 20.19 0.85 58.22
C SER C 337 18.70 0.51 58.28
N GLY C 338 17.85 1.51 58.54
CA GLY C 338 16.42 1.31 58.55
C GLY C 338 15.83 1.12 57.16
N ASP C 339 14.50 1.08 57.07
CA ASP C 339 13.84 0.89 55.78
C ASP C 339 14.30 1.92 54.75
N VAL C 340 14.54 1.46 53.53
CA VAL C 340 15.11 2.34 52.52
C VAL C 340 14.65 1.92 51.14
N LEU C 341 14.43 2.90 50.27
CA LEU C 341 14.19 2.62 48.87
C LEU C 341 15.40 1.89 48.29
N GLN C 342 15.17 0.71 47.71
N GLN C 342 15.18 0.69 47.74
CA GLN C 342 16.24 -0.09 47.13
CA GLN C 342 16.28 -0.07 47.14
C GLN C 342 16.10 -0.14 45.60
C GLN C 342 16.10 -0.14 45.62
N LEU C 343 17.20 0.07 44.89
CA LEU C 343 17.19 0.03 43.42
C LEU C 343 18.45 -0.57 42.84
N GLY C 344 18.32 -1.17 41.65
CA GLY C 344 19.46 -1.64 40.90
C GLY C 344 19.85 -0.54 39.93
N SER C 345 20.75 -0.85 38.99
CA SER C 345 21.18 0.13 38.00
C SER C 345 20.04 0.63 37.09
N ARG C 346 19.18 -0.27 36.64
CA ARG C 346 18.05 0.11 35.80
C ARG C 346 17.13 1.14 36.51
N GLY C 347 16.78 0.86 37.76
CA GLY C 347 15.90 1.74 38.51
C GLY C 347 16.56 3.08 38.80
N LEU C 348 17.84 3.02 39.14
CA LEU C 348 18.63 4.22 39.37
C LEU C 348 18.62 5.14 38.14
N ALA C 349 18.95 4.57 36.98
CA ALA C 349 18.94 5.33 35.73
C ALA C 349 17.55 5.91 35.41
N ALA C 350 16.51 5.09 35.54
CA ALA C 350 15.16 5.56 35.26
C ALA C 350 14.73 6.67 36.24
N LEU C 351 15.07 6.51 37.51
CA LEU C 351 14.79 7.55 38.51
C LEU C 351 15.51 8.85 38.16
N TYR C 352 16.77 8.73 37.76
CA TYR C 352 17.59 9.89 37.37
C TYR C 352 16.96 10.61 36.18
N ALA C 353 16.30 9.84 35.33
CA ALA C 353 15.67 10.38 34.13
C ALA C 353 14.28 10.98 34.40
N GLY C 354 13.80 10.87 35.63
CA GLY C 354 12.49 11.40 36.00
C GLY C 354 11.30 10.45 35.82
N THR C 355 11.55 9.16 35.62
CA THR C 355 10.45 8.20 35.56
C THR C 355 9.75 8.15 36.93
N PRO C 356 8.41 8.23 36.94
CA PRO C 356 7.66 8.26 38.21
C PRO C 356 7.90 7.02 39.07
N LEU C 357 7.95 7.20 40.39
CA LEU C 357 8.23 6.09 41.29
C LEU C 357 7.15 5.01 41.19
N ALA C 358 5.89 5.43 41.01
CA ALA C 358 4.80 4.49 40.85
C ALA C 358 5.10 3.47 39.74
N ALA C 359 5.57 3.96 38.59
CA ALA C 359 5.89 3.08 37.47
C ALA C 359 7.06 2.15 37.77
N LEU C 360 8.07 2.67 38.49
CA LEU C 360 9.25 1.87 38.82
C LEU C 360 8.92 0.74 39.80
N ARG C 361 7.97 1.00 40.69
CA ARG C 361 7.59 -0.03 41.64
C ARG C 361 6.78 -1.10 40.93
N THR C 362 5.83 -0.68 40.09
CA THR C 362 5.04 -1.63 39.31
C THR C 362 5.93 -2.44 38.36
N ALA C 363 6.96 -1.83 37.80
CA ALA C 363 7.89 -2.56 36.95
C ALA C 363 8.87 -3.43 37.74
N GLY C 364 8.87 -3.31 39.07
CA GLY C 364 9.78 -4.09 39.92
C GLY C 364 11.23 -3.58 39.96
N LEU C 365 11.46 -2.38 39.45
CA LEU C 365 12.83 -1.87 39.31
C LEU C 365 13.28 -1.20 40.60
N VAL C 366 12.31 -0.97 41.47
CA VAL C 366 12.52 -0.25 42.70
C VAL C 366 11.69 -0.94 43.78
N THR C 367 12.27 -1.14 44.96
CA THR C 367 11.62 -1.93 46.01
C THR C 367 11.84 -1.34 47.42
N GLY C 368 10.87 -1.52 48.32
CA GLY C 368 11.01 -1.06 49.69
C GLY C 368 10.93 0.44 49.93
N GLY C 369 11.20 0.85 51.17
CA GLY C 369 11.25 2.26 51.52
C GLY C 369 9.89 2.89 51.76
N PRO C 370 9.87 4.00 52.51
CA PRO C 370 8.60 4.65 52.86
C PRO C 370 7.99 5.43 51.70
N VAL C 371 6.67 5.38 51.59
CA VAL C 371 5.90 6.14 50.62
C VAL C 371 6.29 7.62 50.58
N ALA C 372 6.66 8.16 51.74
CA ALA C 372 7.06 9.57 51.86
C ALA C 372 8.34 9.89 51.08
N SER C 373 9.23 8.91 50.94
CA SER C 373 10.43 9.09 50.13
C SER C 373 10.05 9.27 48.67
N ASP C 374 9.05 8.51 48.21
CA ASP C 374 8.59 8.53 46.82
C ASP C 374 8.21 9.93 46.35
N ARG C 375 7.47 10.65 47.19
CA ARG C 375 7.03 11.99 46.85
C ARG C 375 8.19 12.98 46.74
N LEU C 376 9.12 12.91 47.70
CA LEU C 376 10.32 13.75 47.64
C LEU C 376 11.13 13.49 46.37
N LEU C 377 11.46 12.22 46.12
CA LEU C 377 12.21 11.86 44.92
C LEU C 377 11.50 12.27 43.64
N ASP C 378 10.17 12.10 43.60
CA ASP C 378 9.41 12.42 42.40
C ASP C 378 9.57 13.89 42.00
N THR C 379 9.39 14.81 42.96
CA THR C 379 9.51 16.24 42.65
C THR C 379 10.96 16.69 42.41
N ALA C 380 11.90 16.17 43.19
CA ALA C 380 13.33 16.42 42.98
C ALA C 380 13.76 16.17 41.53
N PHE C 381 13.47 14.96 41.02
CA PHE C 381 13.87 14.60 39.67
C PHE C 381 12.83 15.01 38.63
N GLY C 382 11.79 15.70 39.10
CA GLY C 382 10.74 16.16 38.19
C GLY C 382 11.20 17.26 37.26
N GLY C 383 10.34 17.62 36.30
CA GLY C 383 10.65 18.68 35.36
C GLY C 383 10.20 18.24 33.98
N ALA C 384 10.70 18.92 32.96
CA ALA C 384 10.33 18.58 31.59
C ALA C 384 10.75 17.16 31.22
N ALA C 385 9.94 16.49 30.41
CA ALA C 385 10.20 15.12 30.00
C ALA C 385 11.45 15.06 29.12
N PRO C 386 12.40 14.16 29.44
CA PRO C 386 13.64 14.13 28.67
C PRO C 386 13.40 13.67 27.25
N TYR C 387 14.05 14.33 26.31
CA TYR C 387 13.95 13.94 24.92
C TYR C 387 15.23 14.35 24.21
N MSE C 388 15.35 13.89 22.98
CA MSE C 388 16.54 14.09 22.19
C MSE C 388 16.05 14.38 20.78
O MSE C 388 15.00 13.87 20.37
CB MSE C 388 17.35 12.78 22.18
CG MSE C 388 18.82 12.96 22.07
SE MSE C 388 19.60 11.17 22.14
CE MSE C 388 19.78 11.00 24.04
N LEU C 389 16.80 15.16 20.01
CA LEU C 389 16.45 15.41 18.62
C LEU C 389 17.17 14.43 17.71
N ASP C 390 18.31 13.91 18.16
CA ASP C 390 19.18 13.12 17.30
C ASP C 390 19.06 11.63 17.59
N TYR C 391 19.37 10.83 16.58
CA TYR C 391 19.61 9.40 16.74
C TYR C 391 21.10 9.17 16.56
N PHE C 392 21.66 8.18 17.26
CA PHE C 392 23.05 7.77 17.01
C PHE C 392 23.23 6.29 17.27
N ASP D 7 -32.95 36.10 14.23
CA ASP D 7 -33.72 34.93 13.77
C ASP D 7 -33.00 33.61 14.07
N LEU D 8 -31.78 33.71 14.60
CA LEU D 8 -31.09 32.55 15.14
C LEU D 8 -31.27 32.51 16.65
N ARG D 9 -31.69 31.38 17.16
CA ARG D 9 -32.01 31.26 18.58
C ARG D 9 -31.42 29.98 19.20
N LEU D 10 -30.71 30.15 20.30
CA LEU D 10 -30.19 29.02 21.07
C LEU D 10 -31.35 28.35 21.79
N VAL D 11 -31.39 27.01 21.80
CA VAL D 11 -32.42 26.29 22.54
C VAL D 11 -31.87 25.07 23.26
N ASP D 12 -32.71 24.50 24.13
CA ASP D 12 -32.46 23.18 24.67
C ASP D 12 -33.08 22.17 23.73
N ILE D 13 -32.26 21.25 23.23
CA ILE D 13 -32.74 20.22 22.32
C ILE D 13 -33.76 19.31 23.00
N THR D 14 -34.93 19.16 22.38
CA THR D 14 -35.95 18.25 22.90
C THR D 14 -35.90 16.90 22.20
N GLU D 15 -36.60 15.93 22.75
CA GLU D 15 -36.57 14.57 22.22
C GLU D 15 -37.14 14.50 20.81
N THR D 16 -38.06 15.39 20.47
CA THR D 16 -38.66 15.39 19.15
C THR D 16 -37.78 16.09 18.09
N GLN D 17 -36.75 16.82 18.53
CA GLN D 17 -35.84 17.48 17.60
C GLN D 17 -34.63 16.59 17.28
N LEU D 18 -34.58 15.41 17.89
CA LEU D 18 -33.45 14.51 17.70
C LEU D 18 -33.33 14.05 16.25
N ASP D 19 -34.47 13.86 15.59
CA ASP D 19 -34.44 13.47 14.17
C ASP D 19 -33.78 14.55 13.32
N ASP D 20 -34.04 15.81 13.66
CA ASP D 20 -33.39 16.94 13.01
C ASP D 20 -31.89 17.00 13.31
N VAL D 21 -31.52 16.72 14.57
CA VAL D 21 -30.12 16.68 14.95
C VAL D 21 -29.37 15.64 14.12
N LEU D 22 -29.95 14.45 13.99
CA LEU D 22 -29.33 13.36 13.22
C LEU D 22 -29.10 13.74 11.76
N ARG D 23 -30.02 14.51 11.18
CA ARG D 23 -29.82 15.03 9.82
C ARG D 23 -28.61 15.93 9.77
N VAL D 24 -28.54 16.88 10.71
CA VAL D 24 -27.38 17.76 10.77
C VAL D 24 -26.10 16.90 10.93
N ARG D 25 -26.15 15.92 11.83
CA ARG D 25 -24.99 15.08 12.10
C ARG D 25 -24.56 14.28 10.86
N ALA D 26 -25.54 13.76 10.13
CA ALA D 26 -25.25 13.00 8.91
C ALA D 26 -24.43 13.82 7.93
N ARG D 27 -24.72 15.12 7.87
CA ARG D 27 -24.10 16.03 6.91
C ARG D 27 -22.82 16.65 7.48
N SER D 28 -22.45 16.18 8.68
CA SER D 28 -21.31 16.72 9.41
C SER D 28 -20.23 15.66 9.63
N PHE D 29 -20.63 14.51 10.17
CA PHE D 29 -19.67 13.43 10.47
C PHE D 29 -19.74 12.24 9.50
N GLY D 30 -20.91 11.98 8.95
CA GLY D 30 -21.10 10.79 8.14
C GLY D 30 -22.37 10.09 8.59
N LEU D 31 -22.84 9.14 7.79
CA LEU D 31 -24.08 8.44 8.03
C LEU D 31 -23.93 7.48 9.20
N LEU D 32 -25.04 7.18 9.89
CA LEU D 32 -25.02 6.15 10.93
C LEU D 32 -25.74 4.94 10.40
N ALA D 33 -25.25 3.75 10.72
CA ALA D 33 -25.99 2.52 10.40
C ALA D 33 -27.33 2.55 11.15
N ALA D 34 -28.33 1.88 10.58
CA ALA D 34 -29.67 1.86 11.19
C ALA D 34 -29.62 1.31 12.61
N GLY D 35 -28.71 0.36 12.84
CA GLY D 35 -28.50 -0.18 14.17
C GLY D 35 -27.91 0.86 15.10
N ALA D 36 -26.77 1.40 14.72
CA ALA D 36 -26.08 2.42 15.51
C ALA D 36 -26.94 3.67 15.76
N ARG D 37 -27.90 3.92 14.87
CA ARG D 37 -28.80 5.06 15.01
C ARG D 37 -29.68 4.93 16.26
N GLU D 38 -30.17 3.71 16.51
CA GLU D 38 -30.96 3.44 17.71
C GLU D 38 -30.14 3.64 18.99
N ASP D 39 -28.89 3.21 18.97
CA ASP D 39 -28.00 3.39 20.12
C ASP D 39 -27.74 4.87 20.39
N TRP D 40 -27.71 5.67 19.31
CA TRP D 40 -27.45 7.09 19.41
C TRP D 40 -28.62 7.80 20.09
N VAL D 41 -29.84 7.42 19.71
CA VAL D 41 -31.04 7.95 20.36
C VAL D 41 -31.04 7.61 21.87
N ARG D 42 -30.80 6.34 22.18
CA ARG D 42 -30.70 5.85 23.56
C ARG D 42 -29.81 6.76 24.40
N ASP D 43 -28.61 7.03 23.88
CA ASP D 43 -27.65 7.90 24.55
C ASP D 43 -28.14 9.35 24.60
N ALA D 44 -28.72 9.82 23.50
CA ALA D 44 -29.14 11.22 23.39
C ALA D 44 -30.22 11.61 24.40
N VAL D 45 -31.06 10.66 24.79
CA VAL D 45 -32.17 10.95 25.71
C VAL D 45 -31.69 11.47 27.05
N GLU D 46 -30.69 10.80 27.64
CA GLU D 46 -30.11 11.22 28.92
C GLU D 46 -29.66 12.68 28.87
N PHE D 47 -29.04 13.04 27.75
CA PHE D 47 -28.51 14.38 27.57
C PHE D 47 -29.64 15.42 27.56
N VAL D 48 -30.72 15.13 26.83
CA VAL D 48 -31.87 16.02 26.75
C VAL D 48 -32.48 16.32 28.12
N HIS D 49 -32.69 15.26 28.91
CA HIS D 49 -33.34 15.38 30.21
C HIS D 49 -32.52 16.17 31.23
N ASP D 50 -31.21 15.91 31.27
CA ASP D 50 -30.32 16.54 32.24
C ASP D 50 -29.90 17.95 31.82
N GLY D 51 -30.56 18.50 30.79
CA GLY D 51 -30.22 19.83 30.30
C GLY D 51 -28.83 19.94 29.68
N ARG D 52 -28.30 18.83 29.18
CA ARG D 52 -26.96 18.83 28.61
C ARG D 52 -26.94 18.61 27.07
N PHE D 53 -28.00 19.01 26.40
CA PHE D 53 -28.06 18.97 24.93
C PHE D 53 -28.54 20.32 24.39
N LEU D 54 -27.62 21.08 23.79
CA LEU D 54 -27.96 22.41 23.28
C LEU D 54 -28.07 22.43 21.76
N GLY D 55 -28.85 23.37 21.25
CA GLY D 55 -28.97 23.52 19.82
C GLY D 55 -29.15 24.96 19.38
N VAL D 56 -29.07 25.19 18.07
CA VAL D 56 -29.47 26.47 17.50
C VAL D 56 -30.55 26.21 16.46
N VAL D 57 -31.68 26.92 16.59
CA VAL D 57 -32.75 26.79 15.61
C VAL D 57 -32.82 28.01 14.70
N SER D 58 -33.19 27.75 13.45
CA SER D 58 -33.52 28.79 12.50
C SER D 58 -34.99 28.59 12.27
N GLY D 59 -35.80 29.47 12.86
CA GLY D 59 -37.24 29.33 12.79
C GLY D 59 -37.71 28.07 13.49
N ASP D 60 -37.97 27.03 12.69
CA ASP D 60 -38.52 25.78 13.19
C ASP D 60 -37.44 24.70 13.28
N GLU D 61 -36.55 24.70 12.29
CA GLU D 61 -35.61 23.60 12.13
C GLU D 61 -34.33 23.77 12.96
N VAL D 62 -33.85 22.66 13.51
CA VAL D 62 -32.55 22.63 14.16
C VAL D 62 -31.47 22.78 13.09
N VAL D 63 -30.48 23.62 13.39
CA VAL D 63 -29.45 24.04 12.45
C VAL D 63 -28.08 23.69 13.02
N ALA D 64 -28.02 23.51 14.33
CA ALA D 64 -26.78 23.16 15.02
C ALA D 64 -27.10 22.50 16.34
N ALA D 65 -26.13 21.74 16.86
CA ALA D 65 -26.31 21.03 18.12
C ALA D 65 -24.95 20.67 18.71
N ALA D 66 -24.95 20.44 20.02
CA ALA D 66 -23.76 20.01 20.75
C ALA D 66 -24.21 19.42 22.09
N ARG D 67 -23.40 18.50 22.62
CA ARG D 67 -23.71 17.74 23.82
C ARG D 67 -22.68 18.06 24.89
N ILE D 68 -23.08 17.98 26.16
CA ILE D 68 -22.13 18.15 27.26
C ILE D 68 -22.08 16.89 28.12
N TRP D 69 -20.95 16.19 28.15
CA TRP D 69 -20.81 15.04 29.05
C TRP D 69 -20.60 15.55 30.47
N ASP D 70 -21.18 14.84 31.44
CA ASP D 70 -20.98 15.17 32.85
C ASP D 70 -19.81 14.37 33.42
N PHE D 71 -18.60 14.76 33.04
CA PHE D 71 -17.39 14.05 33.45
C PHE D 71 -16.85 14.56 34.77
N GLN D 72 -15.86 13.85 35.29
CA GLN D 72 -14.87 14.45 36.15
C GLN D 72 -13.54 14.13 35.50
N GLN D 73 -12.53 14.97 35.75
CA GLN D 73 -11.20 14.77 35.19
C GLN D 73 -10.17 14.86 36.32
N TRP D 74 -9.26 13.90 36.35
CA TRP D 74 -8.19 13.93 37.34
C TRP D 74 -7.20 15.06 37.05
N TRP D 75 -6.82 15.78 38.11
CA TRP D 75 -5.76 16.79 38.01
C TRP D 75 -4.93 16.77 39.28
N GLY D 76 -3.68 16.31 39.16
CA GLY D 76 -2.80 16.21 40.32
C GLY D 76 -3.34 15.25 41.37
N GLY D 77 -4.06 14.23 40.91
CA GLY D 77 -4.55 13.21 41.82
C GLY D 77 -5.89 13.50 42.47
N ARG D 78 -6.54 14.60 42.08
CA ARG D 78 -7.88 14.91 42.58
C ARG D 78 -8.89 14.99 41.43
N ARG D 79 -10.16 14.69 41.74
CA ARG D 79 -11.21 14.71 40.72
C ARG D 79 -11.81 16.11 40.59
N VAL D 80 -11.85 16.65 39.37
CA VAL D 80 -12.44 17.96 39.15
C VAL D 80 -13.63 17.79 38.20
N PRO D 81 -14.79 18.38 38.56
CA PRO D 81 -15.96 18.33 37.67
C PRO D 81 -15.64 18.96 36.32
N MSE D 82 -16.01 18.30 35.22
CA MSE D 82 -15.59 18.79 33.91
C MSE D 82 -16.66 18.59 32.82
O MSE D 82 -17.23 17.51 32.69
CB MSE D 82 -14.28 18.12 33.49
CG MSE D 82 -13.73 18.59 32.15
SE MSE D 82 -14.29 17.48 30.66
CE MSE D 82 -13.05 15.99 30.90
N ALA D 83 -16.89 19.64 32.05
CA ALA D 83 -17.86 19.58 30.96
C ALA D 83 -17.18 19.09 29.69
N GLY D 84 -17.47 17.86 29.30
CA GLY D 84 -16.88 17.32 28.08
C GLY D 84 -17.75 17.62 26.87
N ILE D 85 -17.24 18.44 25.95
CA ILE D 85 -18.05 18.83 24.79
C ILE D 85 -17.94 17.77 23.68
N ALA D 86 -19.08 17.36 23.13
CA ALA D 86 -19.07 16.34 22.09
C ALA D 86 -20.12 16.60 21.02
N GLY D 87 -19.91 15.99 19.85
CA GLY D 87 -20.86 16.04 18.75
C GLY D 87 -21.25 17.44 18.30
N VAL D 88 -20.28 18.36 18.27
CA VAL D 88 -20.54 19.71 17.79
C VAL D 88 -20.78 19.71 16.27
N VAL D 89 -22.01 20.00 15.86
CA VAL D 89 -22.33 19.95 14.42
C VAL D 89 -23.14 21.17 13.95
N VAL D 90 -22.87 21.63 12.73
CA VAL D 90 -23.62 22.75 12.15
C VAL D 90 -24.05 22.39 10.73
N ALA D 91 -25.31 22.65 10.39
CA ALA D 91 -25.82 22.39 9.04
C ALA D 91 -24.93 23.10 8.01
N PRO D 92 -24.57 22.40 6.92
CA PRO D 92 -23.58 22.98 5.99
C PRO D 92 -23.93 24.41 5.53
N GLU D 93 -25.16 24.66 5.10
CA GLU D 93 -25.52 26.00 4.58
C GLU D 93 -25.59 27.07 5.67
N TYR D 94 -25.41 26.67 6.93
CA TYR D 94 -25.43 27.61 8.04
C TYR D 94 -24.04 27.78 8.65
N ARG D 95 -23.04 27.17 8.02
CA ARG D 95 -21.64 27.27 8.48
C ARG D 95 -20.98 28.58 8.05
N GLY D 96 -19.91 28.97 8.74
CA GLY D 96 -19.20 30.20 8.42
C GLY D 96 -19.99 31.48 8.61
N ARG D 97 -21.01 31.45 9.47
CA ARG D 97 -21.83 32.63 9.75
C ARG D 97 -21.95 32.92 11.26
N GLY D 98 -21.10 32.29 12.06
CA GLY D 98 -21.07 32.54 13.49
C GLY D 98 -22.02 31.69 14.31
N VAL D 99 -22.73 30.78 13.64
CA VAL D 99 -23.67 29.88 14.33
C VAL D 99 -22.97 28.92 15.30
N GLY D 100 -21.84 28.36 14.88
CA GLY D 100 -21.08 27.45 15.72
C GLY D 100 -20.59 28.16 16.99
N SER D 101 -20.22 29.42 16.85
CA SER D 101 -19.72 30.19 17.99
C SER D 101 -20.86 30.61 18.89
N LEU D 102 -22.01 30.92 18.29
CA LEU D 102 -23.22 31.22 19.05
C LEU D 102 -23.57 29.99 19.89
N LEU D 103 -23.51 28.82 19.26
CA LEU D 103 -23.79 27.55 19.94
C LEU D 103 -22.90 27.36 21.16
N MSE D 104 -21.60 27.47 20.94
CA MSE D 104 -20.60 27.15 21.95
C MSE D 104 -20.61 28.12 23.13
O MSE D 104 -20.37 27.70 24.26
CB MSE D 104 -19.22 27.11 21.31
CG MSE D 104 -18.96 25.85 20.47
SE MSE D 104 -18.99 24.26 21.58
CE MSE D 104 -17.66 24.88 22.90
N ARG D 105 -20.87 29.40 22.87
CA ARG D 105 -21.03 30.35 23.96
C ARG D 105 -22.20 29.90 24.82
N GLY D 106 -23.23 29.35 24.18
CA GLY D 106 -24.36 28.76 24.88
C GLY D 106 -23.91 27.59 25.71
N VAL D 107 -23.05 26.75 25.12
CA VAL D 107 -22.53 25.57 25.81
C VAL D 107 -21.67 25.95 27.02
N LEU D 108 -20.83 26.98 26.85
CA LEU D 108 -19.98 27.45 27.94
C LEU D 108 -20.84 28.01 29.06
N GLU D 109 -21.78 28.86 28.68
CA GLU D 109 -22.79 29.40 29.59
C GLU D 109 -23.48 28.28 30.38
N ARG D 110 -23.99 27.26 29.69
CA ARG D 110 -24.70 26.17 30.35
C ARG D 110 -23.82 25.37 31.31
N SER D 111 -22.61 25.04 30.89
CA SER D 111 -21.71 24.25 31.74
C SER D 111 -21.33 24.96 33.04
N ARG D 112 -21.12 26.27 32.99
CA ARG D 112 -20.84 27.05 34.21
C ARG D 112 -22.02 27.01 35.14
N ASP D 113 -23.21 27.19 34.56
CA ASP D 113 -24.47 27.20 35.32
C ASP D 113 -24.67 25.88 36.06
N LYS D 114 -24.14 24.80 35.48
CA LYS D 114 -24.17 23.48 36.08
C LYS D 114 -23.04 23.28 37.10
N GLY D 115 -22.25 24.33 37.35
CA GLY D 115 -21.17 24.26 38.32
C GLY D 115 -19.95 23.46 37.88
N MSE D 116 -19.52 23.68 36.64
CA MSE D 116 -18.31 23.02 36.15
C MSE D 116 -17.18 24.02 35.92
O MSE D 116 -17.29 24.90 35.07
CB MSE D 116 -18.60 22.22 34.88
CG MSE D 116 -19.29 20.90 35.17
SE MSE D 116 -20.47 20.34 33.73
CE MSE D 116 -20.10 18.44 33.82
N PRO D 117 -16.08 23.88 36.68
CA PRO D 117 -14.94 24.81 36.63
C PRO D 117 -14.15 24.67 35.33
N ILE D 118 -14.10 23.47 34.76
CA ILE D 118 -13.34 23.25 33.53
C ILE D 118 -14.14 22.58 32.42
N SER D 119 -13.62 22.67 31.20
CA SER D 119 -14.22 22.02 30.05
C SER D 119 -13.12 21.46 29.13
N ALA D 120 -13.40 20.32 28.49
CA ALA D 120 -12.43 19.70 27.60
C ALA D 120 -13.10 19.11 26.37
N LEU D 121 -12.34 18.99 25.27
CA LEU D 121 -12.88 18.43 24.04
C LEU D 121 -11.77 18.06 23.06
N TYR D 122 -12.08 17.18 22.11
CA TYR D 122 -11.21 16.88 20.98
C TYR D 122 -11.70 17.66 19.77
N PRO D 123 -10.87 18.59 19.28
CA PRO D 123 -11.35 19.49 18.22
C PRO D 123 -11.08 18.90 16.83
N ALA D 124 -12.00 19.07 15.89
CA ALA D 124 -11.76 18.67 14.51
C ALA D 124 -11.08 19.82 13.78
N THR D 125 -11.32 21.03 14.28
CA THR D 125 -10.62 22.23 13.83
C THR D 125 -10.32 23.09 15.04
N THR D 126 -9.11 23.67 15.08
CA THR D 126 -8.68 24.41 16.27
C THR D 126 -9.20 25.85 16.32
N VAL D 127 -9.53 26.42 15.16
CA VAL D 127 -9.78 27.86 15.08
C VAL D 127 -10.94 28.30 15.98
N ILE D 128 -12.10 27.65 15.83
CA ILE D 128 -13.27 28.07 16.59
C ILE D 128 -13.04 27.94 18.10
N TYR D 129 -12.39 26.87 18.52
CA TYR D 129 -12.24 26.64 19.96
C TYR D 129 -11.19 27.56 20.57
N ARG D 130 -10.15 27.88 19.81
CA ARG D 130 -9.17 28.86 20.25
C ARG D 130 -9.78 30.26 20.41
N HIS D 131 -10.72 30.63 19.53
CA HIS D 131 -11.39 31.91 19.66
C HIS D 131 -12.25 31.92 20.92
N LEU D 132 -12.79 30.76 21.25
CA LEU D 132 -13.59 30.61 22.45
C LEU D 132 -12.74 30.45 23.71
N GLY D 133 -11.42 30.39 23.55
CA GLY D 133 -10.53 30.40 24.70
C GLY D 133 -9.94 29.04 25.09
N TYR D 134 -10.23 27.99 24.32
CA TYR D 134 -9.70 26.66 24.59
C TYR D 134 -8.26 26.54 24.10
N GLU D 135 -7.45 25.74 24.79
CA GLU D 135 -6.10 25.43 24.28
C GLU D 135 -5.74 23.96 24.57
N PHE D 136 -4.83 23.39 23.79
CA PHE D 136 -4.41 21.99 23.99
C PHE D 136 -3.87 21.82 25.40
N GLY D 137 -4.30 20.77 26.07
CA GLY D 137 -3.93 20.55 27.45
C GLY D 137 -3.31 19.19 27.67
N GLY D 138 -3.53 18.26 26.74
CA GLY D 138 -3.02 16.91 26.95
C GLY D 138 -3.13 16.02 25.74
N HIS D 139 -2.71 14.77 25.92
CA HIS D 139 -2.57 13.82 24.81
C HIS D 139 -3.34 12.54 25.06
N ARG D 140 -3.55 11.78 23.99
CA ARG D 140 -3.99 10.41 24.08
C ARG D 140 -3.06 9.59 23.18
N TYR D 141 -2.38 8.63 23.79
CA TYR D 141 -1.37 7.83 23.09
C TYR D 141 -1.85 6.42 22.80
N ARG D 142 -1.57 5.92 21.60
CA ARG D 142 -1.71 4.51 21.30
C ARG D 142 -0.37 3.87 20.88
N PHE D 143 0.01 2.82 21.58
CA PHE D 143 1.26 2.10 21.31
C PHE D 143 1.00 0.64 20.90
N SER D 144 1.84 0.12 20.03
CA SER D 144 1.66 -1.23 19.49
C SER D 144 2.79 -2.17 19.94
N PHE D 145 2.40 -3.28 20.55
CA PHE D 145 3.35 -4.28 21.06
C PHE D 145 3.16 -5.62 20.37
N GLN D 146 4.15 -6.49 20.51
CA GLN D 146 4.04 -7.87 20.01
C GLN D 146 3.33 -8.74 21.04
N ALA D 147 2.27 -9.41 20.62
CA ALA D 147 1.47 -10.22 21.56
C ALA D 147 2.30 -11.35 22.18
N ALA D 148 3.23 -11.89 21.40
CA ALA D 148 4.08 -12.99 21.87
C ALA D 148 4.92 -12.54 23.05
N ASP D 149 5.35 -11.27 22.99
CA ASP D 149 6.14 -10.65 24.03
C ASP D 149 5.31 -10.50 25.32
N LEU D 150 4.08 -10.00 25.18
CA LEU D 150 3.21 -9.82 26.34
C LEU D 150 2.86 -11.18 26.96
N ARG D 151 2.60 -12.17 26.10
CA ARG D 151 2.21 -13.50 26.57
C ARG D 151 3.20 -14.07 27.60
N SER D 152 4.48 -13.76 27.43
CA SER D 152 5.51 -14.41 28.24
C SER D 152 5.89 -13.63 29.51
N LEU D 153 5.12 -12.60 29.86
CA LEU D 153 5.49 -11.75 31.00
C LEU D 153 5.36 -12.47 32.36
N GLY D 154 4.66 -13.59 32.41
CA GLY D 154 4.59 -14.36 33.65
C GLY D 154 3.45 -13.92 34.56
N GLY D 155 3.69 -13.96 35.88
CA GLY D 155 2.65 -13.64 36.84
C GLY D 155 1.58 -14.74 36.89
N ARG D 156 1.98 -15.97 36.60
CA ARG D 156 1.04 -17.10 36.57
C ARG D 156 0.39 -17.37 37.93
N GLU D 157 1.09 -17.01 39.00
CA GLU D 157 0.58 -17.21 40.36
C GLU D 157 -0.62 -16.31 40.69
N VAL D 158 -0.79 -15.23 39.93
CA VAL D 158 -1.84 -14.27 40.24
C VAL D 158 -3.21 -14.71 39.75
N ALA D 159 -4.18 -14.73 40.66
CA ALA D 159 -5.57 -15.06 40.31
C ALA D 159 -6.19 -13.98 39.41
N VAL D 160 -6.64 -14.40 38.23
CA VAL D 160 -7.28 -13.51 37.29
C VAL D 160 -8.63 -14.13 36.91
N ARG D 161 -9.72 -13.38 37.06
CA ARG D 161 -11.03 -13.91 36.67
C ARG D 161 -11.75 -12.97 35.70
N ARG D 162 -12.63 -13.54 34.89
CA ARG D 162 -13.47 -12.76 33.98
C ARG D 162 -14.36 -11.78 34.77
N ALA D 163 -14.45 -10.54 34.30
CA ALA D 163 -15.26 -9.54 35.00
C ALA D 163 -16.50 -9.17 34.19
N GLY D 164 -17.44 -8.47 34.81
CA GLY D 164 -18.69 -8.10 34.17
C GLY D 164 -19.22 -6.80 34.76
N ALA D 165 -20.44 -6.42 34.40
CA ALA D 165 -21.06 -5.19 34.92
C ALA D 165 -21.01 -5.12 36.44
N LYS D 166 -21.21 -6.28 37.06
CA LYS D 166 -21.27 -6.41 38.53
C LYS D 166 -20.02 -5.88 39.22
N ASP D 167 -18.89 -5.87 38.50
CA ASP D 167 -17.60 -5.49 39.07
C ASP D 167 -17.31 -4.00 38.90
N ALA D 168 -18.27 -3.25 38.37
CA ALA D 168 -18.10 -1.83 38.06
C ALA D 168 -17.57 -0.99 39.24
N ALA D 169 -18.12 -1.22 40.42
CA ALA D 169 -17.72 -0.46 41.61
C ALA D 169 -16.27 -0.76 42.01
N ARG D 170 -15.86 -2.01 41.86
CA ARG D 170 -14.49 -2.41 42.20
C ARG D 170 -13.46 -1.81 41.24
N PHE D 171 -13.81 -1.74 39.95
CA PHE D 171 -13.00 -1.06 38.93
C PHE D 171 -12.75 0.40 39.30
N LEU D 172 -13.83 1.11 39.66
CA LEU D 172 -13.74 2.49 40.14
C LEU D 172 -12.77 2.63 41.31
N GLU D 173 -12.92 1.73 42.28
CA GLU D 173 -12.07 1.69 43.45
C GLU D 173 -10.60 1.52 43.11
N LEU D 174 -10.28 0.53 42.28
CA LEU D 174 -8.89 0.27 41.87
C LEU D 174 -8.28 1.46 41.12
N VAL D 175 -9.04 2.01 40.17
CA VAL D 175 -8.63 3.20 39.43
C VAL D 175 -8.37 4.37 40.39
N GLY D 176 -9.29 4.59 41.33
CA GLY D 176 -9.16 5.65 42.30
C GLY D 176 -7.86 5.58 43.09
N THR D 177 -7.53 4.38 43.57
CA THR D 177 -6.30 4.14 44.33
C THR D 177 -5.03 4.40 43.52
N ALA D 178 -5.04 3.98 42.27
CA ALA D 178 -3.91 4.17 41.37
C ALA D 178 -3.63 5.65 41.07
N HIS D 179 -4.67 6.36 40.66
CA HIS D 179 -4.52 7.77 40.26
C HIS D 179 -4.15 8.70 41.41
N GLU D 180 -4.62 8.38 42.61
CA GLU D 180 -4.26 9.18 43.77
C GLU D 180 -2.79 8.94 44.17
N ALA D 181 -2.35 7.69 44.06
CA ALA D 181 -0.97 7.36 44.36
C ALA D 181 -0.02 8.00 43.35
N SER D 182 -0.40 7.99 42.08
CA SER D 182 0.45 8.60 41.05
C SER D 182 0.23 10.10 40.85
N ARG D 183 -0.78 10.65 41.52
CA ARG D 183 -1.21 12.04 41.28
C ARG D 183 -1.48 12.30 39.79
N ALA D 184 -2.13 11.32 39.16
CA ALA D 184 -2.43 11.38 37.73
C ALA D 184 -3.23 12.62 37.31
N SER D 185 -3.09 12.98 36.05
CA SER D 185 -3.78 14.14 35.49
C SER D 185 -4.29 13.81 34.09
N GLY D 186 -5.49 14.30 33.79
CA GLY D 186 -6.01 14.25 32.44
C GLY D 186 -7.07 13.19 32.23
N LEU D 187 -6.97 12.10 32.99
CA LEU D 187 -7.87 10.96 32.80
C LEU D 187 -9.32 11.30 33.11
N LEU D 188 -10.24 10.69 32.36
CA LEU D 188 -11.68 10.91 32.56
C LEU D 188 -12.21 10.08 33.71
N VAL D 189 -13.24 10.59 34.38
CA VAL D 189 -13.99 9.79 35.34
C VAL D 189 -15.36 9.58 34.75
N TRP D 190 -15.70 8.33 34.45
CA TRP D 190 -17.04 8.00 33.97
C TRP D 190 -17.93 7.70 35.16
N PRO D 191 -19.22 8.05 35.05
CA PRO D 191 -20.20 7.60 36.05
C PRO D 191 -20.27 6.08 36.06
N GLU D 192 -20.51 5.49 37.23
CA GLU D 192 -20.51 4.02 37.39
C GLU D 192 -21.48 3.36 36.42
N SER D 193 -22.50 4.12 36.03
CA SER D 193 -23.48 3.71 35.01
C SER D 193 -22.82 3.32 33.69
N LYS D 194 -22.03 4.23 33.13
CA LYS D 194 -21.38 4.01 31.84
C LYS D 194 -20.33 2.91 31.93
N ILE D 195 -19.68 2.81 33.08
CA ILE D 195 -18.71 1.74 33.31
C ILE D 195 -19.43 0.40 33.27
N ALA D 196 -20.62 0.34 33.86
CA ALA D 196 -21.43 -0.88 33.82
C ALA D 196 -21.67 -1.31 32.37
N GLU D 197 -22.21 -0.40 31.55
CA GLU D 197 -22.47 -0.68 30.13
C GLU D 197 -21.21 -1.16 29.39
N TRP D 198 -20.10 -0.49 29.65
CA TRP D 198 -18.80 -0.85 29.13
C TRP D 198 -18.53 -2.34 29.38
N LEU D 199 -18.65 -2.75 30.63
CA LEU D 199 -18.36 -4.12 31.05
C LEU D 199 -19.46 -5.11 30.66
N GLU D 200 -20.68 -4.61 30.45
CA GLU D 200 -21.81 -5.41 29.96
C GLU D 200 -21.59 -5.84 28.52
N ASP D 201 -20.98 -4.95 27.74
CA ASP D 201 -20.80 -5.15 26.31
C ASP D 201 -19.98 -6.41 26.03
N GLU D 202 -20.60 -7.37 25.36
CA GLU D 202 -19.93 -8.64 25.08
C GLU D 202 -18.77 -8.51 24.09
N GLU D 203 -18.63 -7.35 23.45
CA GLU D 203 -17.48 -7.08 22.59
C GLU D 203 -16.25 -6.71 23.40
N ASN D 204 -16.47 -6.33 24.66
CA ASN D 204 -15.38 -5.96 25.57
C ASN D 204 -14.99 -7.13 26.47
N PHE D 205 -13.70 -7.43 26.55
CA PHE D 205 -13.26 -8.55 27.37
C PHE D 205 -12.57 -7.99 28.62
N ALA D 206 -13.22 -8.18 29.77
CA ALA D 206 -12.71 -7.59 31.01
C ALA D 206 -12.23 -8.66 32.01
N TYR D 207 -11.13 -8.38 32.71
CA TYR D 207 -10.57 -9.33 33.65
C TYR D 207 -10.12 -8.61 34.91
N LEU D 208 -10.35 -9.25 36.06
CA LEU D 208 -10.12 -8.66 37.36
C LEU D 208 -9.14 -9.48 38.19
N ALA D 209 -8.18 -8.81 38.81
CA ALA D 209 -7.31 -9.45 39.81
C ALA D 209 -7.55 -8.71 41.11
N GLU D 210 -6.95 -9.17 42.21
CA GLU D 210 -7.10 -8.50 43.51
C GLU D 210 -6.75 -7.02 43.47
N ASP D 211 -5.73 -6.67 42.70
CA ASP D 211 -5.23 -5.30 42.67
C ASP D 211 -5.02 -4.79 41.26
N GLY D 212 -5.87 -5.20 40.32
CA GLY D 212 -5.73 -4.73 38.97
C GLY D 212 -6.82 -5.26 38.06
N PHE D 213 -6.93 -4.66 36.88
CA PHE D 213 -7.84 -5.18 35.86
C PHE D 213 -7.36 -4.79 34.48
N VAL D 214 -7.97 -5.40 33.46
CA VAL D 214 -7.70 -5.00 32.08
C VAL D 214 -9.00 -5.16 31.27
N VAL D 215 -9.18 -4.28 30.30
CA VAL D 215 -10.32 -4.36 29.42
C VAL D 215 -9.78 -4.23 28.02
N TYR D 216 -10.07 -5.21 27.18
CA TYR D 216 -9.62 -5.18 25.80
C TYR D 216 -10.65 -5.74 24.84
N ASN D 217 -10.35 -5.65 23.54
CA ASN D 217 -11.28 -6.10 22.51
C ASN D 217 -10.56 -6.30 21.18
N TRP D 218 -11.27 -6.78 20.16
CA TRP D 218 -10.66 -6.99 18.85
C TRP D 218 -10.63 -5.69 18.10
N SER D 219 -9.52 -5.46 17.39
CA SER D 219 -9.38 -4.33 16.50
C SER D 219 -8.83 -4.84 15.18
N ASP D 220 -9.71 -5.15 14.23
CA ASP D 220 -9.30 -5.64 12.91
C ASP D 220 -8.23 -6.74 12.92
N GLY D 221 -8.46 -7.82 13.65
CA GLY D 221 -7.50 -8.91 13.67
C GLY D 221 -6.41 -8.77 14.73
N ASP D 222 -6.25 -7.56 15.25
CA ASP D 222 -5.35 -7.36 16.38
C ASP D 222 -6.18 -7.17 17.65
N LEU D 223 -5.52 -7.18 18.81
CA LEU D 223 -6.16 -6.89 20.08
C LEU D 223 -5.87 -5.45 20.48
N GLN D 224 -6.82 -4.81 21.17
CA GLN D 224 -6.65 -3.44 21.61
C GLN D 224 -7.02 -3.31 23.06
N VAL D 225 -6.07 -2.85 23.87
CA VAL D 225 -6.33 -2.66 25.29
C VAL D 225 -6.91 -1.26 25.53
N ASP D 226 -8.15 -1.20 26.01
CA ASP D 226 -8.81 0.06 26.37
C ASP D 226 -8.18 0.68 27.62
N GLU D 227 -7.91 -0.16 28.62
CA GLU D 227 -7.32 0.28 29.88
C GLU D 227 -6.75 -0.91 30.61
N LEU D 228 -5.60 -0.70 31.25
CA LEU D 228 -5.02 -1.69 32.15
C LEU D 228 -4.51 -0.97 33.39
N VAL D 229 -4.97 -1.41 34.56
CA VAL D 229 -4.55 -0.83 35.83
C VAL D 229 -3.97 -1.95 36.68
N ALA D 230 -2.80 -1.72 37.28
CA ALA D 230 -2.18 -2.73 38.13
C ALA D 230 -1.38 -2.06 39.23
N HIS D 231 -1.57 -2.51 40.46
CA HIS D 231 -0.89 -1.90 41.60
C HIS D 231 0.48 -2.52 41.87
N SER D 232 0.68 -3.74 41.37
CA SER D 232 1.88 -4.51 41.66
C SER D 232 2.45 -5.14 40.39
N GLU D 233 3.76 -5.45 40.44
CA GLU D 233 4.44 -6.05 39.30
C GLU D 233 3.81 -7.37 38.85
N ALA D 234 3.60 -8.26 39.82
CA ALA D 234 3.02 -9.57 39.55
C ALA D 234 1.71 -9.41 38.80
N THR D 235 0.85 -8.51 39.30
CA THR D 235 -0.44 -8.29 38.66
C THR D 235 -0.31 -7.66 37.27
N ALA D 236 0.64 -6.73 37.11
CA ALA D 236 0.90 -6.15 35.78
C ALA D 236 1.27 -7.26 34.79
N ARG D 237 2.19 -8.12 35.19
CA ARG D 237 2.60 -9.24 34.34
C ARG D 237 1.41 -10.16 33.97
N ALA D 238 0.64 -10.56 34.98
CA ALA D 238 -0.49 -11.46 34.77
C ALA D 238 -1.53 -10.90 33.78
N LEU D 239 -1.86 -9.62 33.96
CA LEU D 239 -2.88 -9.01 33.13
C LEU D 239 -2.40 -8.81 31.69
N TRP D 240 -1.16 -8.35 31.52
CA TRP D 240 -0.63 -8.23 30.16
C TRP D 240 -0.54 -9.61 29.52
N ALA D 241 -0.18 -10.62 30.30
CA ALA D 241 -0.07 -12.00 29.77
C ALA D 241 -1.43 -12.52 29.34
N THR D 242 -2.48 -12.10 30.04
CA THR D 242 -3.83 -12.51 29.69
C THR D 242 -4.18 -11.96 28.31
N VAL D 243 -3.87 -10.68 28.08
CA VAL D 243 -4.11 -10.10 26.76
C VAL D 243 -3.27 -10.85 25.73
N GLY D 244 -1.98 -11.03 26.03
CA GLY D 244 -1.06 -11.65 25.09
C GLY D 244 -1.31 -13.13 24.82
N SER D 245 -2.08 -13.80 25.68
CA SER D 245 -2.36 -15.23 25.53
C SER D 245 -3.03 -15.55 24.17
N GLY D 246 -3.54 -14.54 23.49
CA GLY D 246 -4.16 -14.76 22.18
C GLY D 246 -3.19 -14.62 21.01
N ALA D 247 -1.89 -14.59 21.31
CA ALA D 247 -0.87 -14.33 20.29
C ALA D 247 -0.90 -15.32 19.12
N SER D 248 -1.47 -16.50 19.31
CA SER D 248 -1.58 -17.47 18.20
C SER D 248 -2.45 -16.94 17.04
N ILE D 249 -3.38 -16.05 17.36
CA ILE D 249 -4.27 -15.45 16.36
C ILE D 249 -3.94 -13.98 16.13
N ALA D 250 -3.76 -13.24 17.23
CA ALA D 250 -3.46 -11.81 17.17
C ALA D 250 -1.96 -11.56 17.33
N ARG D 251 -1.34 -11.03 16.29
CA ARG D 251 0.10 -10.79 16.29
C ARG D 251 0.44 -9.57 17.14
N THR D 252 -0.46 -8.60 17.13
CA THR D 252 -0.18 -7.27 17.67
C THR D 252 -1.23 -6.89 18.70
N VAL D 253 -0.77 -6.27 19.78
CA VAL D 253 -1.65 -5.70 20.77
C VAL D 253 -1.44 -4.18 20.81
N HIS D 254 -2.47 -3.43 20.42
CA HIS D 254 -2.43 -1.98 20.55
C HIS D 254 -2.91 -1.62 21.96
N ALA D 255 -2.34 -0.57 22.55
CA ALA D 255 -2.80 -0.18 23.87
C ALA D 255 -2.85 1.33 24.03
N TYR D 256 -3.92 1.82 24.63
CA TYR D 256 -3.98 3.21 25.05
C TYR D 256 -3.42 3.26 26.46
N LEU D 257 -2.37 4.05 26.63
CA LEU D 257 -1.73 4.23 27.94
C LEU D 257 -0.75 5.39 27.92
N SER D 258 -0.23 5.75 29.10
CA SER D 258 0.82 6.78 29.21
C SER D 258 2.15 6.36 28.58
N PRO D 259 2.96 7.34 28.14
CA PRO D 259 4.31 6.96 27.70
C PRO D 259 5.18 6.61 28.91
N ASN D 260 4.68 6.94 30.11
CA ASN D 260 5.29 6.53 31.39
C ASN D 260 4.79 5.18 31.94
N ASP D 261 3.95 4.49 31.19
CA ASP D 261 3.37 3.24 31.68
C ASP D 261 4.47 2.23 31.93
N PRO D 262 4.38 1.46 33.02
CA PRO D 262 5.44 0.49 33.31
C PRO D 262 5.57 -0.65 32.27
N VAL D 263 4.57 -0.86 31.41
CA VAL D 263 4.71 -1.91 30.40
C VAL D 263 5.98 -1.74 29.55
N HIS D 264 6.36 -0.50 29.23
CA HIS D 264 7.57 -0.24 28.45
C HIS D 264 8.83 -0.76 29.16
N LEU D 265 8.78 -0.81 30.48
CA LEU D 265 9.92 -1.23 31.29
C LEU D 265 9.94 -2.77 31.46
N LEU D 266 8.83 -3.43 31.10
CA LEU D 266 8.65 -4.87 31.31
C LEU D 266 8.86 -5.71 30.05
N VAL D 267 8.35 -5.23 28.91
CA VAL D 267 8.37 -6.02 27.68
C VAL D 267 9.76 -6.04 27.04
N GLU D 268 10.10 -7.16 26.39
CA GLU D 268 11.38 -7.28 25.72
C GLU D 268 11.49 -6.38 24.48
N HIS D 269 10.47 -6.41 23.62
CA HIS D 269 10.50 -5.62 22.40
C HIS D 269 9.78 -4.29 22.58
N GLU D 270 10.48 -3.20 22.32
CA GLU D 270 9.95 -1.86 22.40
C GLU D 270 8.71 -1.71 21.54
N ALA D 271 7.73 -0.92 21.99
CA ALA D 271 6.57 -0.61 21.16
C ALA D 271 7.02 -0.11 19.79
N ASP D 272 6.23 -0.39 18.77
CA ASP D 272 6.53 0.08 17.41
C ASP D 272 6.82 1.56 17.42
N LYS D 273 7.83 1.99 16.66
CA LYS D 273 8.11 3.41 16.45
C LYS D 273 6.85 4.19 16.01
N GLN D 274 6.05 3.57 15.13
CA GLN D 274 4.80 4.17 14.67
C GLN D 274 3.75 4.18 15.78
N ALA D 275 3.42 5.37 16.28
CA ALA D 275 2.46 5.50 17.37
C ALA D 275 1.37 6.50 17.01
N HIS D 276 0.26 6.47 17.73
CA HIS D 276 -0.79 7.48 17.60
C HIS D 276 -0.67 8.46 18.74
N VAL D 277 -0.68 9.75 18.40
CA VAL D 277 -0.66 10.80 19.41
C VAL D 277 -1.75 11.82 19.05
N GLN D 278 -2.85 11.82 19.80
CA GLN D 278 -3.91 12.81 19.61
C GLN D 278 -3.84 13.83 20.73
N ARG D 279 -4.43 15.00 20.51
CA ARG D 279 -4.43 16.05 21.54
C ARG D 279 -5.85 16.44 21.89
N TRP D 280 -6.10 16.73 23.16
CA TRP D 280 -7.39 17.28 23.54
C TRP D 280 -7.19 18.68 24.11
N MSE D 281 -8.25 19.48 24.07
CA MSE D 281 -8.17 20.87 24.51
C MSE D 281 -8.84 21.08 25.85
O MSE D 281 -9.69 20.29 26.26
CB MSE D 281 -8.79 21.80 23.47
CG MSE D 281 -7.87 22.09 22.27
SE MSE D 281 -8.62 23.44 21.04
CE MSE D 281 -6.99 23.74 19.99
N LEU D 282 -8.47 22.17 26.52
CA LEU D 282 -8.98 22.46 27.85
C LEU D 282 -9.35 23.93 27.94
N ARG D 283 -10.34 24.25 28.76
CA ARG D 283 -10.64 25.64 29.09
C ARG D 283 -11.08 25.78 30.55
N LEU D 284 -10.61 26.82 31.24
CA LEU D 284 -11.10 27.14 32.57
C LEU D 284 -12.38 27.97 32.46
N LEU D 285 -13.42 27.55 33.17
CA LEU D 285 -14.69 28.26 33.20
C LEU D 285 -14.85 29.06 34.50
N ASP D 286 -14.32 28.50 35.58
CA ASP D 286 -14.36 29.14 36.90
C ASP D 286 -13.00 28.95 37.56
N ALA D 287 -12.08 29.88 37.27
CA ALA D 287 -10.69 29.74 37.69
C ALA D 287 -10.49 29.43 39.19
N PRO D 288 -11.11 30.23 40.10
CA PRO D 288 -10.90 29.93 41.52
C PRO D 288 -11.36 28.53 41.91
N ALA D 289 -12.51 28.10 41.40
CA ALA D 289 -12.99 26.75 41.70
C ALA D 289 -12.11 25.68 41.08
N ALA D 290 -11.57 25.97 39.89
CA ALA D 290 -10.70 25.03 39.20
C ALA D 290 -9.40 24.83 39.97
N ILE D 291 -8.88 25.94 40.49
CA ILE D 291 -7.66 25.93 41.28
C ILE D 291 -7.90 25.25 42.63
N ALA D 292 -9.03 25.58 43.25
CA ALA D 292 -9.43 24.98 44.53
C ALA D 292 -9.58 23.45 44.47
N ALA D 293 -9.93 22.92 43.30
CA ALA D 293 -10.20 21.49 43.21
C ALA D 293 -9.00 20.68 42.71
N ARG D 294 -8.00 21.37 42.15
CA ARG D 294 -6.82 20.72 41.58
C ARG D 294 -5.89 20.17 42.66
N GLY D 295 -5.21 19.07 42.37
CA GLY D 295 -4.14 18.60 43.23
C GLY D 295 -2.83 19.22 42.80
N PHE D 296 -1.99 19.59 43.76
CA PHE D 296 -0.70 20.20 43.46
C PHE D 296 0.48 19.32 43.88
N ALA D 297 1.58 19.44 43.13
CA ALA D 297 2.78 18.64 43.39
C ALA D 297 3.25 18.74 44.84
N PRO D 298 3.61 17.59 45.43
CA PRO D 298 4.13 17.52 46.79
C PRO D 298 5.33 18.44 46.99
N GLY D 299 5.40 19.09 48.14
CA GLY D 299 6.50 19.99 48.44
C GLY D 299 6.41 21.37 47.81
N ALA D 300 5.67 21.47 46.71
CA ALA D 300 5.58 22.72 45.96
C ALA D 300 4.91 23.86 46.73
N ALA D 301 5.56 25.02 46.73
CA ALA D 301 5.01 26.21 47.35
C ALA D 301 5.13 27.38 46.38
N ALA D 302 4.07 28.18 46.29
CA ALA D 302 4.07 29.35 45.42
C ALA D 302 3.12 30.43 45.91
N GLU D 303 3.58 31.68 45.81
CA GLU D 303 2.78 32.85 46.11
C GLU D 303 3.06 33.84 45.00
N VAL D 304 2.21 33.84 43.97
CA VAL D 304 2.46 34.64 42.78
C VAL D 304 1.14 35.25 42.25
N ASP D 305 1.23 36.44 41.68
CA ASP D 305 0.07 37.10 41.07
C ASP D 305 -0.11 36.76 39.59
N LEU D 306 -1.36 36.73 39.16
CA LEU D 306 -1.70 36.48 37.77
C LEU D 306 -2.62 37.60 37.29
N LEU D 307 -2.39 38.13 36.10
CA LEU D 307 -3.33 39.08 35.52
C LEU D 307 -4.05 38.44 34.35
N ILE D 308 -5.30 38.07 34.58
CA ILE D 308 -6.10 37.34 33.60
C ILE D 308 -6.96 38.27 32.73
N ASP D 309 -6.83 38.15 31.42
CA ASP D 309 -7.73 38.85 30.50
C ASP D 309 -8.58 37.84 29.74
N ASP D 310 -9.81 37.63 30.21
CA ASP D 310 -10.71 36.62 29.62
C ASP D 310 -12.08 37.22 29.30
N PRO D 311 -12.18 37.88 28.14
CA PRO D 311 -13.43 38.54 27.74
C PRO D 311 -14.55 37.53 27.47
N GLY D 312 -14.19 36.27 27.29
CA GLY D 312 -15.16 35.19 27.10
C GLY D 312 -15.84 34.79 28.40
N VAL D 313 -15.12 34.94 29.51
CA VAL D 313 -15.68 34.72 30.84
C VAL D 313 -15.21 35.85 31.76
N PRO D 314 -15.83 37.03 31.64
CA PRO D 314 -15.34 38.25 32.32
C PRO D 314 -15.28 38.14 33.85
N ALA D 315 -15.94 37.14 34.42
CA ALA D 315 -15.90 36.91 35.87
C ALA D 315 -14.53 36.40 36.35
N GLN D 316 -13.79 35.75 35.44
CA GLN D 316 -12.46 35.24 35.75
C GLN D 316 -11.42 36.34 35.68
N SER D 317 -11.75 37.40 34.95
CA SER D 317 -10.78 38.43 34.60
C SER D 317 -10.37 39.29 35.79
N GLY D 318 -9.19 39.91 35.68
CA GLY D 318 -8.68 40.77 36.73
C GLY D 318 -7.35 40.28 37.28
N ARG D 319 -6.90 40.92 38.35
CA ARG D 319 -5.67 40.52 39.00
C ARG D 319 -5.95 39.55 40.13
N TRP D 320 -5.28 38.39 40.08
CA TRP D 320 -5.49 37.34 41.06
C TRP D 320 -4.20 37.00 41.78
N HIS D 321 -4.34 36.35 42.93
CA HIS D 321 -3.19 35.88 43.68
C HIS D 321 -3.26 34.37 43.86
N LEU D 322 -2.27 33.66 43.33
CA LEU D 322 -2.23 32.21 43.48
C LEU D 322 -1.39 31.83 44.69
N SER D 323 -2.01 31.11 45.61
CA SER D 323 -1.32 30.61 46.79
C SER D 323 -1.36 29.09 46.74
N VAL D 324 -0.18 28.47 46.71
CA VAL D 324 -0.09 27.01 46.66
C VAL D 324 0.81 26.50 47.79
N ALA D 325 0.27 25.59 48.60
CA ALA D 325 1.01 25.01 49.72
C ALA D 325 0.36 23.70 50.13
N ASP D 326 1.18 22.69 50.40
CA ASP D 326 0.72 21.40 50.94
C ASP D 326 -0.29 20.65 50.07
N GLY D 327 -0.11 20.70 48.76
CA GLY D 327 -0.96 19.94 47.85
C GLY D 327 -2.21 20.67 47.37
N THR D 328 -2.61 21.73 48.08
CA THR D 328 -3.78 22.50 47.66
C THR D 328 -3.43 23.94 47.26
N GLY D 329 -4.31 24.56 46.47
CA GLY D 329 -4.10 25.92 46.01
C GLY D 329 -5.34 26.78 46.19
N GLU D 330 -5.18 28.10 46.03
CA GLU D 330 -6.28 29.04 46.20
C GLU D 330 -6.02 30.27 45.33
N LEU D 331 -7.03 30.69 44.58
CA LEU D 331 -6.93 31.88 43.75
C LEU D 331 -7.78 32.99 44.34
N THR D 332 -7.14 34.04 44.84
CA THR D 332 -7.83 35.16 45.48
C THR D 332 -7.65 36.46 44.71
N PRO D 333 -8.63 37.36 44.81
CA PRO D 333 -8.46 38.71 44.26
C PRO D 333 -7.22 39.36 44.87
N SER D 334 -6.46 40.10 44.08
CA SER D 334 -5.26 40.74 44.58
C SER D 334 -5.25 42.25 44.42
N ASP D 335 -4.83 42.92 45.50
CA ASP D 335 -4.70 44.38 45.55
C ASP D 335 -3.38 44.92 45.06
N ARG D 336 -2.40 44.07 44.80
CA ARG D 336 -1.04 44.51 44.51
C ARG D 336 -0.96 45.17 43.16
N SER D 337 0.13 45.91 42.91
CA SER D 337 0.20 46.78 41.74
C SER D 337 1.24 46.58 40.64
N GLY D 338 2.41 46.04 40.95
CA GLY D 338 3.48 46.06 39.95
C GLY D 338 3.42 45.09 38.77
N ASP D 339 4.59 44.85 38.17
CA ASP D 339 4.72 43.97 37.00
C ASP D 339 4.18 42.58 37.31
N VAL D 340 3.41 42.03 36.38
CA VAL D 340 2.73 40.77 36.64
C VAL D 340 2.56 39.95 35.36
N LEU D 341 2.63 38.63 35.50
CA LEU D 341 2.39 37.72 34.38
C LEU D 341 0.97 37.92 33.88
N GLN D 342 0.83 38.16 32.58
CA GLN D 342 -0.48 38.36 31.98
C GLN D 342 -0.83 37.19 31.06
N LEU D 343 -2.04 36.67 31.22
CA LEU D 343 -2.53 35.61 30.34
C LEU D 343 -4.01 35.74 30.01
N GLY D 344 -4.37 35.25 28.83
CA GLY D 344 -5.76 35.12 28.45
C GLY D 344 -6.25 33.72 28.77
N SER D 345 -7.44 33.38 28.28
CA SER D 345 -8.02 32.07 28.54
C SER D 345 -7.13 30.91 28.06
N ARG D 346 -6.56 31.03 26.87
CA ARG D 346 -5.74 29.96 26.31
C ARG D 346 -4.50 29.67 27.17
N GLY D 347 -3.77 30.73 27.53
CA GLY D 347 -2.58 30.60 28.36
C GLY D 347 -2.92 30.07 29.75
N LEU D 348 -4.03 30.55 30.29
CA LEU D 348 -4.53 30.07 31.59
C LEU D 348 -4.77 28.56 31.60
N ALA D 349 -5.51 28.07 30.61
CA ALA D 349 -5.83 26.65 30.53
C ALA D 349 -4.57 25.83 30.34
N ALA D 350 -3.68 26.31 29.48
CA ALA D 350 -2.46 25.57 29.21
C ALA D 350 -1.61 25.48 30.48
N LEU D 351 -1.51 26.59 31.20
CA LEU D 351 -0.77 26.63 32.46
C LEU D 351 -1.36 25.66 33.50
N TYR D 352 -2.69 25.62 33.59
CA TYR D 352 -3.39 24.70 34.48
C TYR D 352 -3.03 23.27 34.13
N ALA D 353 -2.90 23.01 32.84
CA ALA D 353 -2.64 21.66 32.34
C ALA D 353 -1.18 21.24 32.52
N GLY D 354 -0.31 22.18 32.88
CA GLY D 354 1.08 21.87 33.14
C GLY D 354 2.03 22.15 31.99
N THR D 355 1.56 22.88 30.99
CA THR D 355 2.41 23.32 29.88
C THR D 355 3.43 24.31 30.42
N PRO D 356 4.72 24.04 30.15
CA PRO D 356 5.79 24.86 30.74
C PRO D 356 5.77 26.32 30.26
N LEU D 357 6.05 27.23 31.18
CA LEU D 357 6.02 28.68 30.93
C LEU D 357 6.83 29.12 29.71
N ALA D 358 8.00 28.49 29.53
CA ALA D 358 8.87 28.81 28.41
C ALA D 358 8.15 28.67 27.06
N ALA D 359 7.43 27.57 26.87
CA ALA D 359 6.67 27.36 25.65
C ALA D 359 5.48 28.31 25.54
N LEU D 360 4.85 28.61 26.67
CA LEU D 360 3.72 29.55 26.70
C LEU D 360 4.16 30.94 26.25
N ARG D 361 5.36 31.32 26.65
CA ARG D 361 5.91 32.63 26.29
C ARG D 361 6.28 32.70 24.80
N THR D 362 6.89 31.63 24.29
CA THR D 362 7.27 31.56 22.88
C THR D 362 6.04 31.47 21.97
N ALA D 363 4.97 30.86 22.49
CA ALA D 363 3.70 30.82 21.75
C ALA D 363 2.95 32.16 21.83
N GLY D 364 3.36 33.02 22.77
CA GLY D 364 2.72 34.31 22.94
C GLY D 364 1.39 34.26 23.67
N LEU D 365 1.21 33.21 24.48
CA LEU D 365 -0.06 33.01 25.20
C LEU D 365 0.03 33.65 26.57
N VAL D 366 1.23 34.08 26.90
CA VAL D 366 1.53 34.61 28.22
C VAL D 366 2.57 35.70 28.03
N THR D 367 2.39 36.83 28.71
CA THR D 367 3.32 37.95 28.57
C THR D 367 3.60 38.65 29.91
N GLY D 368 4.74 39.32 29.99
CA GLY D 368 5.09 40.09 31.19
C GLY D 368 5.48 39.25 32.38
N GLY D 369 5.70 39.92 33.52
CA GLY D 369 6.03 39.25 34.76
C GLY D 369 7.51 38.91 34.92
N PRO D 370 7.97 38.78 36.17
CA PRO D 370 9.36 38.39 36.46
C PRO D 370 9.60 36.91 36.25
N VAL D 371 10.84 36.52 35.95
CA VAL D 371 11.17 35.12 35.71
C VAL D 371 11.18 34.30 37.01
N ALA D 372 11.23 35.00 38.14
CA ALA D 372 11.12 34.35 39.44
C ALA D 372 9.74 33.70 39.56
N SER D 373 8.74 34.40 39.04
CA SER D 373 7.36 33.91 39.05
C SER D 373 7.20 32.62 38.25
N ASP D 374 7.97 32.51 37.17
CA ASP D 374 7.82 31.38 36.26
C ASP D 374 8.21 30.05 36.91
N ARG D 375 9.32 30.05 37.64
CA ARG D 375 9.77 28.87 38.39
C ARG D 375 8.75 28.45 39.43
N LEU D 376 8.22 29.44 40.15
CA LEU D 376 7.13 29.23 41.10
C LEU D 376 5.93 28.55 40.40
N LEU D 377 5.59 29.03 39.22
CA LEU D 377 4.43 28.50 38.52
C LEU D 377 4.69 27.11 37.93
N ASP D 378 5.86 26.92 37.31
CA ASP D 378 6.18 25.66 36.67
C ASP D 378 6.08 24.46 37.61
N THR D 379 6.74 24.58 38.75
CA THR D 379 6.75 23.50 39.74
C THR D 379 5.39 23.33 40.40
N ALA D 380 4.68 24.43 40.64
CA ALA D 380 3.32 24.37 41.17
C ALA D 380 2.42 23.48 40.29
N PHE D 381 2.48 23.70 38.98
CA PHE D 381 1.62 22.97 38.05
C PHE D 381 2.32 21.77 37.43
N GLY D 382 3.55 21.50 37.87
CA GLY D 382 4.31 20.38 37.37
C GLY D 382 3.77 19.04 37.82
N GLY D 383 4.32 17.96 37.28
CA GLY D 383 3.87 16.63 37.62
C GLY D 383 3.71 15.80 36.36
N ALA D 384 3.17 14.60 36.52
CA ALA D 384 3.00 13.67 35.40
C ALA D 384 2.26 14.33 34.25
N ALA D 385 2.71 14.08 33.03
CA ALA D 385 2.10 14.67 31.85
C ALA D 385 0.64 14.25 31.77
N PRO D 386 -0.26 15.22 31.52
CA PRO D 386 -1.69 14.86 31.42
C PRO D 386 -2.04 14.04 30.17
N TYR D 387 -2.84 12.99 30.37
CA TYR D 387 -3.27 12.16 29.24
C TYR D 387 -4.68 11.59 29.47
N MSE D 388 -5.30 11.07 28.41
CA MSE D 388 -6.56 10.35 28.51
C MSE D 388 -6.43 9.00 27.82
O MSE D 388 -5.59 8.85 26.93
CB MSE D 388 -7.68 11.07 27.75
CG MSE D 388 -8.23 12.32 28.38
SE MSE D 388 -9.78 12.87 27.34
CE MSE D 388 -9.85 14.71 28.01
N LEU D 389 -7.30 8.06 28.18
CA LEU D 389 -7.41 6.78 27.47
C LEU D 389 -8.51 6.86 26.43
N ASP D 390 -9.47 7.74 26.66
CA ASP D 390 -10.69 7.78 25.85
C ASP D 390 -10.70 8.89 24.83
N TYR D 391 -11.42 8.65 23.73
CA TYR D 391 -11.82 9.69 22.81
C TYR D 391 -13.30 9.96 23.08
N PHE D 392 -13.74 11.21 22.89
CA PHE D 392 -15.18 11.50 22.89
C PHE D 392 -15.52 12.64 21.94
N ASP E 7 18.13 45.96 -0.84
CA ASP E 7 18.00 46.39 -2.23
C ASP E 7 18.17 45.23 -3.20
N LEU E 8 17.15 44.99 -4.00
CA LEU E 8 17.13 43.88 -4.94
C LEU E 8 17.36 44.37 -6.36
N ARG E 9 18.09 43.60 -7.15
CA ARG E 9 18.31 43.95 -8.56
C ARG E 9 18.06 42.77 -9.48
N LEU E 10 17.22 42.99 -10.48
CA LEU E 10 17.06 42.07 -11.60
C LEU E 10 18.38 42.01 -12.38
N VAL E 11 18.84 40.80 -12.72
CA VAL E 11 20.05 40.66 -13.52
C VAL E 11 19.94 39.55 -14.54
N ASP E 12 20.90 39.51 -15.45
CA ASP E 12 21.07 38.38 -16.36
C ASP E 12 22.09 37.46 -15.71
N ILE E 13 21.66 36.25 -15.37
CA ILE E 13 22.53 35.26 -14.76
C ILE E 13 23.75 35.01 -15.62
N THR E 14 24.93 35.07 -15.01
CA THR E 14 26.16 34.73 -15.71
C THR E 14 26.54 33.28 -15.40
N GLU E 15 27.49 32.76 -16.18
CA GLU E 15 27.93 31.39 -16.06
C GLU E 15 28.57 31.11 -14.70
N THR E 16 29.23 32.12 -14.14
CA THR E 16 29.89 31.99 -12.84
C THR E 16 28.88 32.08 -11.68
N GLN E 17 27.63 32.40 -12.01
CA GLN E 17 26.58 32.49 -10.99
C GLN E 17 25.72 31.24 -10.96
N LEU E 18 26.03 30.28 -11.81
CA LEU E 18 25.25 29.04 -11.89
C LEU E 18 25.32 28.23 -10.60
N ASP E 19 26.51 28.17 -9.98
CA ASP E 19 26.66 27.47 -8.70
C ASP E 19 25.73 28.07 -7.64
N ASP E 20 25.62 29.39 -7.63
CA ASP E 20 24.68 30.05 -6.72
C ASP E 20 23.22 29.71 -7.05
N VAL E 21 22.88 29.71 -8.34
CA VAL E 21 21.53 29.34 -8.77
C VAL E 21 21.20 27.91 -8.32
N LEU E 22 22.18 27.03 -8.44
CA LEU E 22 22.01 25.64 -8.02
C LEU E 22 21.77 25.51 -6.51
N ARG E 23 22.39 26.38 -5.73
CA ARG E 23 22.14 26.41 -4.30
C ARG E 23 20.70 26.81 -4.02
N VAL E 24 20.23 27.85 -4.68
CA VAL E 24 18.82 28.24 -4.59
C VAL E 24 17.92 27.10 -5.08
N ARG E 25 18.29 26.52 -6.22
CA ARG E 25 17.52 25.39 -6.76
C ARG E 25 17.44 24.22 -5.76
N ALA E 26 18.54 23.89 -5.10
CA ALA E 26 18.53 22.75 -4.17
C ALA E 26 17.52 22.96 -3.03
N ARG E 27 17.38 24.20 -2.56
CA ARG E 27 16.48 24.52 -1.45
C ARG E 27 15.07 24.82 -1.96
N SER E 28 14.86 24.57 -3.25
CA SER E 28 13.55 24.81 -3.88
C SER E 28 12.91 23.52 -4.41
N PHE E 29 13.69 22.74 -5.15
CA PHE E 29 13.15 21.57 -5.83
C PHE E 29 13.62 20.27 -5.22
N GLY E 30 14.80 20.29 -4.60
CA GLY E 30 15.42 19.08 -4.07
C GLY E 30 16.84 18.98 -4.58
N LEU E 31 17.61 18.03 -4.05
CA LEU E 31 19.02 17.88 -4.42
C LEU E 31 19.20 17.24 -5.80
N LEU E 32 20.25 17.65 -6.52
CA LEU E 32 20.62 17.01 -7.78
C LEU E 32 21.71 15.95 -7.58
N ALA E 33 21.55 14.80 -8.23
CA ALA E 33 22.58 13.76 -8.21
C ALA E 33 23.85 14.31 -8.85
N ALA E 34 25.00 13.78 -8.45
CA ALA E 34 26.29 14.26 -8.94
C ALA E 34 26.34 14.39 -10.46
N GLY E 35 25.86 13.37 -11.16
CA GLY E 35 25.86 13.36 -12.61
C GLY E 35 24.92 14.37 -13.23
N ALA E 36 23.66 14.35 -12.82
CA ALA E 36 22.62 15.21 -13.39
C ALA E 36 22.91 16.71 -13.20
N ARG E 37 23.77 17.02 -12.24
CA ARG E 37 24.21 18.38 -12.03
C ARG E 37 25.01 18.86 -13.23
N GLU E 38 26.01 18.06 -13.61
CA GLU E 38 26.86 18.36 -14.76
C GLU E 38 26.05 18.57 -16.04
N ASP E 39 25.00 17.77 -16.22
CA ASP E 39 24.06 17.94 -17.33
C ASP E 39 23.26 19.24 -17.20
N TRP E 40 22.91 19.61 -15.97
CA TRP E 40 22.14 20.81 -15.70
C TRP E 40 22.96 22.05 -16.05
N VAL E 41 24.22 22.04 -15.64
CA VAL E 41 25.15 23.14 -15.91
C VAL E 41 25.33 23.32 -17.43
N ARG E 42 25.57 22.22 -18.14
CA ARG E 42 25.70 22.24 -19.60
C ARG E 42 24.46 22.82 -20.27
N ASP E 43 23.29 22.39 -19.81
CA ASP E 43 22.03 22.91 -20.34
C ASP E 43 21.82 24.41 -20.05
N ALA E 44 22.20 24.82 -18.85
CA ALA E 44 22.04 26.20 -18.39
C ALA E 44 22.88 27.18 -19.22
N VAL E 45 24.05 26.73 -19.65
CA VAL E 45 24.99 27.58 -20.39
C VAL E 45 24.37 28.19 -21.65
N GLU E 46 23.58 27.39 -22.36
CA GLU E 46 22.95 27.85 -23.59
C GLU E 46 21.95 28.97 -23.29
N PHE E 47 21.19 28.81 -22.20
CA PHE E 47 20.24 29.83 -21.74
C PHE E 47 20.96 31.14 -21.40
N VAL E 48 22.09 31.03 -20.70
CA VAL E 48 22.89 32.20 -20.35
C VAL E 48 23.36 32.97 -21.58
N HIS E 49 23.91 32.25 -22.55
CA HIS E 49 24.47 32.87 -23.74
C HIS E 49 23.42 33.56 -24.61
N ASP E 50 22.18 33.08 -24.58
CA ASP E 50 21.13 33.66 -25.40
C ASP E 50 20.26 34.67 -24.63
N GLY E 51 20.75 35.13 -23.49
CA GLY E 51 20.04 36.11 -22.68
C GLY E 51 18.69 35.62 -22.16
N ARG E 52 18.60 34.33 -21.90
CA ARG E 52 17.34 33.72 -21.49
C ARG E 52 17.41 33.10 -20.08
N PHE E 53 18.34 33.62 -19.28
CA PHE E 53 18.45 33.19 -17.89
C PHE E 53 18.41 34.43 -17.01
N LEU E 54 17.29 34.61 -16.29
CA LEU E 54 17.08 35.80 -15.47
C LEU E 54 17.29 35.48 -14.00
N GLY E 55 17.69 36.49 -13.23
CA GLY E 55 17.87 36.33 -11.79
C GLY E 55 17.61 37.60 -11.01
N VAL E 56 17.54 37.46 -9.69
CA VAL E 56 17.52 38.61 -8.80
C VAL E 56 18.71 38.49 -7.85
N VAL E 57 19.46 39.58 -7.66
CA VAL E 57 20.56 39.58 -6.69
C VAL E 57 20.28 40.48 -5.49
N SER E 58 20.79 40.08 -4.33
CA SER E 58 20.74 40.89 -3.12
C SER E 58 22.17 41.15 -2.70
N GLY E 59 22.61 42.40 -2.84
CA GLY E 59 24.03 42.68 -2.77
C GLY E 59 24.69 42.00 -3.95
N ASP E 60 25.54 41.02 -3.68
CA ASP E 60 26.18 40.25 -4.75
C ASP E 60 25.68 38.80 -4.81
N GLU E 61 24.69 38.46 -3.99
CA GLU E 61 24.22 37.08 -3.89
C GLU E 61 22.98 36.86 -4.75
N VAL E 62 23.03 35.83 -5.59
CA VAL E 62 21.85 35.44 -6.38
C VAL E 62 20.82 34.85 -5.43
N VAL E 63 19.58 35.33 -5.55
CA VAL E 63 18.57 35.08 -4.54
C VAL E 63 17.29 34.50 -5.18
N ALA E 64 17.21 34.64 -6.50
CA ALA E 64 16.11 34.08 -7.27
C ALA E 64 16.59 33.89 -8.70
N ALA E 65 15.97 32.95 -9.42
CA ALA E 65 16.34 32.73 -10.82
C ALA E 65 15.19 32.08 -11.60
N ALA E 66 15.16 32.34 -12.91
CA ALA E 66 14.18 31.71 -13.79
C ALA E 66 14.75 31.68 -15.20
N ARG E 67 14.37 30.68 -15.99
CA ARG E 67 14.89 30.59 -17.36
C ARG E 67 13.75 30.57 -18.39
N ILE E 68 14.10 30.85 -19.64
CA ILE E 68 13.10 30.94 -20.71
C ILE E 68 13.45 30.05 -21.90
N TRP E 69 12.60 29.05 -22.15
CA TRP E 69 12.77 28.21 -23.32
C TRP E 69 12.35 28.93 -24.59
N ASP E 70 13.16 28.81 -25.64
CA ASP E 70 12.81 29.32 -26.96
C ASP E 70 11.94 28.33 -27.75
N PHE E 71 10.68 28.21 -27.35
CA PHE E 71 9.76 27.25 -27.98
C PHE E 71 9.01 27.84 -29.16
N GLN E 72 8.32 26.97 -29.88
CA GLN E 72 7.16 27.38 -30.63
C GLN E 72 6.03 26.53 -30.09
N GLN E 73 4.79 27.00 -30.25
CA GLN E 73 3.64 26.25 -29.77
C GLN E 73 2.56 26.26 -30.85
N TRP E 74 2.02 25.09 -31.13
CA TRP E 74 0.98 24.98 -32.15
C TRP E 74 -0.30 25.63 -31.64
N TRP E 75 -0.93 26.43 -32.50
CA TRP E 75 -2.27 26.98 -32.23
C TRP E 75 -3.08 26.98 -33.52
N GLY E 76 -4.10 26.12 -33.58
CA GLY E 76 -4.92 26.03 -34.77
C GLY E 76 -4.15 25.65 -36.02
N GLY E 77 -3.10 24.85 -35.85
CA GLY E 77 -2.34 24.33 -36.96
C GLY E 77 -1.26 25.26 -37.45
N ARG E 78 -0.93 26.26 -36.66
CA ARG E 78 0.17 27.15 -36.98
C ARG E 78 1.12 27.31 -35.80
N ARG E 79 2.41 27.51 -36.08
CA ARG E 79 3.43 27.60 -35.03
C ARG E 79 3.58 29.03 -34.51
N VAL E 80 3.45 29.21 -33.21
CA VAL E 80 3.55 30.54 -32.61
C VAL E 80 4.76 30.58 -31.67
N PRO E 81 5.66 31.55 -31.86
CA PRO E 81 6.83 31.67 -30.97
C PRO E 81 6.36 31.85 -29.53
N MSE E 82 6.99 31.16 -28.58
CA MSE E 82 6.44 31.08 -27.23
C MSE E 82 7.53 30.99 -26.16
O MSE E 82 8.49 30.23 -26.31
CB MSE E 82 5.49 29.88 -27.14
CG MSE E 82 4.80 29.71 -25.78
SE MSE E 82 5.77 28.54 -24.57
CE MSE E 82 5.02 26.85 -25.13
N ALA E 83 7.37 31.76 -25.09
CA ALA E 83 8.36 31.81 -24.03
C ALA E 83 7.99 30.80 -22.95
N GLY E 84 8.71 29.67 -22.90
CA GLY E 84 8.40 28.64 -21.91
C GLY E 84 9.14 28.92 -20.61
N ILE E 85 8.41 29.24 -19.56
CA ILE E 85 9.08 29.59 -18.30
C ILE E 85 9.39 28.36 -17.47
N ALA E 86 10.63 28.27 -16.96
CA ALA E 86 11.06 27.06 -16.27
C ALA E 86 11.98 27.37 -15.09
N GLY E 87 12.00 26.46 -14.12
CA GLY E 87 12.93 26.53 -13.01
C GLY E 87 12.85 27.83 -12.21
N VAL E 88 11.64 28.28 -11.94
CA VAL E 88 11.43 29.49 -11.15
C VAL E 88 11.67 29.17 -9.67
N VAL E 89 12.70 29.78 -9.10
CA VAL E 89 13.15 29.48 -7.74
C VAL E 89 13.56 30.75 -6.99
N VAL E 90 13.17 30.83 -5.72
CA VAL E 90 13.53 31.95 -4.84
C VAL E 90 14.09 31.35 -3.55
N ALA E 91 15.15 31.96 -3.03
CA ALA E 91 15.78 31.50 -1.78
C ALA E 91 14.76 31.58 -0.68
N PRO E 92 14.77 30.59 0.23
CA PRO E 92 13.76 30.53 1.31
C PRO E 92 13.64 31.82 2.14
N GLU E 93 14.75 32.45 2.54
CA GLU E 93 14.67 33.68 3.34
C GLU E 93 14.17 34.87 2.55
N TYR E 94 14.07 34.74 1.24
CA TYR E 94 13.68 35.88 0.41
C TYR E 94 12.27 35.69 -0.14
N ARG E 95 11.68 34.56 0.20
CA ARG E 95 10.33 34.24 -0.26
C ARG E 95 9.28 35.12 0.42
N GLY E 96 8.10 35.23 -0.19
CA GLY E 96 7.00 36.00 0.36
C GLY E 96 7.19 37.50 0.51
N ARG E 97 8.13 38.09 -0.24
CA ARG E 97 8.37 39.54 -0.13
C ARG E 97 8.36 40.24 -1.49
N GLY E 98 7.81 39.59 -2.51
CA GLY E 98 7.73 40.22 -3.83
C GLY E 98 8.87 39.89 -4.76
N VAL E 99 9.84 39.08 -4.31
CA VAL E 99 11.00 38.74 -5.15
C VAL E 99 10.64 37.90 -6.37
N GLY E 100 9.80 36.89 -6.18
CA GLY E 100 9.32 36.07 -7.30
C GLY E 100 8.62 36.93 -8.34
N SER E 101 7.80 37.86 -7.89
CA SER E 101 7.03 38.71 -8.80
C SER E 101 7.95 39.66 -9.55
N LEU E 102 8.95 40.20 -8.85
CA LEU E 102 9.96 41.04 -9.48
C LEU E 102 10.67 40.27 -10.60
N LEU E 103 11.12 39.05 -10.27
CA LEU E 103 11.76 38.15 -11.23
C LEU E 103 10.90 37.97 -12.46
N MSE E 104 9.63 37.60 -12.25
CA MSE E 104 8.73 37.25 -13.34
C MSE E 104 8.36 38.44 -14.21
O MSE E 104 8.14 38.30 -15.42
CB MSE E 104 7.47 36.56 -12.81
CG MSE E 104 7.70 35.13 -12.33
SE MSE E 104 8.27 33.99 -13.82
CE MSE E 104 6.79 34.37 -15.03
N ARG E 105 8.28 39.62 -13.61
CA ARG E 105 8.04 40.81 -14.40
C ARG E 105 9.21 41.04 -15.36
N GLY E 106 10.42 40.76 -14.88
CA GLY E 106 11.61 40.81 -15.73
C GLY E 106 11.55 39.76 -16.83
N VAL E 107 11.09 38.57 -16.46
CA VAL E 107 10.99 37.48 -17.43
C VAL E 107 9.98 37.83 -18.53
N LEU E 108 8.88 38.45 -18.13
CA LEU E 108 7.85 38.85 -19.07
C LEU E 108 8.39 39.92 -20.02
N GLU E 109 9.16 40.87 -19.48
CA GLU E 109 9.70 41.95 -20.29
C GLU E 109 10.74 41.42 -21.30
N ARG E 110 11.66 40.60 -20.79
CA ARG E 110 12.65 39.93 -21.65
C ARG E 110 11.95 39.11 -22.74
N SER E 111 10.88 38.41 -22.36
CA SER E 111 10.12 37.63 -23.33
C SER E 111 9.52 38.51 -24.45
N ARG E 112 9.00 39.68 -24.09
CA ARG E 112 8.46 40.61 -25.09
C ARG E 112 9.58 41.08 -26.02
N ASP E 113 10.70 41.49 -25.44
CA ASP E 113 11.81 42.06 -26.19
C ASP E 113 12.37 41.09 -27.22
N LYS E 114 12.28 39.79 -26.91
CA LYS E 114 12.74 38.76 -27.82
C LYS E 114 11.69 38.34 -28.85
N GLY E 115 10.56 39.05 -28.90
CA GLY E 115 9.53 38.82 -29.90
C GLY E 115 8.59 37.65 -29.72
N MSE E 116 8.42 37.17 -28.49
CA MSE E 116 7.49 36.08 -28.23
C MSE E 116 6.12 36.62 -27.80
O MSE E 116 6.00 37.27 -26.76
CB MSE E 116 8.07 35.13 -27.19
CG MSE E 116 9.37 34.49 -27.66
SE MSE E 116 10.56 33.88 -26.24
CE MSE E 116 11.24 32.31 -27.15
N PRO E 117 5.10 36.37 -28.63
CA PRO E 117 3.76 36.92 -28.39
C PRO E 117 2.99 36.22 -27.28
N ILE E 118 3.43 35.01 -26.91
CA ILE E 118 2.77 34.26 -25.85
C ILE E 118 3.80 33.61 -24.95
N SER E 119 3.36 33.18 -23.76
CA SER E 119 4.23 32.52 -22.79
C SER E 119 3.44 31.45 -22.06
N ALA E 120 4.11 30.36 -21.69
CA ALA E 120 3.44 29.25 -21.03
C ALA E 120 4.31 28.60 -19.97
N LEU E 121 3.68 27.90 -19.01
CA LEU E 121 4.42 27.23 -17.94
C LEU E 121 3.54 26.27 -17.15
N TYR E 122 4.16 25.33 -16.45
CA TYR E 122 3.49 24.48 -15.48
C TYR E 122 3.74 25.07 -14.09
N PRO E 123 2.67 25.54 -13.43
CA PRO E 123 2.89 26.24 -12.16
C PRO E 123 2.92 25.29 -10.97
N ALA E 124 3.84 25.50 -10.02
CA ALA E 124 3.80 24.73 -8.77
C ALA E 124 2.72 25.31 -7.86
N THR E 125 2.55 26.63 -7.92
CA THR E 125 1.49 27.33 -7.23
C THR E 125 0.84 28.27 -8.23
N THR E 126 -0.48 28.38 -8.20
CA THR E 126 -1.20 29.21 -9.17
C THR E 126 -1.19 30.70 -8.85
N VAL E 127 -0.99 31.04 -7.58
CA VAL E 127 -1.27 32.41 -7.14
C VAL E 127 -0.35 33.45 -7.79
N ILE E 128 0.95 33.22 -7.72
CA ILE E 128 1.89 34.20 -8.26
C ILE E 128 1.65 34.43 -9.76
N TYR E 129 1.36 33.36 -10.49
CA TYR E 129 1.20 33.46 -11.93
C TYR E 129 -0.13 34.07 -12.32
N ARG E 130 -1.17 33.78 -11.55
CA ARG E 130 -2.47 34.41 -11.79
C ARG E 130 -2.40 35.92 -11.62
N HIS E 131 -1.68 36.38 -10.59
CA HIS E 131 -1.47 37.83 -10.41
C HIS E 131 -0.70 38.43 -11.58
N LEU E 132 0.15 37.63 -12.22
CA LEU E 132 0.92 38.12 -13.36
C LEU E 132 0.15 38.05 -14.69
N GLY E 133 -1.04 37.45 -14.68
CA GLY E 133 -1.87 37.42 -15.88
C GLY E 133 -2.01 36.07 -16.57
N TYR E 134 -1.38 35.04 -16.02
CA TYR E 134 -1.45 33.70 -16.60
C TYR E 134 -2.75 33.02 -16.17
N GLU E 135 -3.26 32.12 -17.02
CA GLU E 135 -4.41 31.28 -16.66
C GLU E 135 -4.24 29.93 -17.36
N PHE E 136 -4.87 28.88 -16.83
CA PHE E 136 -4.78 27.55 -17.42
C PHE E 136 -5.26 27.56 -18.88
N GLY E 137 -4.53 26.90 -19.74
CA GLY E 137 -4.78 26.97 -21.17
C GLY E 137 -4.96 25.61 -21.81
N GLY E 138 -4.50 24.57 -21.12
CA GLY E 138 -4.58 23.23 -21.65
C GLY E 138 -4.03 22.14 -20.75
N HIS E 139 -4.03 20.92 -21.26
CA HIS E 139 -3.76 19.75 -20.44
C HIS E 139 -2.58 18.93 -20.94
N ARG E 140 -2.10 18.04 -20.09
CA ARG E 140 -1.17 17.00 -20.49
C ARG E 140 -1.72 15.73 -19.86
N TYR E 141 -2.03 14.75 -20.72
CA TYR E 141 -2.70 13.53 -20.27
C TYR E 141 -1.77 12.33 -20.37
N ARG E 142 -1.82 11.46 -19.38
CA ARG E 142 -1.15 10.16 -19.46
C ARG E 142 -2.16 9.04 -19.24
N PHE E 143 -2.24 8.14 -20.23
CA PHE E 143 -3.14 6.99 -20.12
C PHE E 143 -2.31 5.72 -20.09
N SER E 144 -2.86 4.68 -19.49
CA SER E 144 -2.13 3.42 -19.35
C SER E 144 -2.88 2.27 -20.05
N PHE E 145 -2.16 1.57 -20.92
CA PHE E 145 -2.73 0.46 -21.70
C PHE E 145 -2.04 -0.85 -21.34
N GLN E 146 -2.68 -1.97 -21.65
CA GLN E 146 -2.06 -3.28 -21.50
C GLN E 146 -1.15 -3.54 -22.71
N ALA E 147 0.10 -3.89 -22.44
CA ALA E 147 1.08 -4.10 -23.51
C ALA E 147 0.64 -5.18 -24.47
N ALA E 148 0.06 -6.25 -23.94
CA ALA E 148 -0.33 -7.40 -24.76
C ALA E 148 -1.39 -7.00 -25.77
N ASP E 149 -2.20 -6.01 -25.39
CA ASP E 149 -3.23 -5.47 -26.28
C ASP E 149 -2.58 -4.72 -27.46
N LEU E 150 -1.59 -3.88 -27.16
CA LEU E 150 -0.88 -3.15 -28.21
C LEU E 150 -0.11 -4.10 -29.12
N ARG E 151 0.50 -5.13 -28.51
CA ARG E 151 1.28 -6.10 -29.28
C ARG E 151 0.51 -6.71 -30.45
N SER E 152 -0.78 -6.96 -30.26
CA SER E 152 -1.53 -7.71 -31.27
C SER E 152 -2.28 -6.85 -32.31
N LEU E 153 -1.99 -5.54 -32.32
CA LEU E 153 -2.64 -4.61 -33.24
C LEU E 153 -2.33 -4.83 -34.73
N GLY E 154 -1.21 -5.49 -35.04
CA GLY E 154 -0.90 -5.84 -36.41
C GLY E 154 -0.04 -4.83 -37.16
N GLY E 155 -0.40 -4.58 -38.42
CA GLY E 155 0.40 -3.72 -39.29
C GLY E 155 1.76 -4.35 -39.56
N ARG E 156 1.78 -5.68 -39.61
CA ARG E 156 3.03 -6.44 -39.69
C ARG E 156 3.86 -6.17 -40.95
N GLU E 157 3.19 -5.86 -42.05
CA GLU E 157 3.91 -5.64 -43.29
C GLU E 157 4.30 -4.18 -43.48
N VAL E 158 4.37 -3.44 -42.37
CA VAL E 158 4.89 -2.07 -42.40
C VAL E 158 6.37 -2.03 -41.99
N ALA E 159 7.20 -1.39 -42.80
CA ALA E 159 8.63 -1.23 -42.51
C ALA E 159 8.88 -0.27 -41.33
N VAL E 160 9.40 -0.81 -40.23
CA VAL E 160 9.75 0.02 -39.07
C VAL E 160 11.25 -0.14 -38.79
N ARG E 161 12.03 0.95 -38.80
CA ARG E 161 13.45 0.85 -38.47
C ARG E 161 13.82 1.67 -37.24
N ARG E 162 14.87 1.23 -36.55
CA ARG E 162 15.41 1.98 -35.41
C ARG E 162 15.84 3.35 -35.91
N ALA E 163 15.53 4.39 -35.15
CA ALA E 163 15.89 5.75 -35.56
C ALA E 163 16.97 6.31 -34.63
N GLY E 164 17.65 7.35 -35.09
CA GLY E 164 18.71 7.99 -34.32
C GLY E 164 18.71 9.50 -34.56
N ALA E 165 19.79 10.18 -34.17
CA ALA E 165 19.88 11.64 -34.33
C ALA E 165 19.74 12.09 -35.78
N LYS E 166 20.24 11.27 -36.71
CA LYS E 166 20.21 11.59 -38.14
C LYS E 166 18.79 11.75 -38.69
N ASP E 167 17.81 11.30 -37.92
CA ASP E 167 16.42 11.35 -38.37
C ASP E 167 15.63 12.51 -37.79
N ALA E 168 16.31 13.41 -37.08
CA ALA E 168 15.65 14.55 -36.43
C ALA E 168 14.80 15.36 -37.39
N ALA E 169 15.37 15.70 -38.55
CA ALA E 169 14.68 16.53 -39.54
C ALA E 169 13.38 15.87 -40.02
N ARG E 170 13.49 14.60 -40.36
CA ARG E 170 12.33 13.82 -40.78
C ARG E 170 11.22 13.81 -39.73
N PHE E 171 11.60 13.70 -38.45
CA PHE E 171 10.64 13.68 -37.35
C PHE E 171 9.84 14.99 -37.34
N LEU E 172 10.57 16.10 -37.42
CA LEU E 172 9.95 17.42 -37.44
C LEU E 172 9.00 17.56 -38.62
N GLU E 173 9.41 16.99 -39.75
CA GLU E 173 8.60 16.98 -40.96
C GLU E 173 7.29 16.22 -40.76
N LEU E 174 7.38 14.95 -40.34
CA LEU E 174 6.20 14.13 -40.10
C LEU E 174 5.25 14.76 -39.09
N VAL E 175 5.80 15.35 -38.04
CA VAL E 175 5.01 16.03 -37.03
C VAL E 175 4.29 17.25 -37.62
N GLY E 176 5.03 18.04 -38.39
CA GLY E 176 4.49 19.25 -38.99
C GLY E 176 3.28 18.99 -39.87
N THR E 177 3.36 17.97 -40.73
CA THR E 177 2.25 17.66 -41.60
C THR E 177 1.07 17.14 -40.79
N ALA E 178 1.36 16.37 -39.73
CA ALA E 178 0.30 15.84 -38.88
C ALA E 178 -0.46 16.96 -38.18
N HIS E 179 0.27 17.91 -37.61
CA HIS E 179 -0.36 18.97 -36.82
C HIS E 179 -1.04 20.01 -37.70
N GLU E 180 -0.49 20.24 -38.89
CA GLU E 180 -1.13 21.18 -39.81
C GLU E 180 -2.44 20.61 -40.35
N ALA E 181 -2.47 19.30 -40.59
CA ALA E 181 -3.68 18.64 -41.07
C ALA E 181 -4.79 18.57 -40.01
N SER E 182 -4.41 18.32 -38.75
CA SER E 182 -5.39 18.25 -37.68
C SER E 182 -5.65 19.59 -37.00
N ARG E 183 -4.98 20.64 -37.46
CA ARG E 183 -5.10 21.97 -36.86
C ARG E 183 -4.91 21.94 -35.35
N ALA E 184 -3.86 21.23 -34.93
CA ALA E 184 -3.61 20.98 -33.51
C ALA E 184 -3.24 22.24 -32.73
N SER E 185 -3.45 22.17 -31.42
CA SER E 185 -3.12 23.28 -30.52
C SER E 185 -2.45 22.77 -29.25
N GLY E 186 -1.53 23.56 -28.71
CA GLY E 186 -0.96 23.26 -27.42
C GLY E 186 0.42 22.62 -27.51
N LEU E 187 0.63 21.80 -28.53
CA LEU E 187 1.87 21.04 -28.68
C LEU E 187 3.13 21.89 -28.80
N LEU E 188 4.20 21.45 -28.13
CA LEU E 188 5.49 22.13 -28.21
C LEU E 188 6.23 21.86 -29.51
N VAL E 189 6.92 22.87 -30.00
CA VAL E 189 7.95 22.70 -31.02
C VAL E 189 9.30 22.95 -30.36
N TRP E 190 10.09 21.89 -30.22
CA TRP E 190 11.43 21.98 -29.66
C TRP E 190 12.44 22.36 -30.74
N PRO E 191 13.49 23.10 -30.34
CA PRO E 191 14.63 23.38 -31.23
C PRO E 191 15.18 22.06 -31.78
N GLU E 192 15.51 22.02 -33.06
CA GLU E 192 15.85 20.75 -33.71
C GLU E 192 17.05 20.08 -33.04
N SER E 193 17.93 20.88 -32.46
CA SER E 193 19.09 20.38 -31.73
C SER E 193 18.65 19.63 -30.48
N LYS E 194 17.52 20.04 -29.90
CA LYS E 194 16.96 19.35 -28.75
C LYS E 194 16.38 17.98 -29.14
N ILE E 195 15.74 17.92 -30.31
CA ILE E 195 15.22 16.66 -30.83
C ILE E 195 16.37 15.69 -31.09
N ALA E 196 17.47 16.22 -31.63
CA ALA E 196 18.65 15.41 -31.87
C ALA E 196 19.19 14.77 -30.59
N GLU E 197 19.33 15.55 -29.52
CA GLU E 197 19.80 15.01 -28.22
C GLU E 197 18.89 13.88 -27.76
N TRP E 198 17.60 14.17 -27.80
CA TRP E 198 16.53 13.26 -27.39
C TRP E 198 16.64 11.93 -28.13
N LEU E 199 16.79 11.99 -29.45
CA LEU E 199 16.91 10.78 -30.28
C LEU E 199 18.26 10.07 -30.11
N GLU E 200 19.27 10.79 -29.62
CA GLU E 200 20.61 10.25 -29.46
C GLU E 200 20.74 9.48 -28.15
N ASP E 201 19.98 9.92 -27.15
CA ASP E 201 19.98 9.32 -25.82
C ASP E 201 19.70 7.82 -25.92
N GLU E 202 20.63 7.00 -25.42
CA GLU E 202 20.50 5.56 -25.50
C GLU E 202 19.33 5.02 -24.65
N GLU E 203 18.83 5.84 -23.72
CA GLU E 203 17.68 5.45 -22.92
C GLU E 203 16.36 5.64 -23.68
N ASN E 204 16.40 6.36 -24.80
CA ASN E 204 15.19 6.51 -25.60
C ASN E 204 15.19 5.56 -26.78
N PHE E 205 14.06 4.92 -27.01
CA PHE E 205 13.96 3.93 -28.05
C PHE E 205 13.08 4.57 -29.11
N ALA E 206 13.69 4.87 -30.26
CA ALA E 206 13.02 5.59 -31.32
C ALA E 206 12.91 4.73 -32.57
N TYR E 207 11.72 4.69 -33.17
CA TYR E 207 11.46 3.93 -34.39
C TYR E 207 10.74 4.78 -35.42
N LEU E 208 11.12 4.59 -36.68
CA LEU E 208 10.67 5.44 -37.77
C LEU E 208 10.06 4.60 -38.88
N ALA E 209 8.86 4.99 -39.32
CA ALA E 209 8.21 4.38 -40.49
C ALA E 209 8.06 5.45 -41.57
N GLU E 210 7.57 5.06 -42.75
CA GLU E 210 7.45 6.01 -43.87
C GLU E 210 6.61 7.23 -43.52
N ASP E 211 5.57 7.02 -42.72
CA ASP E 211 4.62 8.08 -42.39
C ASP E 211 4.32 8.10 -40.88
N GLY E 212 5.31 7.78 -40.07
CA GLY E 212 5.14 7.86 -38.64
C GLY E 212 6.36 7.51 -37.82
N PHE E 213 6.29 7.80 -36.52
CA PHE E 213 7.37 7.42 -35.62
C PHE E 213 6.87 7.21 -34.20
N VAL E 214 7.70 6.56 -33.38
CA VAL E 214 7.39 6.41 -31.96
C VAL E 214 8.69 6.56 -31.17
N VAL E 215 8.58 7.21 -30.02
CA VAL E 215 9.70 7.26 -29.09
C VAL E 215 9.20 6.80 -27.73
N TYR E 216 9.89 5.82 -27.14
CA TYR E 216 9.50 5.33 -25.83
C TYR E 216 10.70 4.91 -25.01
N ASN E 217 10.44 4.60 -23.74
CA ASN E 217 11.53 4.26 -22.82
C ASN E 217 11.00 3.47 -21.62
N TRP E 218 11.90 2.99 -20.77
CA TRP E 218 11.47 2.26 -19.59
C TRP E 218 11.00 3.23 -18.52
N SER E 219 9.94 2.84 -17.81
CA SER E 219 9.46 3.59 -16.66
C SER E 219 9.15 2.59 -15.53
N ASP E 220 10.08 2.43 -14.59
CA ASP E 220 9.90 1.53 -13.44
C ASP E 220 9.27 0.17 -13.77
N GLY E 221 9.81 -0.55 -14.75
CA GLY E 221 9.28 -1.87 -15.08
C GLY E 221 8.21 -1.84 -16.17
N ASP E 222 7.64 -0.67 -16.41
CA ASP E 222 6.71 -0.53 -17.52
C ASP E 222 7.34 0.31 -18.63
N LEU E 223 6.67 0.37 -19.77
CA LEU E 223 7.15 1.17 -20.91
C LEU E 223 6.34 2.45 -20.93
N GLN E 224 6.98 3.54 -21.36
CA GLN E 224 6.31 4.84 -21.45
C GLN E 224 6.55 5.43 -22.82
N VAL E 225 5.47 5.69 -23.55
CA VAL E 225 5.54 6.32 -24.86
C VAL E 225 5.53 7.85 -24.70
N ASP E 226 6.62 8.50 -25.11
CA ASP E 226 6.73 9.96 -25.00
C ASP E 226 5.97 10.60 -26.14
N GLU E 227 5.99 9.94 -27.30
CA GLU E 227 5.33 10.48 -28.48
C GLU E 227 5.16 9.41 -29.53
N LEU E 228 3.97 9.37 -30.12
CA LEU E 228 3.72 8.54 -31.28
C LEU E 228 2.95 9.34 -32.30
N VAL E 229 3.45 9.35 -33.53
CA VAL E 229 2.82 10.05 -34.62
C VAL E 229 2.63 9.06 -35.74
N ALA E 230 1.41 8.95 -36.25
CA ALA E 230 1.14 8.07 -37.39
C ALA E 230 0.12 8.70 -38.30
N HIS E 231 0.39 8.66 -39.61
CA HIS E 231 -0.54 9.24 -40.58
C HIS E 231 -1.61 8.22 -40.96
N SER E 232 -1.22 6.95 -41.04
CA SER E 232 -2.14 5.91 -41.51
C SER E 232 -2.46 4.84 -40.46
N GLU E 233 -3.51 4.06 -40.71
CA GLU E 233 -3.92 3.02 -39.77
C GLU E 233 -2.85 1.94 -39.61
N ALA E 234 -2.37 1.41 -40.73
CA ALA E 234 -1.38 0.34 -40.73
C ALA E 234 -0.14 0.76 -39.97
N THR E 235 0.35 1.97 -40.26
CA THR E 235 1.48 2.53 -39.54
C THR E 235 1.20 2.67 -38.05
N ALA E 236 0.06 3.27 -37.70
CA ALA E 236 -0.32 3.40 -36.29
C ALA E 236 -0.33 2.04 -35.59
N ARG E 237 -0.94 1.06 -36.23
CA ARG E 237 -0.94 -0.29 -35.69
C ARG E 237 0.48 -0.84 -35.51
N ALA E 238 1.34 -0.65 -36.51
CA ALA E 238 2.71 -1.18 -36.44
C ALA E 238 3.57 -0.52 -35.37
N LEU E 239 3.36 0.76 -35.13
CA LEU E 239 4.19 1.45 -34.14
C LEU E 239 3.75 1.08 -32.73
N TRP E 240 2.44 1.06 -32.48
CA TRP E 240 1.95 0.58 -31.19
C TRP E 240 2.37 -0.88 -30.94
N ALA E 241 2.32 -1.70 -31.98
CA ALA E 241 2.70 -3.11 -31.87
C ALA E 241 4.19 -3.22 -31.60
N THR E 242 4.97 -2.28 -32.12
CA THR E 242 6.39 -2.23 -31.79
C THR E 242 6.57 -2.01 -30.29
N VAL E 243 5.85 -1.05 -29.72
CA VAL E 243 5.97 -0.81 -28.30
C VAL E 243 5.47 -2.04 -27.53
N GLY E 244 4.31 -2.53 -27.92
CA GLY E 244 3.70 -3.67 -27.24
C GLY E 244 4.48 -4.98 -27.35
N SER E 245 5.43 -5.05 -28.27
CA SER E 245 6.15 -6.31 -28.51
C SER E 245 6.94 -6.73 -27.26
N GLY E 246 7.14 -5.78 -26.33
CA GLY E 246 7.89 -6.08 -25.13
C GLY E 246 7.00 -6.58 -23.99
N ALA E 247 5.77 -6.95 -24.33
CA ALA E 247 4.76 -7.38 -23.36
C ALA E 247 5.20 -8.55 -22.46
N SER E 248 6.18 -9.35 -22.92
CA SER E 248 6.60 -10.50 -22.13
C SER E 248 7.26 -10.05 -20.83
N ILE E 249 7.73 -8.80 -20.82
CA ILE E 249 8.43 -8.21 -19.66
C ILE E 249 7.65 -7.04 -19.08
N ALA E 250 7.14 -6.15 -19.94
CA ALA E 250 6.37 -4.99 -19.49
C ALA E 250 4.88 -5.23 -19.62
N ARG E 251 4.17 -5.29 -18.49
CA ARG E 251 2.72 -5.53 -18.52
C ARG E 251 1.96 -4.32 -19.07
N THR E 252 2.48 -3.13 -18.78
CA THR E 252 1.72 -1.90 -18.98
C THR E 252 2.49 -0.89 -19.81
N VAL E 253 1.80 -0.21 -20.72
CA VAL E 253 2.37 0.88 -21.49
C VAL E 253 1.65 2.18 -21.11
N HIS E 254 2.38 3.12 -20.53
CA HIS E 254 1.85 4.46 -20.27
C HIS E 254 2.10 5.28 -21.52
N ALA E 255 1.17 6.16 -21.86
CA ALA E 255 1.41 6.99 -23.03
C ALA E 255 0.91 8.41 -22.83
N TYR E 256 1.73 9.38 -23.21
CA TYR E 256 1.28 10.77 -23.29
C TYR E 256 0.66 10.98 -24.66
N LEU E 257 -0.62 11.33 -24.68
CA LEU E 257 -1.31 11.66 -25.92
C LEU E 257 -2.58 12.45 -25.63
N SER E 258 -3.31 12.80 -26.68
CA SER E 258 -4.62 13.44 -26.52
C SER E 258 -5.70 12.42 -26.18
N PRO E 259 -6.78 12.86 -25.51
CA PRO E 259 -7.89 11.92 -25.28
C PRO E 259 -8.62 11.65 -26.58
N ASN E 260 -8.27 12.39 -27.63
CA ASN E 260 -8.79 12.13 -28.98
C ASN E 260 -7.88 11.25 -29.83
N ASP E 261 -6.82 10.72 -29.24
CA ASP E 261 -5.87 9.93 -30.01
C ASP E 261 -6.58 8.70 -30.58
N PRO E 262 -6.26 8.33 -31.82
CA PRO E 262 -6.94 7.17 -32.40
C PRO E 262 -6.64 5.84 -31.70
N VAL E 263 -5.59 5.75 -30.86
CA VAL E 263 -5.33 4.49 -30.15
C VAL E 263 -6.55 3.99 -29.34
N HIS E 264 -7.35 4.92 -28.82
CA HIS E 264 -8.52 4.55 -28.02
C HIS E 264 -9.55 3.80 -28.86
N LEU E 265 -9.51 4.02 -30.17
CA LEU E 265 -10.48 3.41 -31.09
C LEU E 265 -9.97 2.06 -31.61
N LEU E 266 -8.67 1.83 -31.43
CA LEU E 266 -7.98 0.69 -32.02
C LEU E 266 -7.81 -0.45 -31.00
N VAL E 267 -7.52 -0.08 -29.77
CA VAL E 267 -7.11 -1.06 -28.78
C VAL E 267 -8.34 -1.76 -28.18
N GLU E 268 -8.20 -3.03 -27.83
CA GLU E 268 -9.34 -3.81 -27.31
C GLU E 268 -9.76 -3.43 -25.88
N HIS E 269 -8.77 -3.35 -24.99
CA HIS E 269 -9.05 -2.95 -23.61
C HIS E 269 -8.86 -1.45 -23.46
N GLU E 270 -9.89 -0.82 -22.91
CA GLU E 270 -9.91 0.61 -22.67
C GLU E 270 -8.73 0.99 -21.75
N ALA E 271 -8.13 2.15 -21.97
CA ALA E 271 -7.11 2.69 -21.05
C ALA E 271 -7.62 2.61 -19.62
N ASP E 272 -6.72 2.32 -18.68
CA ASP E 272 -7.12 2.27 -17.27
C ASP E 272 -7.89 3.54 -16.88
N LYS E 273 -8.93 3.39 -16.06
CA LYS E 273 -9.67 4.54 -15.52
C LYS E 273 -8.73 5.54 -14.83
N GLN E 274 -7.72 5.03 -14.12
CA GLN E 274 -6.75 5.88 -13.43
C GLN E 274 -5.78 6.51 -14.41
N ALA E 275 -5.94 7.82 -14.64
CA ALA E 275 -5.10 8.55 -15.59
C ALA E 275 -4.48 9.76 -14.91
N HIS E 276 -3.49 10.36 -15.59
CA HIS E 276 -2.87 11.59 -15.12
C HIS E 276 -3.36 12.72 -15.98
N VAL E 277 -3.81 13.79 -15.33
CA VAL E 277 -4.22 14.99 -16.04
C VAL E 277 -3.53 16.18 -15.39
N GLN E 278 -2.56 16.78 -16.08
CA GLN E 278 -1.88 17.99 -15.59
C GLN E 278 -2.35 19.17 -16.40
N ARG E 279 -2.19 20.38 -15.85
CA ARG E 279 -2.58 21.60 -16.56
C ARG E 279 -1.39 22.53 -16.69
N TRP E 280 -1.28 23.18 -17.84
CA TRP E 280 -0.29 24.24 -18.02
C TRP E 280 -1.00 25.57 -18.24
N MSE E 281 -0.30 26.66 -17.98
CA MSE E 281 -0.87 28.00 -18.08
C MSE E 281 -0.31 28.73 -19.28
O MSE E 281 0.77 28.39 -19.76
CB MSE E 281 -0.59 28.81 -16.81
CG MSE E 281 -1.44 28.42 -15.63
SE MSE E 281 -1.11 29.58 -14.09
CE MSE E 281 -2.78 29.20 -13.13
N LEU E 282 -1.09 29.72 -19.74
CA LEU E 282 -0.76 30.52 -20.91
C LEU E 282 -0.94 32.00 -20.56
N ARG E 283 -0.18 32.87 -21.23
CA ARG E 283 -0.39 34.32 -21.14
C ARG E 283 -0.07 34.95 -22.47
N LEU E 284 -0.89 35.89 -22.93
CA LEU E 284 -0.51 36.64 -24.13
C LEU E 284 0.42 37.79 -23.73
N LEU E 285 1.46 38.03 -24.53
CA LEU E 285 2.40 39.11 -24.27
C LEU E 285 2.19 40.24 -25.28
N ASP E 286 1.95 39.85 -26.52
CA ASP E 286 1.65 40.77 -27.61
C ASP E 286 0.42 40.26 -28.37
N ALA E 287 -0.76 40.70 -27.93
CA ALA E 287 -2.02 40.15 -28.45
C ALA E 287 -2.20 40.22 -29.98
N PRO E 288 -1.92 41.39 -30.61
CA PRO E 288 -2.04 41.42 -32.08
C PRO E 288 -1.14 40.38 -32.77
N ALA E 289 0.11 40.25 -32.32
CA ALA E 289 1.01 39.28 -32.92
C ALA E 289 0.56 37.84 -32.66
N ALA E 290 0.03 37.58 -31.46
CA ALA E 290 -0.49 36.25 -31.12
C ALA E 290 -1.69 35.88 -32.00
N ILE E 291 -2.58 36.83 -32.21
CA ILE E 291 -3.76 36.62 -33.05
C ILE E 291 -3.33 36.37 -34.50
N ALA E 292 -2.38 37.16 -34.98
CA ALA E 292 -1.91 37.06 -36.36
C ALA E 292 -1.12 35.78 -36.67
N ALA E 293 -0.49 35.18 -35.66
CA ALA E 293 0.25 33.94 -35.88
C ALA E 293 -0.62 32.69 -35.67
N ARG E 294 -1.79 32.87 -35.04
CA ARG E 294 -2.66 31.75 -34.70
C ARG E 294 -3.41 31.22 -35.92
N GLY E 295 -3.75 29.94 -35.88
CA GLY E 295 -4.65 29.38 -36.88
C GLY E 295 -6.08 29.47 -36.37
N PHE E 296 -7.02 29.70 -37.27
CA PHE E 296 -8.42 29.74 -36.87
C PHE E 296 -9.25 28.67 -37.58
N ALA E 297 -10.28 28.19 -36.89
CA ALA E 297 -11.16 27.14 -37.37
C ALA E 297 -11.67 27.39 -38.79
N PRO E 298 -11.56 26.36 -39.66
CA PRO E 298 -12.05 26.44 -41.04
C PRO E 298 -13.53 26.80 -41.09
N GLY E 299 -13.87 27.79 -41.90
CA GLY E 299 -15.24 28.24 -42.03
C GLY E 299 -15.62 29.32 -41.05
N ALA E 300 -14.87 29.44 -39.96
CA ALA E 300 -15.20 30.43 -38.93
C ALA E 300 -15.03 31.86 -39.44
N ALA E 301 -16.05 32.68 -39.20
CA ALA E 301 -15.97 34.11 -39.49
C ALA E 301 -16.42 34.90 -38.26
N ALA E 302 -15.71 35.99 -37.97
CA ALA E 302 -16.04 36.79 -36.79
C ALA E 302 -15.56 38.23 -36.92
N GLU E 303 -16.42 39.15 -36.47
CA GLU E 303 -16.10 40.58 -36.41
C GLU E 303 -16.68 41.08 -35.09
N VAL E 304 -15.82 41.30 -34.09
CA VAL E 304 -16.29 41.61 -32.75
C VAL E 304 -15.23 42.40 -31.97
N ASP E 305 -15.67 43.33 -31.12
CA ASP E 305 -14.72 44.12 -30.33
C ASP E 305 -14.43 43.54 -28.94
N LEU E 306 -13.23 43.80 -28.45
CA LEU E 306 -12.81 43.35 -27.12
C LEU E 306 -12.28 44.55 -26.34
N LEU E 307 -12.65 44.64 -25.07
CA LEU E 307 -12.08 45.66 -24.20
C LEU E 307 -11.10 45.01 -23.23
N ILE E 308 -9.81 45.10 -23.55
CA ILE E 308 -8.76 44.45 -22.75
C ILE E 308 -8.22 45.34 -21.62
N ASP E 309 -8.21 44.82 -20.40
CA ASP E 309 -7.63 45.53 -19.28
C ASP E 309 -6.43 44.75 -18.73
N ASP E 310 -5.22 45.14 -19.11
CA ASP E 310 -4.00 44.39 -18.74
C ASP E 310 -2.92 45.32 -18.18
N PRO E 311 -2.99 45.61 -16.87
CA PRO E 311 -2.05 46.56 -16.25
C PRO E 311 -0.60 46.04 -16.30
N GLY E 312 -0.46 44.72 -16.37
CA GLY E 312 0.85 44.10 -16.47
C GLY E 312 1.53 44.38 -17.80
N VAL E 313 0.71 44.47 -18.85
CA VAL E 313 1.21 44.81 -20.18
C VAL E 313 0.29 45.89 -20.78
N PRO E 314 0.54 47.17 -20.43
CA PRO E 314 -0.29 48.31 -20.81
C PRO E 314 -0.47 48.46 -22.32
N ALA E 315 0.52 48.03 -23.10
CA ALA E 315 0.44 48.10 -24.56
C ALA E 315 -0.69 47.26 -25.15
N GLN E 316 -1.18 46.27 -24.39
CA GLN E 316 -2.27 45.40 -24.81
C GLN E 316 -3.65 45.95 -24.42
N SER E 317 -3.67 46.92 -23.52
CA SER E 317 -4.93 47.43 -22.97
C SER E 317 -5.65 48.31 -23.97
N GLY E 318 -6.95 48.48 -23.77
CA GLY E 318 -7.76 49.34 -24.61
C GLY E 318 -8.80 48.53 -25.36
N ARG E 319 -9.54 49.21 -26.24
CA ARG E 319 -10.57 48.54 -27.04
C ARG E 319 -10.01 48.08 -28.38
N TRP E 320 -10.22 46.81 -28.69
CA TRP E 320 -9.71 46.23 -29.93
C TRP E 320 -10.82 45.65 -30.80
N HIS E 321 -10.49 45.42 -32.06
CA HIS E 321 -11.41 44.76 -32.98
C HIS E 321 -10.76 43.49 -33.45
N LEU E 322 -11.50 42.38 -33.40
CA LEU E 322 -11.01 41.08 -33.84
C LEU E 322 -11.73 40.71 -35.13
N SER E 323 -10.97 40.55 -36.21
CA SER E 323 -11.50 40.09 -37.50
C SER E 323 -10.93 38.72 -37.85
N VAL E 324 -11.83 37.75 -38.04
CA VAL E 324 -11.45 36.36 -38.35
C VAL E 324 -12.18 35.90 -39.61
N ALA E 325 -11.44 35.38 -40.58
CA ALA E 325 -12.03 34.82 -41.80
C ALA E 325 -10.99 34.01 -42.55
N ASP E 326 -11.41 32.89 -43.11
CA ASP E 326 -10.56 32.02 -43.93
C ASP E 326 -9.29 31.56 -43.20
N GLY E 327 -9.43 31.20 -41.93
CA GLY E 327 -8.32 30.62 -41.17
C GLY E 327 -7.32 31.61 -40.60
N THR E 328 -7.53 32.90 -40.86
CA THR E 328 -6.64 33.94 -40.34
C THR E 328 -7.38 34.95 -39.48
N GLY E 329 -6.68 35.51 -38.51
CA GLY E 329 -7.26 36.54 -37.68
C GLY E 329 -6.40 37.78 -37.62
N GLU E 330 -7.04 38.93 -37.42
CA GLU E 330 -6.32 40.17 -37.19
C GLU E 330 -6.96 40.94 -36.06
N LEU E 331 -6.13 41.58 -35.24
CA LEU E 331 -6.60 42.35 -34.10
C LEU E 331 -6.13 43.78 -34.26
N THR E 332 -7.07 44.72 -34.39
CA THR E 332 -6.74 46.11 -34.64
C THR E 332 -7.41 47.01 -33.60
N PRO E 333 -6.85 48.21 -33.35
CA PRO E 333 -7.50 49.09 -32.36
C PRO E 333 -8.84 49.61 -32.84
N SER E 334 -9.76 49.85 -31.90
CA SER E 334 -11.14 50.20 -32.24
C SER E 334 -11.65 51.41 -31.48
N ASP E 335 -12.26 52.34 -32.20
CA ASP E 335 -12.78 53.56 -31.62
C ASP E 335 -14.29 53.51 -31.42
N ARG E 336 -14.89 52.36 -31.74
CA ARG E 336 -16.32 52.12 -31.52
C ARG E 336 -16.67 52.28 -30.03
N SER E 337 -17.95 52.41 -29.73
CA SER E 337 -18.36 52.81 -28.37
C SER E 337 -19.34 51.87 -27.64
N GLY E 338 -20.14 51.13 -28.41
CA GLY E 338 -21.18 50.29 -27.83
C GLY E 338 -20.72 49.20 -26.86
N ASP E 339 -21.68 48.44 -26.35
CA ASP E 339 -21.43 47.34 -25.42
C ASP E 339 -20.30 46.43 -25.90
N VAL E 340 -19.47 45.96 -24.98
CA VAL E 340 -18.29 45.21 -25.38
C VAL E 340 -17.85 44.19 -24.33
N LEU E 341 -17.40 43.03 -24.80
CA LEU E 341 -16.80 42.01 -23.93
C LEU E 341 -15.54 42.57 -23.26
N GLN E 342 -15.53 42.56 -21.93
CA GLN E 342 -14.37 43.04 -21.19
C GLN E 342 -13.55 41.85 -20.69
N LEU E 343 -12.26 41.81 -21.01
CA LEU E 343 -11.38 40.76 -20.48
C LEU E 343 -10.14 41.35 -19.82
N GLY E 344 -9.65 40.67 -18.79
CA GLY E 344 -8.32 40.95 -18.29
C GLY E 344 -7.37 39.93 -18.88
N SER E 345 -6.11 39.95 -18.46
CA SER E 345 -5.12 39.03 -18.99
C SER E 345 -5.48 37.54 -18.90
N ARG E 346 -6.04 37.09 -17.78
CA ARG E 346 -6.39 35.67 -17.62
C ARG E 346 -7.48 35.26 -18.60
N GLY E 347 -8.52 36.08 -18.71
CA GLY E 347 -9.62 35.81 -19.63
C GLY E 347 -9.15 35.76 -21.08
N LEU E 348 -8.28 36.72 -21.43
CA LEU E 348 -7.70 36.78 -22.77
C LEU E 348 -6.93 35.51 -23.12
N ALA E 349 -6.08 35.07 -22.19
CA ALA E 349 -5.30 33.84 -22.38
C ALA E 349 -6.23 32.65 -22.58
N ALA E 350 -7.20 32.52 -21.69
CA ALA E 350 -8.10 31.36 -21.72
C ALA E 350 -9.00 31.38 -22.97
N LEU E 351 -9.39 32.56 -23.43
CA LEU E 351 -10.16 32.66 -24.68
C LEU E 351 -9.30 32.19 -25.86
N TYR E 352 -8.11 32.77 -25.98
CA TYR E 352 -7.13 32.37 -26.98
C TYR E 352 -6.90 30.86 -27.00
N ALA E 353 -6.98 30.24 -25.83
CA ALA E 353 -6.77 28.80 -25.70
C ALA E 353 -8.04 28.01 -26.03
N GLY E 354 -9.12 28.72 -26.31
CA GLY E 354 -10.37 28.06 -26.66
C GLY E 354 -11.24 27.58 -25.50
N THR E 355 -11.03 28.14 -24.32
CA THR E 355 -11.93 27.86 -23.19
C THR E 355 -13.29 28.47 -23.52
N PRO E 356 -14.38 27.69 -23.33
CA PRO E 356 -15.76 28.13 -23.61
C PRO E 356 -16.12 29.42 -22.89
N LEU E 357 -16.88 30.29 -23.53
CA LEU E 357 -17.23 31.58 -22.93
C LEU E 357 -18.16 31.44 -21.72
N ALA E 358 -19.04 30.46 -21.75
CA ALA E 358 -19.91 30.17 -20.61
C ALA E 358 -19.08 29.92 -19.34
N ALA E 359 -17.98 29.17 -19.48
CA ALA E 359 -17.07 28.94 -18.35
C ALA E 359 -16.33 30.20 -17.90
N LEU E 360 -15.78 30.95 -18.86
CA LEU E 360 -15.11 32.20 -18.56
C LEU E 360 -16.02 33.22 -17.86
N ARG E 361 -17.30 33.21 -18.21
CA ARG E 361 -18.27 34.09 -17.57
C ARG E 361 -18.58 33.64 -16.13
N THR E 362 -18.88 32.36 -15.96
CA THR E 362 -19.08 31.83 -14.62
C THR E 362 -17.85 32.03 -13.72
N ALA E 363 -16.66 31.98 -14.31
CA ALA E 363 -15.45 32.16 -13.50
C ALA E 363 -15.15 33.63 -13.23
N GLY E 364 -15.90 34.51 -13.91
CA GLY E 364 -15.72 35.94 -13.71
C GLY E 364 -14.46 36.49 -14.38
N LEU E 365 -13.97 35.76 -15.38
CA LEU E 365 -12.76 36.15 -16.12
C LEU E 365 -13.14 37.07 -17.28
N VAL E 366 -14.43 37.09 -17.57
CA VAL E 366 -14.94 37.85 -18.70
C VAL E 366 -16.29 38.37 -18.30
N THR E 367 -16.55 39.65 -18.58
CA THR E 367 -17.85 40.21 -18.22
C THR E 367 -18.38 41.15 -19.29
N GLY E 368 -19.69 41.40 -19.25
CA GLY E 368 -20.32 42.31 -20.17
C GLY E 368 -20.38 41.81 -21.60
N GLY E 369 -20.87 42.67 -22.50
CA GLY E 369 -20.91 42.37 -23.91
C GLY E 369 -22.19 41.69 -24.34
N PRO E 370 -22.49 41.72 -25.64
CA PRO E 370 -23.68 41.07 -26.19
C PRO E 370 -23.51 39.55 -26.30
N VAL E 371 -24.53 38.82 -25.84
CA VAL E 371 -24.57 37.36 -25.86
C VAL E 371 -24.29 36.74 -27.24
N ALA E 372 -24.79 37.39 -28.28
CA ALA E 372 -24.61 36.89 -29.65
C ALA E 372 -23.15 36.83 -30.06
N SER E 373 -22.35 37.75 -29.52
CA SER E 373 -20.91 37.79 -29.81
C SER E 373 -20.15 36.64 -29.14
N ASP E 374 -20.72 36.06 -28.09
CA ASP E 374 -20.13 34.91 -27.42
C ASP E 374 -20.04 33.72 -28.38
N ARG E 375 -21.10 33.53 -29.16
CA ARG E 375 -21.16 32.47 -30.15
C ARG E 375 -20.06 32.61 -31.21
N LEU E 376 -19.88 33.81 -31.77
CA LEU E 376 -18.83 34.06 -32.76
C LEU E 376 -17.43 33.76 -32.21
N LEU E 377 -17.12 34.28 -31.03
CA LEU E 377 -15.83 33.99 -30.39
C LEU E 377 -15.62 32.50 -30.15
N ASP E 378 -16.66 31.81 -29.69
CA ASP E 378 -16.55 30.37 -29.41
C ASP E 378 -16.16 29.60 -30.65
N THR E 379 -16.79 29.93 -31.78
CA THR E 379 -16.51 29.27 -33.05
C THR E 379 -15.14 29.66 -33.62
N ALA E 380 -14.78 30.93 -33.47
CA ALA E 380 -13.46 31.39 -33.90
C ALA E 380 -12.33 30.63 -33.21
N PHE E 381 -12.34 30.62 -31.89
CA PHE E 381 -11.27 29.98 -31.11
C PHE E 381 -11.56 28.52 -30.82
N GLY E 382 -12.54 27.96 -31.54
CA GLY E 382 -12.92 26.56 -31.33
C GLY E 382 -11.99 25.57 -32.03
N GLY E 383 -12.21 24.29 -31.80
CA GLY E 383 -11.38 23.26 -32.40
C GLY E 383 -10.91 22.25 -31.37
N ALA E 384 -9.93 21.44 -31.73
CA ALA E 384 -9.36 20.44 -30.82
C ALA E 384 -8.87 21.06 -29.50
N ALA E 385 -9.13 20.39 -28.39
CA ALA E 385 -8.70 20.86 -27.08
C ALA E 385 -7.18 20.86 -27.04
N PRO E 386 -6.61 21.98 -26.59
CA PRO E 386 -5.14 22.11 -26.54
C PRO E 386 -4.55 21.16 -25.52
N TYR E 387 -3.46 20.50 -25.92
CA TYR E 387 -2.77 19.58 -25.04
C TYR E 387 -1.29 19.65 -25.36
N MSE E 388 -0.50 19.00 -24.53
CA MSE E 388 0.94 19.02 -24.69
C MSE E 388 1.42 17.62 -24.30
O MSE E 388 0.76 16.94 -23.49
CB MSE E 388 1.50 20.09 -23.75
CG MSE E 388 2.93 20.46 -23.96
SE MSE E 388 3.36 21.86 -22.68
CE MSE E 388 2.42 23.32 -23.51
N LEU E 389 2.54 17.18 -24.86
CA LEU E 389 3.11 15.88 -24.51
C LEU E 389 4.18 16.04 -23.44
N ASP E 390 4.80 17.21 -23.41
CA ASP E 390 5.95 17.43 -22.55
C ASP E 390 5.60 18.19 -21.28
N TYR E 391 6.38 17.92 -20.23
CA TYR E 391 6.45 18.76 -19.05
C TYR E 391 7.77 19.53 -19.14
N PHE E 392 7.79 20.77 -18.65
CA PHE E 392 9.04 21.54 -18.50
C PHE E 392 8.95 22.44 -17.28
N ASP F 6 -30.49 -21.93 -33.18
CA ASP F 6 -30.67 -21.78 -31.73
C ASP F 6 -32.02 -22.33 -31.25
N ASP F 7 -31.99 -22.99 -30.10
CA ASP F 7 -33.19 -23.25 -29.32
C ASP F 7 -33.38 -22.08 -28.35
N LEU F 8 -32.72 -20.97 -28.65
CA LEU F 8 -32.80 -19.75 -27.85
C LEU F 8 -33.78 -18.77 -28.49
N ARG F 9 -34.48 -18.01 -27.64
N ARG F 9 -34.50 -18.03 -27.65
CA ARG F 9 -35.49 -17.06 -28.10
CA ARG F 9 -35.39 -17.01 -28.19
C ARG F 9 -35.45 -15.77 -27.27
C ARG F 9 -35.44 -15.78 -27.30
N LEU F 10 -35.65 -14.65 -27.93
CA LEU F 10 -35.74 -13.37 -27.25
C LEU F 10 -37.09 -13.30 -26.57
N VAL F 11 -37.14 -12.81 -25.33
CA VAL F 11 -38.43 -12.58 -24.67
C VAL F 11 -38.46 -11.20 -24.03
N ASP F 12 -39.66 -10.71 -23.73
CA ASP F 12 -39.81 -9.57 -22.83
C ASP F 12 -39.81 -10.12 -21.39
N ILE F 13 -38.82 -9.72 -20.61
CA ILE F 13 -38.73 -10.18 -19.21
C ILE F 13 -39.95 -9.72 -18.41
N THR F 14 -40.61 -10.64 -17.70
CA THR F 14 -41.79 -10.30 -16.90
C THR F 14 -41.47 -10.45 -15.42
N GLU F 15 -42.44 -10.14 -14.55
CA GLU F 15 -42.26 -10.15 -13.10
C GLU F 15 -41.88 -11.50 -12.54
N THR F 16 -42.40 -12.56 -13.13
CA THR F 16 -42.10 -13.90 -12.66
C THR F 16 -40.68 -14.32 -13.04
N GLN F 17 -40.00 -13.54 -13.86
CA GLN F 17 -38.66 -13.92 -14.30
C GLN F 17 -37.54 -13.13 -13.62
N LEU F 18 -37.90 -12.18 -12.75
CA LEU F 18 -36.92 -11.31 -12.10
C LEU F 18 -35.92 -12.09 -11.25
N ASP F 19 -36.41 -13.15 -10.61
CA ASP F 19 -35.55 -14.03 -9.82
C ASP F 19 -34.51 -14.70 -10.69
N ASP F 20 -34.94 -15.18 -11.86
CA ASP F 20 -34.02 -15.79 -12.82
C ASP F 20 -32.99 -14.76 -13.28
N VAL F 21 -33.44 -13.54 -13.54
CA VAL F 21 -32.51 -12.49 -13.95
C VAL F 21 -31.50 -12.26 -12.83
N LEU F 22 -31.97 -12.18 -11.58
CA LEU F 22 -31.05 -11.96 -10.46
C LEU F 22 -30.01 -13.06 -10.34
N ARG F 23 -30.40 -14.29 -10.65
CA ARG F 23 -29.42 -15.39 -10.62
C ARG F 23 -28.33 -15.24 -11.69
N VAL F 24 -28.73 -14.83 -12.89
CA VAL F 24 -27.76 -14.59 -13.94
C VAL F 24 -26.87 -13.42 -13.53
N ARG F 25 -27.50 -12.38 -12.98
CA ARG F 25 -26.75 -11.20 -12.56
C ARG F 25 -25.71 -11.53 -11.48
N ALA F 26 -26.11 -12.36 -10.51
CA ALA F 26 -25.19 -12.75 -9.44
C ALA F 26 -23.92 -13.40 -9.99
N ARG F 27 -24.04 -14.18 -11.05
CA ARG F 27 -22.89 -14.88 -11.66
C ARG F 27 -22.20 -14.03 -12.72
N SER F 28 -22.64 -12.77 -12.85
CA SER F 28 -22.05 -11.86 -13.83
C SER F 28 -21.36 -10.66 -13.18
N PHE F 29 -22.06 -9.97 -12.27
CA PHE F 29 -21.49 -8.80 -11.60
C PHE F 29 -21.06 -9.03 -10.15
N GLY F 30 -21.67 -9.99 -9.48
CA GLY F 30 -21.39 -10.21 -8.06
C GLY F 30 -22.69 -10.30 -7.28
N LEU F 31 -22.59 -10.63 -6.00
CA LEU F 31 -23.76 -10.80 -5.14
C LEU F 31 -24.37 -9.46 -4.70
N LEU F 32 -25.69 -9.43 -4.56
CA LEU F 32 -26.38 -8.29 -3.96
C LEU F 32 -26.76 -8.60 -2.52
N ALA F 33 -26.45 -7.68 -1.61
CA ALA F 33 -26.99 -7.74 -0.25
C ALA F 33 -28.52 -7.62 -0.26
N ALA F 34 -29.18 -8.07 0.80
CA ALA F 34 -30.65 -8.11 0.82
C ALA F 34 -31.31 -6.74 0.57
N GLY F 35 -30.76 -5.68 1.15
CA GLY F 35 -31.29 -4.36 0.95
C GLY F 35 -31.13 -3.90 -0.49
N ALA F 36 -29.96 -4.17 -1.06
CA ALA F 36 -29.67 -3.80 -2.45
C ALA F 36 -30.53 -4.57 -3.47
N ARG F 37 -30.97 -5.77 -3.10
CA ARG F 37 -31.82 -6.57 -3.97
C ARG F 37 -33.23 -5.98 -4.04
N GLU F 38 -33.78 -5.62 -2.89
CA GLU F 38 -35.09 -4.99 -2.84
C GLU F 38 -35.10 -3.71 -3.68
N ASP F 39 -34.00 -2.96 -3.64
CA ASP F 39 -33.91 -1.74 -4.45
C ASP F 39 -33.83 -2.06 -5.94
N TRP F 40 -33.07 -3.10 -6.28
CA TRP F 40 -32.98 -3.57 -7.66
C TRP F 40 -34.37 -3.95 -8.18
N VAL F 41 -35.15 -4.65 -7.36
CA VAL F 41 -36.46 -5.13 -7.77
C VAL F 41 -37.45 -3.98 -7.99
N ARG F 42 -37.46 -3.00 -7.07
CA ARG F 42 -38.24 -1.78 -7.24
C ARG F 42 -37.92 -1.08 -8.56
N ASP F 43 -36.64 -1.00 -8.89
CA ASP F 43 -36.23 -0.41 -10.17
C ASP F 43 -36.64 -1.26 -11.38
N ALA F 44 -36.49 -2.56 -11.25
CA ALA F 44 -36.68 -3.50 -12.37
C ALA F 44 -38.10 -3.45 -12.89
N VAL F 45 -39.02 -3.30 -11.95
CA VAL F 45 -40.44 -3.45 -12.22
C VAL F 45 -40.93 -2.39 -13.22
N GLU F 46 -40.33 -1.20 -13.16
CA GLU F 46 -40.63 -0.15 -14.12
C GLU F 46 -40.22 -0.55 -15.54
N PHE F 47 -39.03 -1.11 -15.67
CA PHE F 47 -38.55 -1.57 -16.97
C PHE F 47 -39.46 -2.66 -17.52
N VAL F 48 -39.83 -3.62 -16.66
CA VAL F 48 -40.68 -4.74 -17.04
C VAL F 48 -41.98 -4.30 -17.68
N HIS F 49 -42.65 -3.30 -17.09
CA HIS F 49 -43.96 -2.93 -17.60
C HIS F 49 -43.94 -1.75 -18.56
N ASP F 50 -42.78 -1.39 -19.07
CA ASP F 50 -42.72 -0.40 -20.14
C ASP F 50 -42.03 -1.02 -21.38
N GLY F 51 -41.89 -2.33 -21.40
CA GLY F 51 -41.27 -3.01 -22.53
C GLY F 51 -39.79 -2.69 -22.68
N ARG F 52 -39.11 -2.44 -21.57
CA ARG F 52 -37.69 -2.10 -21.64
C ARG F 52 -36.84 -3.08 -20.84
N PHE F 53 -37.30 -4.33 -20.74
CA PHE F 53 -36.49 -5.36 -20.12
C PHE F 53 -36.47 -6.60 -21.01
N LEU F 54 -35.34 -6.85 -21.67
CA LEU F 54 -35.29 -7.93 -22.66
C LEU F 54 -34.49 -9.09 -22.11
N GLY F 55 -34.82 -10.29 -22.55
CA GLY F 55 -34.08 -11.45 -22.10
C GLY F 55 -33.95 -12.48 -23.21
N VAL F 56 -33.11 -13.46 -22.98
CA VAL F 56 -33.06 -14.64 -23.86
C VAL F 56 -33.35 -15.85 -22.99
N VAL F 57 -34.25 -16.71 -23.45
CA VAL F 57 -34.53 -17.95 -22.73
C VAL F 57 -34.03 -19.19 -23.47
N SER F 58 -33.68 -20.20 -22.69
CA SER F 58 -33.31 -21.50 -23.21
C SER F 58 -34.35 -22.44 -22.65
N GLY F 59 -35.25 -22.92 -23.50
CA GLY F 59 -36.46 -23.58 -23.02
C GLY F 59 -37.28 -22.52 -22.30
N ASP F 60 -37.49 -22.69 -21.00
CA ASP F 60 -38.20 -21.69 -20.20
C ASP F 60 -37.27 -20.95 -19.23
N GLU F 61 -35.96 -21.21 -19.34
CA GLU F 61 -34.98 -20.63 -18.44
C GLU F 61 -34.32 -19.37 -18.97
N VAL F 62 -34.37 -18.29 -18.19
CA VAL F 62 -33.70 -17.05 -18.55
C VAL F 62 -32.20 -17.24 -18.44
N VAL F 63 -31.52 -16.89 -19.50
CA VAL F 63 -30.12 -17.21 -19.68
C VAL F 63 -29.32 -15.93 -19.99
N ALA F 64 -30.03 -14.86 -20.34
CA ALA F 64 -29.41 -13.55 -20.60
C ALA F 64 -30.43 -12.46 -20.38
N ALA F 65 -29.97 -11.25 -20.06
CA ALA F 65 -30.90 -10.12 -19.93
C ALA F 65 -30.21 -8.79 -20.11
N ALA F 66 -30.99 -7.79 -20.48
CA ALA F 66 -30.51 -6.42 -20.59
C ALA F 66 -31.68 -5.45 -20.43
N ARG F 67 -31.40 -4.26 -19.91
N ARG F 67 -31.44 -4.25 -19.92
CA ARG F 67 -32.44 -3.23 -19.70
CA ARG F 67 -32.53 -3.30 -19.84
C ARG F 67 -32.17 -2.00 -20.57
C ARG F 67 -32.18 -2.00 -20.54
N ILE F 68 -33.23 -1.26 -20.88
CA ILE F 68 -33.11 -0.02 -21.62
C ILE F 68 -33.65 1.16 -20.80
N TRP F 69 -32.78 2.10 -20.47
CA TRP F 69 -33.21 3.32 -19.80
C TRP F 69 -33.82 4.26 -20.84
N ASP F 70 -34.95 4.86 -20.49
CA ASP F 70 -35.60 5.88 -21.32
C ASP F 70 -35.03 7.29 -21.07
N PHE F 71 -33.81 7.54 -21.55
CA PHE F 71 -33.16 8.82 -21.29
C PHE F 71 -33.46 9.81 -22.41
N GLN F 72 -33.03 11.05 -22.19
CA GLN F 72 -32.67 11.93 -23.30
C GLN F 72 -31.21 12.25 -23.09
N GLN F 73 -30.52 12.67 -24.15
CA GLN F 73 -29.11 13.02 -24.03
C GLN F 73 -28.90 14.34 -24.75
N TRP F 74 -28.10 15.22 -24.18
CA TRP F 74 -27.83 16.50 -24.80
C TRP F 74 -26.85 16.34 -25.94
N TRP F 75 -27.10 17.04 -27.05
CA TRP F 75 -26.16 17.09 -28.16
C TRP F 75 -26.25 18.47 -28.79
N GLY F 76 -25.18 19.25 -28.63
CA GLY F 76 -25.14 20.62 -29.14
C GLY F 76 -26.26 21.49 -28.56
N GLY F 77 -26.63 21.24 -27.32
CA GLY F 77 -27.60 22.07 -26.64
C GLY F 77 -29.06 21.71 -26.88
N ARG F 78 -29.30 20.55 -27.47
CA ARG F 78 -30.66 20.06 -27.67
C ARG F 78 -30.79 18.64 -27.12
N ARG F 79 -31.99 18.28 -26.63
CA ARG F 79 -32.22 16.96 -26.03
C ARG F 79 -32.64 15.94 -27.08
N VAL F 80 -31.93 14.81 -27.15
CA VAL F 80 -32.21 13.78 -28.14
C VAL F 80 -32.65 12.52 -27.40
N PRO F 81 -33.80 11.92 -27.78
CA PRO F 81 -34.22 10.66 -27.13
C PRO F 81 -33.13 9.59 -27.30
N MSE F 82 -32.89 8.81 -26.26
CA MSE F 82 -31.70 7.95 -26.22
C MSE F 82 -31.96 6.69 -25.40
O MSE F 82 -32.48 6.77 -24.29
CB MSE F 82 -30.52 8.74 -25.62
CG MSE F 82 -29.17 8.00 -25.69
SE MSE F 82 -28.76 6.91 -24.08
CE MSE F 82 -27.83 8.30 -23.09
N ALA F 83 -31.59 5.54 -25.95
CA ALA F 83 -31.75 4.27 -25.24
C ALA F 83 -30.46 3.93 -24.49
N GLY F 84 -30.51 4.00 -23.16
CA GLY F 84 -29.33 3.74 -22.36
C GLY F 84 -29.32 2.28 -21.97
N ILE F 85 -28.38 1.52 -22.50
CA ILE F 85 -28.37 0.07 -22.28
C ILE F 85 -27.66 -0.22 -20.94
N ALA F 86 -28.29 -1.03 -20.09
CA ALA F 86 -27.72 -1.32 -18.76
C ALA F 86 -27.92 -2.78 -18.38
N GLY F 87 -27.09 -3.28 -17.45
CA GLY F 87 -27.30 -4.57 -16.82
C GLY F 87 -27.26 -5.74 -17.80
N VAL F 88 -26.35 -5.67 -18.77
CA VAL F 88 -26.23 -6.70 -19.79
C VAL F 88 -25.53 -7.94 -19.18
N VAL F 89 -26.24 -9.06 -19.07
CA VAL F 89 -25.67 -10.26 -18.43
C VAL F 89 -26.06 -11.54 -19.17
N VAL F 90 -25.12 -12.50 -19.23
CA VAL F 90 -25.33 -13.81 -19.86
C VAL F 90 -24.85 -14.89 -18.87
N ALA F 91 -25.61 -15.96 -18.72
CA ALA F 91 -25.20 -17.03 -17.80
C ALA F 91 -23.84 -17.59 -18.25
N PRO F 92 -22.93 -17.84 -17.29
CA PRO F 92 -21.58 -18.33 -17.64
C PRO F 92 -21.58 -19.45 -18.66
N GLU F 93 -22.42 -20.47 -18.50
CA GLU F 93 -22.34 -21.60 -19.42
C GLU F 93 -22.99 -21.30 -20.80
N TYR F 94 -23.52 -20.10 -20.97
CA TYR F 94 -24.09 -19.71 -22.27
C TYR F 94 -23.30 -18.61 -22.98
N ARG F 95 -22.16 -18.23 -22.39
CA ARG F 95 -21.32 -17.13 -22.90
C ARG F 95 -20.49 -17.64 -24.06
N GLY F 96 -20.00 -16.74 -24.91
CA GLY F 96 -19.09 -17.16 -25.96
C GLY F 96 -19.73 -17.96 -27.08
N ARG F 97 -21.04 -17.82 -27.25
CA ARG F 97 -21.71 -18.53 -28.36
C ARG F 97 -22.77 -17.70 -29.09
N GLY F 98 -22.72 -16.38 -28.93
CA GLY F 98 -23.58 -15.48 -29.67
C GLY F 98 -24.85 -15.08 -28.95
N VAL F 99 -25.00 -15.51 -27.70
CA VAL F 99 -26.22 -15.25 -26.96
C VAL F 99 -26.31 -13.77 -26.63
N GLY F 100 -25.19 -13.21 -26.20
CA GLY F 100 -25.09 -11.78 -25.91
C GLY F 100 -25.42 -10.95 -27.13
N SER F 101 -24.95 -11.37 -28.31
CA SER F 101 -25.22 -10.62 -29.53
C SER F 101 -26.69 -10.69 -29.95
N LEU F 102 -27.28 -11.87 -29.82
CA LEU F 102 -28.70 -12.11 -30.08
C LEU F 102 -29.52 -11.17 -29.20
N LEU F 103 -29.16 -11.14 -27.92
CA LEU F 103 -29.80 -10.25 -26.93
C LEU F 103 -29.74 -8.80 -27.40
N MSE F 104 -28.53 -8.34 -27.73
CA MSE F 104 -28.31 -6.95 -28.10
C MSE F 104 -29.01 -6.57 -29.41
O MSE F 104 -29.50 -5.45 -29.56
CB MSE F 104 -26.82 -6.65 -28.19
CG MSE F 104 -26.14 -6.53 -26.82
SE MSE F 104 -26.93 -5.12 -25.75
CE MSE F 104 -26.51 -3.65 -27.01
N ARG F 105 -29.07 -7.49 -30.36
CA ARG F 105 -29.83 -7.24 -31.58
C ARG F 105 -31.30 -7.01 -31.24
N GLY F 106 -31.81 -7.75 -30.25
CA GLY F 106 -33.18 -7.52 -29.80
C GLY F 106 -33.31 -6.18 -29.09
N VAL F 107 -32.29 -5.82 -28.32
CA VAL F 107 -32.32 -4.56 -27.61
C VAL F 107 -32.34 -3.39 -28.61
N LEU F 108 -31.51 -3.47 -29.65
CA LEU F 108 -31.49 -2.43 -30.68
C LEU F 108 -32.81 -2.31 -31.43
N GLU F 109 -33.41 -3.45 -31.78
CA GLU F 109 -34.70 -3.44 -32.48
C GLU F 109 -35.79 -2.82 -31.62
N ARG F 110 -35.84 -3.17 -30.33
CA ARG F 110 -36.76 -2.56 -29.38
C ARG F 110 -36.51 -1.03 -29.24
N SER F 111 -35.26 -0.61 -29.10
CA SER F 111 -34.97 0.82 -28.97
C SER F 111 -35.46 1.59 -30.20
N ARG F 112 -35.29 1.00 -31.38
CA ARG F 112 -35.77 1.63 -32.60
C ARG F 112 -37.29 1.75 -32.61
N ASP F 113 -37.98 0.66 -32.31
CA ASP F 113 -39.45 0.64 -32.32
C ASP F 113 -40.03 1.65 -31.34
N LYS F 114 -39.26 2.00 -30.31
CA LYS F 114 -39.69 3.02 -29.37
C LYS F 114 -39.29 4.44 -29.79
N GLY F 115 -38.76 4.57 -31.00
CA GLY F 115 -38.42 5.87 -31.58
C GLY F 115 -37.20 6.55 -31.00
N MSE F 116 -36.28 5.78 -30.45
CA MSE F 116 -35.05 6.38 -29.94
C MSE F 116 -33.97 6.32 -31.04
O MSE F 116 -33.56 5.23 -31.46
CB MSE F 116 -34.59 5.66 -28.67
CG MSE F 116 -35.71 5.65 -27.61
SE MSE F 116 -35.38 4.44 -26.10
CE MSE F 116 -35.40 5.80 -24.71
N PRO F 117 -33.54 7.49 -31.53
CA PRO F 117 -32.62 7.51 -32.67
C PRO F 117 -31.17 7.21 -32.31
N ILE F 118 -30.84 7.23 -31.02
CA ILE F 118 -29.48 6.92 -30.59
C ILE F 118 -29.47 6.05 -29.33
N SER F 119 -28.34 5.41 -29.08
CA SER F 119 -28.20 4.52 -27.93
C SER F 119 -26.80 4.72 -27.37
N ALA F 120 -26.64 4.54 -26.07
CA ALA F 120 -25.34 4.71 -25.43
C ALA F 120 -25.19 3.71 -24.28
N LEU F 121 -23.95 3.42 -23.91
CA LEU F 121 -23.70 2.49 -22.81
C LEU F 121 -22.25 2.56 -22.33
N TYR F 122 -22.01 2.04 -21.12
CA TYR F 122 -20.65 1.87 -20.59
C TYR F 122 -20.26 0.41 -20.72
N PRO F 123 -19.28 0.10 -21.60
CA PRO F 123 -19.00 -1.30 -21.92
C PRO F 123 -17.99 -1.92 -20.94
N ALA F 124 -18.24 -3.15 -20.49
CA ALA F 124 -17.25 -3.88 -19.68
C ALA F 124 -16.19 -4.45 -20.63
N THR F 125 -16.66 -4.88 -21.80
CA THR F 125 -15.76 -5.26 -22.87
C THR F 125 -16.18 -4.55 -24.17
N THR F 126 -15.20 -4.06 -24.92
CA THR F 126 -15.50 -3.32 -26.15
C THR F 126 -15.93 -4.22 -27.31
N VAL F 127 -15.55 -5.49 -27.27
CA VAL F 127 -15.64 -6.33 -28.48
C VAL F 127 -17.06 -6.63 -28.92
N ILE F 128 -17.92 -7.06 -28.01
CA ILE F 128 -19.30 -7.33 -28.45
C ILE F 128 -19.96 -6.05 -29.01
N TYR F 129 -19.69 -4.92 -28.39
CA TYR F 129 -20.39 -3.70 -28.76
C TYR F 129 -19.88 -3.11 -30.07
N ARG F 130 -18.57 -3.19 -30.31
CA ARG F 130 -18.03 -2.77 -31.60
C ARG F 130 -18.55 -3.61 -32.76
N HIS F 131 -18.66 -4.93 -32.56
CA HIS F 131 -19.26 -5.78 -33.59
C HIS F 131 -20.70 -5.33 -33.89
N LEU F 132 -21.38 -4.80 -32.87
CA LEU F 132 -22.77 -4.33 -33.01
C LEU F 132 -22.86 -2.90 -33.52
N GLY F 133 -21.72 -2.24 -33.67
CA GLY F 133 -21.73 -0.91 -34.24
C GLY F 133 -21.54 0.27 -33.29
N TYR F 134 -21.39 0.00 -31.99
CA TYR F 134 -21.09 1.08 -31.04
C TYR F 134 -19.65 1.54 -31.14
N GLU F 135 -19.40 2.81 -30.85
CA GLU F 135 -18.02 3.26 -30.67
C GLU F 135 -17.95 4.29 -29.54
N PHE F 136 -16.76 4.49 -28.97
CA PHE F 136 -16.60 5.48 -27.91
C PHE F 136 -17.01 6.89 -28.37
N GLY F 137 -17.74 7.61 -27.54
CA GLY F 137 -18.27 8.90 -27.94
C GLY F 137 -18.10 10.02 -26.93
N GLY F 138 -17.68 9.67 -25.72
CA GLY F 138 -17.51 10.68 -24.69
C GLY F 138 -16.94 10.14 -23.40
N HIS F 139 -16.72 11.03 -22.44
CA HIS F 139 -16.03 10.67 -21.20
C HIS F 139 -16.86 10.95 -19.97
N ARG F 140 -16.41 10.39 -18.86
CA ARG F 140 -16.87 10.78 -17.54
C ARG F 140 -15.61 10.99 -16.72
N TYR F 141 -15.48 12.17 -16.14
CA TYR F 141 -14.26 12.60 -15.46
C TYR F 141 -14.50 12.77 -13.98
N ARG F 142 -13.63 12.24 -13.14
CA ARG F 142 -13.65 12.58 -11.71
C ARG F 142 -12.36 13.27 -11.30
N PHE F 143 -12.48 14.48 -10.73
CA PHE F 143 -11.31 15.20 -10.25
C PHE F 143 -11.39 15.35 -8.76
N SER F 144 -10.23 15.50 -8.11
CA SER F 144 -10.15 15.56 -6.66
C SER F 144 -9.50 16.88 -6.21
N PHE F 145 -10.22 17.60 -5.34
CA PHE F 145 -9.76 18.90 -4.85
C PHE F 145 -9.58 18.87 -3.34
N GLN F 146 -8.87 19.86 -2.80
CA GLN F 146 -8.78 20.03 -1.34
C GLN F 146 -10.01 20.78 -0.81
N ALA F 147 -10.67 20.19 0.19
CA ALA F 147 -11.88 20.77 0.75
C ALA F 147 -11.61 22.17 1.32
N ALA F 148 -10.47 22.32 1.99
CA ALA F 148 -10.14 23.58 2.61
C ALA F 148 -10.01 24.70 1.57
N ASP F 149 -9.61 24.33 0.36
CA ASP F 149 -9.54 25.27 -0.76
C ASP F 149 -10.95 25.69 -1.20
N LEU F 150 -11.86 24.71 -1.28
CA LEU F 150 -13.23 24.99 -1.73
C LEU F 150 -13.94 25.84 -0.68
N ARG F 151 -13.68 25.55 0.59
CA ARG F 151 -14.29 26.22 1.71
C ARG F 151 -14.12 27.74 1.65
N SER F 152 -13.00 28.19 1.08
CA SER F 152 -12.67 29.61 1.10
C SER F 152 -13.12 30.40 -0.14
N LEU F 153 -13.83 29.76 -1.07
CA LEU F 153 -14.15 30.45 -2.34
C LEU F 153 -14.98 31.72 -2.27
N GLY F 154 -15.81 31.87 -1.22
CA GLY F 154 -16.59 33.10 -1.06
C GLY F 154 -18.04 33.02 -1.52
N GLY F 155 -18.54 34.06 -2.17
CA GLY F 155 -19.96 34.13 -2.53
C GLY F 155 -20.80 34.24 -1.26
N ARG F 156 -20.27 35.01 -0.31
CA ARG F 156 -20.76 35.02 1.07
C ARG F 156 -22.16 35.55 1.26
N GLU F 157 -22.66 36.33 0.29
CA GLU F 157 -24.01 36.89 0.39
C GLU F 157 -25.02 36.11 -0.45
N VAL F 158 -24.59 35.02 -1.07
CA VAL F 158 -25.54 34.22 -1.85
C VAL F 158 -26.42 33.39 -0.92
N ALA F 159 -27.74 33.54 -1.06
CA ALA F 159 -28.66 32.70 -0.32
C ALA F 159 -28.60 31.26 -0.84
N VAL F 160 -28.25 30.32 0.03
CA VAL F 160 -28.23 28.90 -0.31
C VAL F 160 -29.11 28.13 0.69
N ARG F 161 -30.10 27.39 0.19
CA ARG F 161 -30.97 26.63 1.11
C ARG F 161 -30.94 25.13 0.83
N ARG F 162 -31.27 24.34 1.85
CA ARG F 162 -31.36 22.89 1.66
C ARG F 162 -32.49 22.57 0.68
N ALA F 163 -32.26 21.64 -0.24
CA ALA F 163 -33.29 21.29 -1.20
C ALA F 163 -33.79 19.88 -0.94
N GLY F 164 -34.92 19.55 -1.55
CA GLY F 164 -35.46 18.20 -1.48
C GLY F 164 -36.26 17.86 -2.74
N ALA F 165 -37.07 16.82 -2.63
CA ALA F 165 -37.84 16.27 -3.76
C ALA F 165 -38.64 17.34 -4.54
N LYS F 166 -39.28 18.24 -3.81
CA LYS F 166 -40.14 19.24 -4.44
C LYS F 166 -39.39 20.28 -5.29
N ASP F 167 -38.06 20.29 -5.22
CA ASP F 167 -37.29 21.24 -6.03
C ASP F 167 -36.85 20.61 -7.34
N ALA F 168 -37.31 19.39 -7.61
CA ALA F 168 -36.87 18.66 -8.80
C ALA F 168 -37.05 19.48 -10.08
N ALA F 169 -38.24 20.07 -10.24
CA ALA F 169 -38.56 20.83 -11.45
C ALA F 169 -37.61 22.02 -11.60
N ARG F 170 -37.36 22.71 -10.50
CA ARG F 170 -36.42 23.82 -10.49
C ARG F 170 -35.02 23.39 -10.94
N PHE F 171 -34.56 22.24 -10.47
CA PHE F 171 -33.26 21.69 -10.85
C PHE F 171 -33.19 21.49 -12.36
N LEU F 172 -34.19 20.80 -12.92
CA LEU F 172 -34.29 20.59 -14.37
C LEU F 172 -34.24 21.91 -15.13
N GLU F 173 -34.93 22.92 -14.61
CA GLU F 173 -34.99 24.22 -15.26
C GLU F 173 -33.61 24.89 -15.27
N LEU F 174 -32.89 24.78 -14.15
CA LEU F 174 -31.57 25.39 -14.05
C LEU F 174 -30.58 24.66 -14.97
N VAL F 175 -30.68 23.35 -14.99
CA VAL F 175 -29.83 22.52 -15.83
C VAL F 175 -30.09 22.83 -17.29
N GLY F 176 -31.38 22.97 -17.61
CA GLY F 176 -31.81 23.22 -18.97
C GLY F 176 -31.24 24.50 -19.54
N THR F 177 -31.30 25.57 -18.75
CA THR F 177 -30.79 26.85 -19.22
C THR F 177 -29.27 26.81 -19.38
N ALA F 178 -28.57 26.18 -18.44
CA ALA F 178 -27.11 26.07 -18.54
C ALA F 178 -26.65 25.30 -19.78
N HIS F 179 -27.24 24.13 -20.01
CA HIS F 179 -26.83 23.30 -21.16
C HIS F 179 -27.19 23.92 -22.51
N GLU F 180 -28.32 24.62 -22.58
CA GLU F 180 -28.72 25.28 -23.80
C GLU F 180 -27.76 26.43 -24.13
N ALA F 181 -27.37 27.18 -23.10
CA ALA F 181 -26.42 28.28 -23.29
C ALA F 181 -25.04 27.79 -23.78
N SER F 182 -24.50 26.76 -23.12
CA SER F 182 -23.18 26.26 -23.49
C SER F 182 -23.20 25.28 -24.67
N ARG F 183 -24.40 25.00 -25.20
CA ARG F 183 -24.57 23.97 -26.24
C ARG F 183 -23.93 22.64 -25.83
N ALA F 184 -24.19 22.21 -24.60
CA ALA F 184 -23.51 21.04 -24.05
C ALA F 184 -23.84 19.75 -24.81
N SER F 185 -22.96 18.76 -24.68
CA SER F 185 -23.13 17.49 -25.37
C SER F 185 -22.75 16.38 -24.43
N GLY F 186 -23.51 15.28 -24.47
CA GLY F 186 -23.16 14.10 -23.70
C GLY F 186 -24.02 13.87 -22.48
N LEU F 187 -24.48 14.95 -21.85
CA LEU F 187 -25.16 14.84 -20.55
C LEU F 187 -26.50 14.13 -20.60
N LEU F 188 -26.79 13.34 -19.57
CA LEU F 188 -28.09 12.64 -19.44
C LEU F 188 -29.21 13.55 -18.98
N VAL F 189 -30.40 13.28 -19.49
CA VAL F 189 -31.61 13.85 -18.93
C VAL F 189 -32.40 12.71 -18.30
N TRP F 190 -32.56 12.76 -16.98
CA TRP F 190 -33.37 11.80 -16.24
C TRP F 190 -34.81 12.28 -16.16
N PRO F 191 -35.76 11.35 -16.03
CA PRO F 191 -37.16 11.69 -15.74
C PRO F 191 -37.26 12.47 -14.42
N GLU F 192 -38.20 13.41 -14.33
CA GLU F 192 -38.36 14.23 -13.12
C GLU F 192 -38.61 13.37 -11.90
N SER F 193 -39.24 12.21 -12.11
CA SER F 193 -39.53 11.29 -11.02
C SER F 193 -38.22 10.70 -10.49
N LYS F 194 -37.27 10.46 -11.39
CA LYS F 194 -35.97 9.95 -10.96
C LYS F 194 -35.15 11.01 -10.21
N ILE F 195 -35.20 12.25 -10.70
CA ILE F 195 -34.56 13.37 -10.00
C ILE F 195 -35.14 13.50 -8.59
N ALA F 196 -36.46 13.31 -8.48
CA ALA F 196 -37.14 13.37 -7.18
C ALA F 196 -36.60 12.35 -6.18
N GLU F 197 -36.48 11.10 -6.62
CA GLU F 197 -35.97 10.03 -5.76
C GLU F 197 -34.53 10.31 -5.34
N TRP F 198 -33.76 10.86 -6.27
CA TRP F 198 -32.38 11.27 -6.05
C TRP F 198 -32.35 12.32 -4.94
N LEU F 199 -33.23 13.32 -5.02
CA LEU F 199 -33.25 14.41 -4.03
C LEU F 199 -33.82 14.02 -2.66
N GLU F 200 -34.66 12.99 -2.61
CA GLU F 200 -35.25 12.63 -1.32
C GLU F 200 -34.46 11.55 -0.59
N ASP F 201 -33.51 10.93 -1.28
CA ASP F 201 -32.60 10.00 -0.62
C ASP F 201 -31.83 10.77 0.48
N GLU F 202 -31.94 10.29 1.71
CA GLU F 202 -31.32 10.98 2.86
C GLU F 202 -29.78 10.99 2.80
N GLU F 203 -29.22 10.11 1.97
CA GLU F 203 -27.77 10.03 1.79
C GLU F 203 -27.24 11.09 0.80
N ASN F 204 -28.14 11.79 0.12
CA ASN F 204 -27.73 12.82 -0.83
C ASN F 204 -27.99 14.19 -0.23
N PHE F 205 -26.99 15.07 -0.30
CA PHE F 205 -27.12 16.40 0.28
C PHE F 205 -27.28 17.41 -0.84
N ALA F 206 -28.47 18.00 -0.97
CA ALA F 206 -28.78 18.92 -2.07
C ALA F 206 -29.03 20.35 -1.60
N TYR F 207 -28.50 21.32 -2.32
CA TYR F 207 -28.62 22.71 -1.95
C TYR F 207 -28.93 23.55 -3.16
N LEU F 208 -29.80 24.54 -2.97
CA LEU F 208 -30.35 25.31 -4.09
C LEU F 208 -30.10 26.80 -3.88
N ALA F 209 -29.57 27.46 -4.92
CA ALA F 209 -29.50 28.92 -4.95
C ALA F 209 -30.42 29.40 -6.07
N GLU F 210 -30.60 30.71 -6.18
CA GLU F 210 -31.46 31.26 -7.22
C GLU F 210 -31.04 30.81 -8.63
N ASP F 211 -29.74 30.71 -8.87
CA ASP F 211 -29.27 30.39 -10.21
C ASP F 211 -28.26 29.25 -10.18
N GLY F 212 -28.49 28.29 -9.29
CA GLY F 212 -27.67 27.10 -9.28
C GLY F 212 -28.03 26.14 -8.16
N PHE F 213 -27.38 24.97 -8.20
CA PHE F 213 -27.56 23.97 -7.15
C PHE F 213 -26.34 23.06 -7.08
N VAL F 214 -26.26 22.29 -6.00
CA VAL F 214 -25.23 21.27 -5.87
C VAL F 214 -25.84 20.08 -5.16
N VAL F 215 -25.40 18.88 -5.53
CA VAL F 215 -25.83 17.68 -4.83
C VAL F 215 -24.56 16.90 -4.55
N TYR F 216 -24.35 16.52 -3.29
CA TYR F 216 -23.15 15.77 -2.94
C TYR F 216 -23.40 14.78 -1.83
N ASN F 217 -22.40 13.96 -1.50
CA ASN F 217 -22.57 12.88 -0.53
C ASN F 217 -21.21 12.41 -0.01
N TRP F 218 -21.23 11.55 1.01
CA TRP F 218 -20.00 10.95 1.54
C TRP F 218 -19.46 9.83 0.65
N SER F 219 -18.15 9.76 0.52
CA SER F 219 -17.49 8.67 -0.21
C SER F 219 -16.24 8.29 0.61
N ASP F 220 -16.37 7.28 1.46
CA ASP F 220 -15.24 6.79 2.27
C ASP F 220 -14.52 7.92 3.04
N GLY F 221 -15.22 8.68 3.85
CA GLY F 221 -14.56 9.72 4.62
C GLY F 221 -14.30 10.99 3.83
N ASP F 222 -14.40 10.94 2.51
CA ASP F 222 -14.35 12.16 1.73
C ASP F 222 -15.74 12.51 1.18
N LEU F 223 -15.84 13.66 0.55
CA LEU F 223 -17.10 14.11 -0.02
C LEU F 223 -17.02 13.97 -1.54
N GLN F 224 -18.17 13.76 -2.15
CA GLN F 224 -18.22 13.59 -3.59
C GLN F 224 -19.36 14.38 -4.18
N VAL F 225 -19.05 15.25 -5.12
CA VAL F 225 -20.07 16.06 -5.78
C VAL F 225 -20.62 15.31 -6.98
N ASP F 226 -21.92 15.03 -6.97
CA ASP F 226 -22.58 14.36 -8.10
C ASP F 226 -22.79 15.35 -9.26
N GLU F 227 -23.15 16.58 -8.91
CA GLU F 227 -23.39 17.61 -9.89
C GLU F 227 -23.42 18.98 -9.23
N LEU F 228 -22.77 19.95 -9.86
CA LEU F 228 -22.87 21.34 -9.47
C LEU F 228 -23.17 22.13 -10.71
N VAL F 229 -24.24 22.92 -10.66
CA VAL F 229 -24.64 23.80 -11.74
C VAL F 229 -24.71 25.23 -11.19
N ALA F 230 -24.10 26.18 -11.89
CA ALA F 230 -24.12 27.56 -11.43
C ALA F 230 -24.07 28.52 -12.59
N HIS F 231 -24.97 29.49 -12.62
CA HIS F 231 -25.03 30.43 -13.72
C HIS F 231 -24.09 31.61 -13.52
N SER F 232 -23.74 31.92 -12.27
CA SER F 232 -22.93 33.11 -11.98
C SER F 232 -21.76 32.81 -11.06
N GLU F 233 -20.76 33.70 -11.08
CA GLU F 233 -19.54 33.48 -10.31
C GLU F 233 -19.81 33.32 -8.81
N ALA F 234 -20.58 34.26 -8.25
CA ALA F 234 -20.81 34.26 -6.82
C ALA F 234 -21.51 32.98 -6.38
N THR F 235 -22.49 32.55 -7.18
CA THR F 235 -23.23 31.34 -6.89
C THR F 235 -22.32 30.11 -6.99
N ALA F 236 -21.49 30.05 -8.02
CA ALA F 236 -20.55 28.93 -8.14
C ALA F 236 -19.67 28.87 -6.90
N ARG F 237 -19.16 30.04 -6.50
CA ARG F 237 -18.30 30.09 -5.33
C ARG F 237 -19.08 29.65 -4.08
N ALA F 238 -20.29 30.13 -3.94
CA ALA F 238 -21.10 29.78 -2.78
C ALA F 238 -21.46 28.29 -2.69
N LEU F 239 -21.81 27.67 -3.82
CA LEU F 239 -22.12 26.23 -3.80
C LEU F 239 -20.88 25.40 -3.45
N TRP F 240 -19.75 25.72 -4.08
CA TRP F 240 -18.50 25.01 -3.82
C TRP F 240 -18.09 25.20 -2.36
N ALA F 241 -18.25 26.42 -1.85
CA ALA F 241 -17.91 26.73 -0.48
C ALA F 241 -18.81 25.95 0.47
N THR F 242 -20.04 25.69 0.04
CA THR F 242 -20.95 24.90 0.85
C THR F 242 -20.41 23.47 1.01
N VAL F 243 -19.95 22.89 -0.09
CA VAL F 243 -19.40 21.54 -0.04
C VAL F 243 -18.14 21.54 0.82
N GLY F 244 -17.28 22.53 0.59
CA GLY F 244 -15.98 22.57 1.24
C GLY F 244 -16.08 22.90 2.71
N SER F 245 -17.27 23.29 3.16
CA SER F 245 -17.46 23.70 4.56
C SER F 245 -17.27 22.51 5.50
N GLY F 246 -17.30 21.30 4.95
CA GLY F 246 -17.05 20.12 5.75
C GLY F 246 -15.56 19.79 5.93
N ALA F 247 -14.68 20.73 5.57
CA ALA F 247 -13.23 20.50 5.53
C ALA F 247 -12.60 20.06 6.85
N SER F 248 -13.25 20.39 7.96
CA SER F 248 -12.72 19.97 9.26
C SER F 248 -12.77 18.44 9.40
N ILE F 249 -13.64 17.81 8.63
CA ILE F 249 -13.78 16.36 8.68
C ILE F 249 -13.28 15.71 7.39
N ALA F 250 -13.70 16.24 6.24
CA ALA F 250 -13.28 15.69 4.95
C ALA F 250 -12.16 16.52 4.33
N ARG F 251 -11.03 15.88 4.06
CA ARG F 251 -9.87 16.55 3.48
C ARG F 251 -10.08 16.83 2.00
N THR F 252 -10.80 15.94 1.34
CA THR F 252 -10.82 15.89 -0.12
C THR F 252 -12.24 15.90 -0.64
N VAL F 253 -12.46 16.65 -1.71
CA VAL F 253 -13.73 16.63 -2.40
C VAL F 253 -13.52 16.08 -3.81
N HIS F 254 -14.15 14.96 -4.11
CA HIS F 254 -14.13 14.41 -5.47
C HIS F 254 -15.32 15.00 -6.20
N ALA F 255 -15.15 15.30 -7.49
CA ALA F 255 -16.26 15.86 -8.26
C ALA F 255 -16.30 15.30 -9.66
N TYR F 256 -17.51 14.91 -10.08
CA TYR F 256 -17.74 14.63 -11.48
C TYR F 256 -18.05 15.92 -12.22
N LEU F 257 -17.22 16.22 -13.21
CA LEU F 257 -17.42 17.40 -14.04
C LEU F 257 -16.57 17.30 -15.30
N SER F 258 -16.70 18.29 -16.17
N SER F 258 -16.71 18.27 -16.20
CA SER F 258 -15.87 18.41 -17.36
CA SER F 258 -15.86 18.33 -17.39
C SER F 258 -14.49 18.98 -17.02
C SER F 258 -14.51 18.95 -17.04
N PRO F 259 -13.48 18.70 -17.88
CA PRO F 259 -12.20 19.39 -17.68
C PRO F 259 -12.32 20.86 -18.04
N ASN F 260 -13.47 21.24 -18.61
CA ASN F 260 -13.78 22.65 -18.88
C ASN F 260 -14.59 23.39 -17.81
N ASP F 261 -14.92 22.70 -16.71
CA ASP F 261 -15.71 23.32 -15.66
C ASP F 261 -14.99 24.54 -15.08
N PRO F 262 -15.74 25.62 -14.80
CA PRO F 262 -15.05 26.83 -14.32
C PRO F 262 -14.36 26.63 -12.96
N VAL F 263 -14.64 25.56 -12.22
CA VAL F 263 -14.03 25.40 -10.90
C VAL F 263 -12.51 25.40 -10.99
N HIS F 264 -11.97 24.87 -12.10
CA HIS F 264 -10.51 24.82 -12.31
C HIS F 264 -9.92 26.22 -12.40
N LEU F 265 -10.76 27.18 -12.77
CA LEU F 265 -10.33 28.56 -12.91
C LEU F 265 -10.47 29.34 -11.59
N LEU F 266 -11.19 28.75 -10.64
CA LEU F 266 -11.52 29.40 -9.36
C LEU F 266 -10.66 28.92 -8.18
N VAL F 267 -10.42 27.61 -8.07
CA VAL F 267 -9.71 27.10 -6.91
C VAL F 267 -8.23 27.44 -6.95
N GLU F 268 -7.65 27.64 -5.77
CA GLU F 268 -6.24 28.00 -5.69
C GLU F 268 -5.36 26.81 -6.04
N HIS F 269 -5.70 25.66 -5.49
CA HIS F 269 -4.94 24.44 -5.69
C HIS F 269 -5.54 23.61 -6.81
N GLU F 270 -4.71 23.28 -7.80
CA GLU F 270 -5.13 22.53 -8.96
C GLU F 270 -5.69 21.19 -8.53
N ALA F 271 -6.63 20.64 -9.30
CA ALA F 271 -7.12 19.30 -9.00
C ALA F 271 -5.92 18.34 -8.97
N ASP F 272 -6.01 17.30 -8.16
CA ASP F 272 -4.95 16.27 -8.08
C ASP F 272 -4.62 15.74 -9.48
N LYS F 273 -3.34 15.51 -9.77
CA LYS F 273 -2.93 14.91 -11.07
C LYS F 273 -3.65 13.58 -11.33
N GLN F 274 -3.88 12.82 -10.27
N GLN F 274 -3.82 12.76 -10.30
CA GLN F 274 -4.53 11.52 -10.40
CA GLN F 274 -4.52 11.47 -10.48
C GLN F 274 -6.04 11.71 -10.53
C GLN F 274 -6.01 11.70 -10.56
N ALA F 275 -6.57 11.40 -11.73
CA ALA F 275 -7.99 11.62 -11.99
C ALA F 275 -8.58 10.35 -12.55
N HIS F 276 -9.92 10.26 -12.57
CA HIS F 276 -10.59 9.13 -13.21
C HIS F 276 -11.11 9.58 -14.56
N VAL F 277 -10.87 8.76 -15.59
CA VAL F 277 -11.39 9.06 -16.91
C VAL F 277 -12.04 7.79 -17.44
N GLN F 278 -13.38 7.77 -17.53
CA GLN F 278 -14.08 6.62 -18.12
C GLN F 278 -14.63 7.02 -19.49
N ARG F 279 -14.91 6.02 -20.34
CA ARG F 279 -15.48 6.29 -21.66
C ARG F 279 -16.82 5.59 -21.82
N TRP F 280 -17.76 6.22 -22.50
CA TRP F 280 -19.01 5.57 -22.81
C TRP F 280 -19.14 5.51 -24.33
N MSE F 281 -19.91 4.54 -24.82
CA MSE F 281 -20.07 4.35 -26.26
C MSE F 281 -21.42 4.85 -26.75
O MSE F 281 -22.34 5.00 -25.96
CB MSE F 281 -19.93 2.88 -26.63
CG MSE F 281 -18.54 2.34 -26.32
SE MSE F 281 -18.36 0.56 -27.09
CE MSE F 281 -16.43 0.64 -27.43
N LEU F 282 -21.50 5.07 -28.06
CA LEU F 282 -22.69 5.61 -28.71
C LEU F 282 -22.96 4.82 -30.00
N ARG F 283 -24.22 4.73 -30.40
CA ARG F 283 -24.63 4.16 -31.69
C ARG F 283 -25.79 4.97 -32.22
N LEU F 284 -25.80 5.27 -33.52
CA LEU F 284 -26.99 5.84 -34.14
C LEU F 284 -27.89 4.70 -34.58
N LEU F 285 -29.17 4.78 -34.22
CA LEU F 285 -30.18 3.80 -34.61
C LEU F 285 -31.01 4.33 -35.78
N ASP F 286 -31.24 5.63 -35.79
CA ASP F 286 -32.00 6.27 -36.86
C ASP F 286 -31.29 7.58 -37.21
N ALA F 287 -30.30 7.50 -38.10
CA ALA F 287 -29.44 8.64 -38.40
C ALA F 287 -30.16 9.94 -38.82
N PRO F 288 -31.14 9.89 -39.76
CA PRO F 288 -31.85 11.13 -40.08
C PRO F 288 -32.48 11.77 -38.86
N ALA F 289 -33.18 10.98 -38.04
CA ALA F 289 -33.82 11.51 -36.85
C ALA F 289 -32.79 12.04 -35.83
N ALA F 290 -31.65 11.36 -35.74
CA ALA F 290 -30.63 11.76 -34.78
C ALA F 290 -30.05 13.11 -35.20
N ILE F 291 -29.91 13.27 -36.51
CA ILE F 291 -29.36 14.50 -37.08
C ILE F 291 -30.35 15.64 -36.91
N ALA F 292 -31.63 15.38 -37.21
CA ALA F 292 -32.65 16.40 -37.09
C ALA F 292 -32.83 16.85 -35.63
N ALA F 293 -32.54 15.96 -34.68
CA ALA F 293 -32.68 16.28 -33.27
C ALA F 293 -31.43 16.97 -32.68
N ARG F 294 -30.29 16.84 -33.35
CA ARG F 294 -29.01 17.36 -32.83
C ARG F 294 -28.92 18.87 -32.93
N GLY F 295 -28.23 19.51 -31.98
CA GLY F 295 -27.88 20.90 -32.12
C GLY F 295 -26.57 20.99 -32.87
N PHE F 296 -26.45 21.96 -33.76
CA PHE F 296 -25.21 22.15 -34.50
C PHE F 296 -24.55 23.49 -34.17
N ALA F 297 -23.22 23.50 -34.18
CA ALA F 297 -22.42 24.68 -33.84
C ALA F 297 -22.89 25.93 -34.56
N PRO F 298 -23.03 27.04 -33.83
CA PRO F 298 -23.48 28.30 -34.43
C PRO F 298 -22.52 28.77 -35.51
N GLY F 299 -23.06 29.27 -36.61
CA GLY F 299 -22.24 29.73 -37.71
C GLY F 299 -21.79 28.63 -38.64
N ALA F 300 -21.76 27.40 -38.13
CA ALA F 300 -21.38 26.25 -38.95
C ALA F 300 -22.32 26.08 -40.13
N ALA F 301 -21.75 25.85 -41.31
CA ALA F 301 -22.52 25.51 -42.49
C ALA F 301 -21.82 24.37 -43.21
N ALA F 302 -22.59 23.41 -43.70
CA ALA F 302 -22.03 22.26 -44.40
C ALA F 302 -23.02 21.67 -45.40
N GLU F 303 -22.50 21.28 -46.56
CA GLU F 303 -23.25 20.49 -47.53
C GLU F 303 -22.32 19.40 -48.04
N VAL F 304 -22.43 18.20 -47.46
CA VAL F 304 -21.58 17.08 -47.84
C VAL F 304 -22.38 15.80 -47.96
N ASP F 305 -21.86 14.84 -48.73
CA ASP F 305 -22.47 13.52 -48.81
C ASP F 305 -21.71 12.50 -47.98
N LEU F 306 -22.42 11.45 -47.59
CA LEU F 306 -21.89 10.38 -46.76
C LEU F 306 -22.41 9.05 -47.31
N LEU F 307 -21.52 8.06 -47.41
CA LEU F 307 -21.92 6.72 -47.80
C LEU F 307 -21.86 5.84 -46.56
N ILE F 308 -23.01 5.37 -46.10
CA ILE F 308 -23.10 4.62 -44.86
C ILE F 308 -23.27 3.13 -45.12
N ASP F 309 -22.36 2.32 -44.58
CA ASP F 309 -22.53 0.86 -44.61
C ASP F 309 -22.85 0.35 -43.22
N ASP F 310 -24.14 0.14 -42.94
CA ASP F 310 -24.55 -0.39 -41.63
C ASP F 310 -25.45 -1.62 -41.81
N PRO F 311 -24.81 -2.80 -41.83
CA PRO F 311 -25.56 -4.06 -41.97
C PRO F 311 -26.40 -4.28 -40.72
N GLY F 312 -25.92 -3.77 -39.60
CA GLY F 312 -26.64 -3.81 -38.33
C GLY F 312 -28.02 -3.18 -38.39
N VAL F 313 -28.11 -2.01 -39.05
CA VAL F 313 -29.40 -1.34 -39.27
C VAL F 313 -29.47 -0.86 -40.73
N PRO F 314 -29.81 -1.79 -41.65
CA PRO F 314 -29.73 -1.53 -43.10
C PRO F 314 -30.60 -0.36 -43.57
N ALA F 315 -31.56 0.05 -42.76
CA ALA F 315 -32.43 1.18 -43.12
C ALA F 315 -31.69 2.53 -43.11
N GLN F 316 -30.48 2.56 -42.56
CA GLN F 316 -29.67 3.79 -42.64
C GLN F 316 -28.49 3.64 -43.60
N SER F 317 -28.37 2.46 -44.23
CA SER F 317 -27.34 2.21 -45.24
C SER F 317 -27.64 2.95 -46.54
N GLY F 318 -26.60 3.25 -47.31
CA GLY F 318 -26.78 3.92 -48.59
C GLY F 318 -26.11 5.28 -48.61
N ARG F 319 -26.34 6.04 -49.68
CA ARG F 319 -25.73 7.36 -49.83
C ARG F 319 -26.64 8.46 -49.33
N TRP F 320 -26.14 9.27 -48.40
CA TRP F 320 -26.94 10.34 -47.82
C TRP F 320 -26.35 11.71 -48.07
N HIS F 321 -27.19 12.74 -48.00
CA HIS F 321 -26.75 14.12 -48.07
C HIS F 321 -26.99 14.83 -46.75
N LEU F 322 -25.92 15.42 -46.22
CA LEU F 322 -25.99 16.14 -44.96
C LEU F 322 -25.92 17.65 -45.21
N SER F 323 -26.98 18.35 -44.80
CA SER F 323 -26.98 19.81 -44.89
C SER F 323 -27.14 20.41 -43.50
N VAL F 324 -26.23 21.32 -43.15
CA VAL F 324 -26.23 21.96 -41.85
C VAL F 324 -26.19 23.45 -42.09
N ALA F 325 -27.08 24.18 -41.42
CA ALA F 325 -27.14 25.62 -41.51
C ALA F 325 -27.96 26.14 -40.32
N ASP F 326 -27.51 27.24 -39.73
CA ASP F 326 -28.24 27.90 -38.65
C ASP F 326 -28.56 26.98 -37.47
N GLY F 327 -27.59 26.15 -37.08
CA GLY F 327 -27.71 25.31 -35.91
C GLY F 327 -28.62 24.10 -36.06
N THR F 328 -29.01 23.82 -37.30
CA THR F 328 -29.91 22.72 -37.61
C THR F 328 -29.32 21.90 -38.75
N GLY F 329 -29.51 20.58 -38.70
CA GLY F 329 -29.06 19.71 -39.77
C GLY F 329 -30.17 18.81 -40.29
N GLU F 330 -29.99 18.33 -41.51
CA GLU F 330 -30.93 17.39 -42.11
C GLU F 330 -30.18 16.39 -42.98
N LEU F 331 -30.51 15.12 -42.84
CA LEU F 331 -29.90 14.07 -43.64
C LEU F 331 -30.95 13.49 -44.59
N THR F 332 -30.74 13.63 -45.89
CA THR F 332 -31.68 13.10 -46.90
C THR F 332 -30.96 12.19 -47.90
N PRO F 333 -31.70 11.27 -48.55
CA PRO F 333 -31.07 10.37 -49.53
C PRO F 333 -30.46 11.15 -50.69
N SER F 334 -29.45 10.54 -51.32
CA SER F 334 -28.70 11.21 -52.39
C SER F 334 -28.56 10.36 -53.64
N ASP F 335 -28.72 10.98 -54.81
CA ASP F 335 -28.57 10.31 -56.10
C ASP F 335 -27.22 10.58 -56.72
N ARG F 336 -26.42 11.41 -56.05
CA ARG F 336 -25.12 11.81 -56.59
C ARG F 336 -24.15 10.62 -56.67
N SER F 337 -23.09 10.76 -57.47
CA SER F 337 -22.26 9.61 -57.86
C SER F 337 -20.78 9.73 -57.50
N GLY F 338 -20.29 10.95 -57.29
CA GLY F 338 -18.88 11.18 -57.02
C GLY F 338 -18.29 10.43 -55.83
N ASP F 339 -16.98 10.49 -55.68
CA ASP F 339 -16.31 9.90 -54.53
C ASP F 339 -16.83 10.55 -53.26
N VAL F 340 -16.92 9.79 -52.18
CA VAL F 340 -17.59 10.27 -50.99
C VAL F 340 -17.01 9.61 -49.75
N LEU F 341 -17.07 10.32 -48.63
CA LEU F 341 -16.71 9.78 -47.32
C LEU F 341 -17.55 8.53 -47.03
N GLN F 342 -16.88 7.43 -46.71
CA GLN F 342 -17.56 6.16 -46.39
C GLN F 342 -17.43 5.87 -44.90
N LEU F 343 -18.54 5.51 -44.25
CA LEU F 343 -18.52 5.19 -42.83
C LEU F 343 -19.31 3.93 -42.53
N GLY F 344 -18.88 3.19 -41.51
CA GLY F 344 -19.71 2.16 -40.92
C GLY F 344 -20.38 2.76 -39.70
N SER F 345 -21.09 1.94 -38.94
CA SER F 345 -21.81 2.43 -37.77
C SER F 345 -20.89 3.05 -36.72
N ARG F 346 -19.71 2.44 -36.53
CA ARG F 346 -18.76 2.94 -35.53
C ARG F 346 -18.30 4.35 -35.85
N GLY F 347 -17.90 4.57 -37.11
CA GLY F 347 -17.41 5.86 -37.57
C GLY F 347 -18.50 6.91 -37.57
N LEU F 348 -19.71 6.49 -37.95
CA LEU F 348 -20.87 7.37 -37.95
C LEU F 348 -21.16 7.88 -36.54
N ALA F 349 -21.13 6.97 -35.57
CA ALA F 349 -21.39 7.34 -34.18
C ALA F 349 -20.32 8.28 -33.64
N ALA F 350 -19.05 7.97 -33.91
CA ALA F 350 -17.96 8.84 -33.44
C ALA F 350 -17.97 10.19 -34.13
N LEU F 351 -18.34 10.22 -35.41
CA LEU F 351 -18.52 11.49 -36.12
C LEU F 351 -19.58 12.37 -35.43
N TYR F 352 -20.75 11.78 -35.19
CA TYR F 352 -21.85 12.45 -34.50
C TYR F 352 -21.40 12.98 -33.12
N ALA F 353 -20.55 12.22 -32.43
CA ALA F 353 -20.04 12.62 -31.13
C ALA F 353 -18.97 13.71 -31.21
N GLY F 354 -18.56 14.08 -32.42
CA GLY F 354 -17.58 15.13 -32.58
C GLY F 354 -16.11 14.68 -32.57
N THR F 355 -15.88 13.37 -32.71
CA THR F 355 -14.53 12.86 -32.84
C THR F 355 -13.94 13.38 -34.14
N PRO F 356 -12.75 14.01 -34.09
CA PRO F 356 -12.07 14.59 -35.26
C PRO F 356 -11.90 13.58 -36.40
N LEU F 357 -12.16 14.01 -37.63
CA LEU F 357 -12.06 13.12 -38.80
C LEU F 357 -10.67 12.49 -38.96
N ALA F 358 -9.62 13.25 -38.61
CA ALA F 358 -8.25 12.76 -38.72
C ALA F 358 -8.02 11.51 -37.85
N ALA F 359 -8.61 11.51 -36.66
CA ALA F 359 -8.54 10.36 -35.77
C ALA F 359 -9.34 9.18 -36.32
N LEU F 360 -10.51 9.49 -36.88
CA LEU F 360 -11.35 8.47 -37.50
C LEU F 360 -10.64 7.80 -38.70
N ARG F 361 -9.90 8.57 -39.49
CA ARG F 361 -9.20 8.00 -40.63
C ARG F 361 -8.03 7.13 -40.19
N THR F 362 -7.28 7.59 -39.20
CA THR F 362 -6.14 6.83 -38.70
C THR F 362 -6.62 5.54 -38.04
N ALA F 363 -7.84 5.54 -37.50
CA ALA F 363 -8.37 4.35 -36.87
C ALA F 363 -9.03 3.41 -37.88
N GLY F 364 -9.15 3.86 -39.14
CA GLY F 364 -9.73 3.04 -40.19
C GLY F 364 -11.25 3.00 -40.17
N LEU F 365 -11.86 3.86 -39.36
CA LEU F 365 -13.32 3.88 -39.19
C LEU F 365 -14.03 4.64 -40.31
N VAL F 366 -13.25 5.42 -41.04
CA VAL F 366 -13.77 6.24 -42.12
C VAL F 366 -12.78 6.14 -43.26
N THR F 367 -13.27 6.12 -44.52
CA THR F 367 -12.38 6.08 -45.67
C THR F 367 -13.00 6.74 -46.91
N GLY F 368 -12.15 7.19 -47.83
CA GLY F 368 -12.61 7.88 -49.02
C GLY F 368 -12.97 9.34 -48.78
N GLY F 369 -13.53 10.00 -49.79
CA GLY F 369 -13.93 11.40 -49.68
C GLY F 369 -12.76 12.36 -49.80
N PRO F 370 -13.05 13.58 -50.29
CA PRO F 370 -12.01 14.63 -50.41
C PRO F 370 -11.73 15.26 -49.05
N VAL F 371 -10.50 15.71 -48.82
CA VAL F 371 -10.10 16.31 -47.54
C VAL F 371 -10.87 17.60 -47.23
N ALA F 372 -11.25 18.34 -48.27
CA ALA F 372 -12.01 19.57 -48.10
C ALA F 372 -13.36 19.35 -47.42
N SER F 373 -13.91 18.14 -47.56
CA SER F 373 -15.18 17.82 -46.92
C SER F 373 -14.98 17.37 -45.46
N ASP F 374 -13.75 16.95 -45.14
CA ASP F 374 -13.40 16.62 -43.76
C ASP F 374 -13.48 17.87 -42.89
N ARG F 375 -12.99 18.98 -43.42
CA ARG F 375 -13.03 20.26 -42.72
C ARG F 375 -14.46 20.68 -42.41
N LEU F 376 -15.36 20.45 -43.34
CA LEU F 376 -16.77 20.82 -43.18
C LEU F 376 -17.42 20.03 -42.05
N LEU F 377 -17.17 18.72 -42.02
CA LEU F 377 -17.73 17.86 -40.99
C LEU F 377 -17.23 18.23 -39.59
N ASP F 378 -15.92 18.45 -39.47
CA ASP F 378 -15.33 18.76 -38.17
C ASP F 378 -15.96 19.98 -37.51
N THR F 379 -16.09 21.07 -38.26
CA THR F 379 -16.68 22.27 -37.67
C THR F 379 -18.16 22.08 -37.36
N ALA F 380 -18.88 21.40 -38.25
CA ALA F 380 -20.31 21.17 -38.05
C ALA F 380 -20.60 20.37 -36.78
N PHE F 381 -19.82 19.32 -36.57
CA PHE F 381 -19.98 18.46 -35.40
C PHE F 381 -19.12 18.93 -34.22
N GLY F 382 -18.38 20.02 -34.42
CA GLY F 382 -17.50 20.53 -33.38
C GLY F 382 -18.22 21.16 -32.20
N GLY F 383 -17.47 21.65 -31.23
CA GLY F 383 -18.06 22.23 -30.05
C GLY F 383 -17.50 21.55 -28.81
N ALA F 384 -18.20 21.69 -27.69
CA ALA F 384 -17.68 21.14 -26.44
C ALA F 384 -17.61 19.61 -26.47
N ALA F 385 -16.50 19.10 -25.95
CA ALA F 385 -16.27 17.67 -25.85
C ALA F 385 -17.41 17.02 -25.06
N PRO F 386 -17.96 15.92 -25.58
CA PRO F 386 -19.11 15.29 -24.90
C PRO F 386 -18.70 14.62 -23.61
N TYR F 387 -19.47 14.83 -22.56
CA TYR F 387 -19.20 14.16 -21.29
C TYR F 387 -20.52 13.89 -20.58
N MSE F 388 -20.42 13.07 -19.53
CA MSE F 388 -21.59 12.65 -18.76
C MSE F 388 -21.16 12.73 -17.29
O MSE F 388 -19.98 12.53 -16.99
CB MSE F 388 -21.89 11.21 -19.14
CG MSE F 388 -23.28 10.79 -18.89
SE MSE F 388 -23.43 8.99 -19.60
CE MSE F 388 -23.44 9.36 -21.47
N LEU F 389 -22.09 13.00 -16.38
CA LEU F 389 -21.77 12.99 -14.96
C LEU F 389 -22.07 11.63 -14.34
N ASP F 390 -22.99 10.91 -14.96
CA ASP F 390 -23.50 9.65 -14.40
C ASP F 390 -22.86 8.42 -15.02
N TYR F 391 -22.78 7.36 -14.23
CA TYR F 391 -22.53 6.01 -14.71
C TYR F 391 -23.87 5.26 -14.69
N PHE F 392 -24.09 4.37 -15.65
CA PHE F 392 -25.24 3.46 -15.59
C PHE F 392 -24.88 2.13 -16.25
N1A ACO G . 3.20 -13.00 -25.92
C2A ACO G . 2.60 -14.05 -26.51
N3A ACO G . 3.15 -14.74 -27.53
C4A ACO G . 4.36 -14.41 -28.03
C5A ACO G . 5.09 -13.27 -27.44
C6A ACO G . 4.41 -12.55 -26.32
N6A ACO G . 5.01 -11.49 -25.71
N7A ACO G . 6.25 -13.16 -28.10
C8A ACO G . 6.29 -14.15 -29.05
N9A ACO G . 5.16 -14.88 -29.00
C1B ACO G . 4.86 -16.04 -29.86
C2B ACO G . 4.66 -15.61 -31.30
O2B ACO G . 3.34 -15.09 -31.54
C3B ACO G . 4.94 -16.92 -32.00
O3B ACO G . 3.84 -17.79 -31.78
P3B ACO G . 2.70 -18.06 -32.89
O7A ACO G . 3.46 -18.65 -34.06
O8A ACO G . 1.76 -19.03 -32.19
O9A ACO G . 2.12 -16.69 -33.16
C4B ACO G . 6.06 -17.57 -31.20
O4B ACO G . 6.00 -16.92 -29.92
C5B ACO G . 7.44 -17.41 -31.85
O5B ACO G . 7.56 -16.08 -32.35
P1A ACO G . 8.96 -15.44 -32.83
O1A ACO G . 9.90 -16.58 -33.15
O2A ACO G . 8.62 -14.38 -33.83
O3A ACO G . 9.44 -14.76 -31.45
P2A ACO G . 10.18 -13.34 -31.26
O4A ACO G . 11.19 -13.15 -32.37
O5A ACO G . 9.19 -12.26 -31.04
O6A ACO G . 11.00 -13.63 -29.89
CBP ACO G . 10.94 -12.97 -27.60
CCP ACO G . 10.32 -13.87 -28.66
CDP ACO G . 12.38 -13.40 -27.30
CEP ACO G . 10.06 -13.10 -26.35
CAP ACO G . 10.95 -11.53 -28.09
OAP ACO G . 9.61 -11.15 -28.44
C9P ACO G . 11.54 -10.55 -27.09
O9P ACO G . 12.71 -10.19 -27.21
N8P ACO G . 10.76 -10.09 -26.12
C7P ACO G . 11.20 -9.23 -25.02
C6P ACO G . 12.36 -9.80 -24.18
C5P ACO G . 12.00 -11.14 -23.61
O5P ACO G . 10.90 -11.36 -23.13
N4P ACO G . 12.95 -12.09 -23.65
C3P ACO G . 13.06 -13.12 -22.63
C2P ACO G . 12.41 -14.41 -23.06
S1P ACO G . 12.80 -15.67 -21.87
C TRS H . 15.60 -14.76 -18.95
C1 TRS H . 16.90 -14.37 -18.24
C2 TRS H . 14.28 -14.05 -18.61
C3 TRS H . 15.60 -15.97 -19.89
N TRS H . 15.33 -15.73 -17.83
O1 TRS H . 17.91 -15.34 -18.61
O2 TRS H . 13.21 -14.76 -19.24
O3 TRS H . 15.77 -15.48 -21.23
C1 GOL I . 34.24 -26.87 10.21
O1 GOL I . 34.97 -27.45 9.15
C2 GOL I . 35.17 -26.36 11.31
O2 GOL I . 36.35 -25.81 10.75
C3 GOL I . 34.41 -25.31 12.11
O3 GOL I . 35.23 -24.72 13.11
N1A ACO J . 2.63 -19.64 21.46
C2A ACO J . 3.56 -20.57 21.75
N3A ACO J . 3.33 -21.64 22.52
C4A ACO J . 2.10 -21.85 23.06
C5A ACO J . 1.03 -20.88 22.78
C6A ACO J . 1.36 -19.73 21.92
N6A ACO J . 0.43 -18.80 21.61
N7A ACO J . -0.06 -21.32 23.42
C8A ACO J . 0.27 -22.47 24.06
N9A ACO J . 1.57 -22.78 23.85
C1B ACO J . 2.29 -23.96 24.38
C2B ACO J . 2.50 -23.91 25.88
O2B ACO J . 3.62 -23.09 26.22
C3B ACO J . 2.71 -25.39 26.18
O3B ACO J . 4.03 -25.73 25.76
P3B ACO J . 5.26 -25.84 26.79
O7A ACO J . 4.82 -26.88 27.79
O8A ACO J . 6.41 -26.28 25.89
O9A ACO J . 5.35 -24.44 27.34
C4B ACO J . 1.81 -26.12 25.19
O4B ACO J . 1.53 -25.16 24.15
C5B ACO J . 0.50 -26.64 25.82
O5B ACO J . -0.01 -25.55 26.58
P1A ACO J . -1.45 -25.55 27.26
O1A ACO J . -2.01 -26.94 27.21
O2A ACO J . -1.43 -24.70 28.51
O3A ACO J . -2.12 -24.64 26.12
P2A ACO J . -3.40 -23.69 26.17
O4A ACO J . -4.46 -24.28 27.07
O5A ACO J . -2.97 -22.27 26.36
O6A ACO J . -3.64 -23.93 24.58
CBP ACO J . -4.83 -22.76 22.84
CCP ACO J . -4.87 -23.77 23.96
CDP ACO J . -5.86 -23.27 21.83
CEP ACO J . -3.49 -22.61 22.13
CAP ACO J . -5.19 -21.46 23.53
OAP ACO J . -4.01 -20.73 23.81
C9P ACO J . -6.06 -20.59 22.70
O9P ACO J . -7.28 -20.68 22.79
N8P ACO J . -5.43 -19.72 21.91
C7P ACO J . -6.17 -18.72 21.17
C6P ACO J . -7.11 -19.34 20.12
C5P ACO J . -6.31 -20.34 19.33
O5P ACO J . -5.24 -20.01 18.82
N4P ACO J . -6.78 -21.57 19.18
C3P ACO J . -6.63 -22.25 17.91
C2P ACO J . -5.56 -23.32 17.98
S1P ACO J . -5.61 -24.25 16.47
C TRS K . -8.49 -23.95 13.43
C1 TRS K . -7.78 -22.66 13.84
C2 TRS K . -9.99 -23.69 13.32
C3 TRS K . -8.21 -25.09 14.39
N TRS K . -7.95 -24.36 12.11
O1 TRS K . -6.37 -22.90 13.91
O2 TRS K . -10.67 -24.91 13.00
O3 TRS K . -8.49 -24.69 15.73
N1A AC8 L . 17.24 -11.18 20.97
O1A AC8 L . 26.62 -11.20 25.37
P1A AC8 L . 25.60 -11.96 24.54
C1B AC8 L . 20.63 -11.77 24.76
S1P AC8 L . 22.39 -1.92 19.58
C2A AC8 L . 17.01 -11.47 22.27
O2A AC8 L . 25.97 -13.34 24.07
P2A AC8 L . 25.81 -10.97 21.83
C2B AC8 L . 21.29 -13.08 25.12
O2B AC8 L . 20.30 -14.12 25.17
O2C AC8 L . 21.85 -16.04 25.64
C2P AC8 L . 22.85 -3.60 19.04
N3A AC8 L . 18.03 -11.59 23.13
O3A AC8 L . 25.20 -10.99 23.33
C3B AC8 L . 21.88 -12.75 26.49
O3B AC8 L . 20.83 -12.79 27.47
P3B AC8 L . 20.55 -14.03 28.50
O3C AC8 L . 21.04 -15.57 23.30
C3P AC8 L . 23.27 -3.35 17.61
C4A AC8 L . 19.31 -11.42 22.69
O4A AC8 L . 27.29 -11.27 21.90
C4B AC8 L . 22.25 -11.28 26.42
O4B AC8 L . 21.48 -10.75 25.33
O4C AC8 L . 19.41 -16.43 25.03
P4C AC8 L . 20.67 -15.65 24.77
N4P AC8 L . 23.67 -4.52 16.82
C5A AC8 L . 19.57 -11.11 21.36
O5A AC8 L . 24.90 -11.78 20.96
C5B AC8 L . 23.73 -11.06 26.15
O5B AC8 L . 24.19 -12.08 25.29
C5P AC8 L . 22.93 -5.49 16.32
O5P AC8 L . 21.73 -5.56 16.56
C6A AC8 L . 18.48 -10.99 20.48
N6A AC8 L . 18.68 -10.70 19.18
O6A AC8 L . 25.59 -9.43 21.45
C6P AC8 L . 23.66 -6.48 15.44
N7A AC8 L . 20.90 -11.01 21.20
O7A AC8 L . 20.54 -15.31 27.69
C7P AC8 L . 23.14 -7.92 15.49
C8A AC8 L . 21.47 -11.22 22.41
O8A AC8 L . 21.70 -13.95 29.49
N8P AC8 L . 23.44 -8.45 16.83
N9A AC8 L . 20.49 -11.50 23.31
O9A AC8 L . 19.20 -13.68 29.07
C9P AC8 L . 24.61 -8.47 17.46
O9P AC8 L . 25.62 -8.05 16.92
CAP AC8 L . 24.68 -9.06 18.86
OAP AC8 L . 23.86 -10.21 18.95
CBP AC8 L . 24.25 -8.08 19.96
CCP AC8 L . 24.29 -8.85 21.31
CDP AC8 L . 25.20 -6.90 20.04
CEP AC8 L . 22.83 -7.59 19.74
C TRS M . 23.11 1.38 17.08
C1 TRS M . 23.72 2.47 16.18
C2 TRS M . 21.90 0.64 16.52
C3 TRS M . 23.60 1.17 18.52
N TRS M . 22.18 2.43 17.67
O1 TRS M . 24.77 3.16 16.85
O2 TRS M . 21.18 -0.01 17.56
O3 TRS M . 24.56 0.10 18.51
N1A ACO N . -11.26 25.46 9.01
C2A ACO N . -10.74 26.61 9.48
N3A ACO N . -11.44 27.51 10.20
C4A ACO N . -12.75 27.29 10.47
C5A ACO N . -13.40 26.07 9.99
C6A ACO N . -12.56 25.12 9.21
N6A ACO N . -13.07 23.97 8.72
N7A ACO N . -14.68 26.11 10.40
C8A ACO N . -14.85 27.27 11.09
N9A ACO N . -13.70 27.98 11.13
C1B ACO N . -13.47 29.29 11.79
C2B ACO N . -14.18 30.46 11.12
O2B ACO N . -13.43 31.01 10.04
C3B ACO N . -14.28 31.44 12.26
O3B ACO N . -13.00 32.05 12.42
P3B ACO N . -12.59 33.49 11.83
O7A ACO N . -13.32 34.46 12.71
O8A ACO N . -11.08 33.47 11.99
O9A ACO N . -13.06 33.45 10.39
C4B ACO N . -14.45 30.58 13.49
O4B ACO N . -14.01 29.25 13.12
C5B ACO N . -15.91 30.56 13.96
O5B ACO N . -16.74 30.46 12.82
P1A ACO N . -18.29 30.05 12.92
O1A ACO N . -18.82 30.24 14.32
O2A ACO N . -18.97 30.68 11.73
O3A ACO N . -18.13 28.46 12.76
P2A ACO N . -19.18 27.41 12.13
O4A ACO N . -20.61 27.85 12.41
O5A ACO N . -18.76 27.20 10.71
O6A ACO N . -18.89 26.10 13.02
CBP ACO N . -17.89 23.87 12.80
CCP ACO N . -17.66 25.37 12.89
CDP ACO N . -18.57 23.33 14.06
CEP ACO N . -16.54 23.19 12.61
CAP ACO N . -18.77 23.64 11.56
OAP ACO N . -18.13 24.24 10.42
C9P ACO N . -19.06 22.18 11.29
O9P ACO N . -20.08 21.68 11.73
N8P ACO N . -18.19 21.50 10.53
C7P ACO N . -18.32 20.09 10.21
C6P ACO N . -18.42 19.15 11.41
C5P ACO N . -17.31 19.39 12.41
O5P ACO N . -16.15 19.55 12.06
N4P ACO N . -17.69 19.41 13.69
C3P ACO N . -16.81 19.02 14.78
C2P ACO N . -16.08 20.18 15.46
S1P ACO N . -15.19 19.52 16.85
C TRS O . -16.25 15.58 18.07
C1 TRS O . -15.52 15.60 16.71
C2 TRS O . -16.45 16.89 18.86
C3 TRS O . -16.53 14.27 18.77
N TRS O . -14.91 15.49 18.75
O1 TRS O . -14.53 16.63 16.68
O2 TRS O . -17.20 17.81 18.05
O3 TRS O . -17.56 14.56 19.72
N1A ACO P . 1.13 29.33 -1.61
C2A ACO P . 0.23 30.31 -1.81
N3A ACO P . 0.54 31.54 -2.26
C4A ACO P . 1.83 31.85 -2.53
C5A ACO P . 2.88 30.84 -2.34
C6A ACO P . 2.46 29.51 -1.84
N6A ACO P . 3.37 28.52 -1.63
N7A ACO P . 4.05 31.42 -2.68
C8A ACO P . 3.78 32.69 -3.06
N9A ACO P . 2.46 32.95 -2.97
C1B ACO P . 1.78 34.22 -3.31
C2B ACO P . 2.08 35.31 -2.32
O2B ACO P . 1.28 35.21 -1.13
C3B ACO P . 1.73 36.53 -3.15
O3B ACO P . 0.31 36.63 -3.20
P3B ACO P . -0.52 37.66 -2.28
O7A ACO P . 0.09 37.50 -0.90
O8A ACO P . -0.24 38.99 -2.94
O9A ACO P . -1.95 37.20 -2.40
C4B ACO P . 2.14 36.16 -4.56
O4B ACO P . 2.24 34.73 -4.56
C5B ACO P . 3.47 36.78 -4.97
O5B ACO P . 4.39 36.56 -3.90
P1A ACO P . 5.99 36.76 -4.03
O1A ACO P . 6.33 37.62 -5.22
O2A ACO P . 6.45 37.10 -2.64
O3A ACO P . 6.42 35.26 -4.43
P2A ACO P . 7.75 34.51 -3.94
O4A ACO P . 8.89 35.50 -4.03
O5A ACO P . 7.46 33.85 -2.62
O6A ACO P . 7.98 33.39 -5.10
CBP ACO P . 7.77 31.03 -5.53
CCP ACO P . 7.04 32.34 -5.30
CDP ACO P . 8.61 31.09 -6.81
CEP ACO P . 6.74 29.92 -5.64
CAP ACO P . 8.67 30.84 -4.31
OAP ACO P . 7.89 30.93 -3.12
C9P ACO P . 9.48 29.57 -4.36
O9P ACO P . 10.63 29.61 -4.80
N8P ACO P . 8.91 28.43 -3.92
C7P ACO P . 9.58 27.14 -3.91
C6P ACO P . 9.97 26.65 -5.30
C5P ACO P . 8.78 26.71 -6.24
O5P ACO P . 7.69 26.27 -5.89
N4P ACO P . 8.99 27.24 -7.44
C3P ACO P . 8.26 26.75 -8.61
C2P ACO P . 7.22 27.74 -9.10
S1P ACO P . 6.56 27.21 -10.66
C TRS Q . 8.51 24.40 -12.76
C1 TRS Q . 9.73 23.66 -13.33
C2 TRS Q . 7.52 23.67 -11.84
C3 TRS Q . 8.22 25.79 -13.31
N TRS Q . 7.63 23.85 -13.86
O1 TRS Q . 10.09 24.27 -14.57
O2 TRS Q . 6.73 24.58 -11.07
O3 TRS Q . 8.93 26.70 -12.46
C1 GOL R . 9.64 19.97 -11.44
O1 GOL R . 9.40 20.24 -10.08
C2 GOL R . 11.02 20.48 -11.84
O2 GOL R . 12.00 20.02 -10.94
C3 GOL R . 11.34 19.98 -13.26
O3 GOL R . 11.96 20.99 -14.04
N1A ACO S . -13.29 -10.49 -23.88
C2A ACO S . -13.08 -10.38 -25.22
N3A ACO S . -14.04 -10.64 -26.13
C4A ACO S . -15.28 -11.01 -25.75
C5A ACO S . -15.59 -11.15 -24.33
C6A ACO S . -14.49 -10.86 -23.38
N6A ACO S . -14.68 -10.97 -22.04
N7A ACO S . -16.88 -11.53 -24.24
C8A ACO S . -17.36 -11.64 -25.50
N9A ACO S . -16.40 -11.33 -26.40
C1B ACO S . -16.55 -11.31 -27.88
C2B ACO S . -16.70 -12.70 -28.47
O2B ACO S . -15.42 -13.31 -28.64
C3B ACO S . -17.40 -12.38 -29.77
O3B ACO S . -16.43 -11.83 -30.66
P3B ACO S . -15.73 -12.66 -31.83
O7A ACO S . -16.90 -12.99 -32.74
O8A ACO S . -14.75 -11.66 -32.39
O9A ACO S . -15.09 -13.85 -31.14
C4B ACO S . -18.29 -11.19 -29.46
O4B ACO S . -17.74 -10.61 -28.26
C5B ACO S . -19.77 -11.57 -29.27
O5B ACO S . -19.79 -12.77 -28.50
P1A ACO S . -21.10 -13.35 -27.80
O1A ACO S . -22.34 -12.82 -28.48
O2A ACO S . -20.92 -14.83 -27.61
O3A ACO S . -20.99 -12.60 -26.36
P2A ACO S . -21.50 -13.24 -24.96
O4A ACO S . -22.76 -14.04 -25.20
O5A ACO S . -20.34 -13.95 -24.33
O6A ACO S . -21.89 -11.91 -24.13
CBP ACO S . -21.03 -10.57 -22.31
CCP ACO S . -20.87 -10.98 -23.76
CDP ACO S . -22.36 -9.87 -22.08
CEP ACO S . -19.88 -9.64 -21.94
CAP ACO S . -20.95 -11.87 -21.50
OAP ACO S . -19.74 -12.55 -21.81
C9P ACO S . -21.03 -11.64 -20.00
O9P ACO S . -22.11 -11.76 -19.43
N8P ACO S . -19.93 -11.32 -19.33
C7P ACO S . -19.93 -11.07 -17.89
C6P ACO S . -20.87 -9.93 -17.46
C5P ACO S . -20.57 -8.69 -18.27
O5P ACO S . -19.41 -8.33 -18.46
N4P ACO S . -21.61 -8.00 -18.73
C3P ACO S . -21.53 -6.56 -18.93
C2P ACO S . -21.24 -6.16 -20.37
S1P ACO S . -21.41 -4.40 -20.51
C TRS T . -22.87 -1.95 -17.45
C1 TRS T . -21.71 -2.88 -17.08
C2 TRS T . -23.91 -2.05 -16.33
C3 TRS T . -23.53 -2.28 -18.79
N TRS T . -22.38 -0.56 -17.57
O1 TRS T . -20.68 -2.88 -18.07
O2 TRS T . -25.10 -1.36 -16.71
O3 TRS T . -23.90 -3.66 -18.88
#